data_4R99
#
_entry.id   4R99
#
_cell.length_a   71.195
_cell.length_b   77.415
_cell.length_c   77.777
_cell.angle_alpha   111.22
_cell.angle_beta   90.55
_cell.angle_gamma   114.88
#
_symmetry.space_group_name_H-M   'P 1'
#
loop_
_entity.id
_entity.type
_entity.pdbx_description
1 polymer Uricase
2 non-polymer 'SULFATE ION'
3 water water
#
_entity_poly.entity_id   1
_entity_poly.type   'polypeptide(L)'
_entity_poly.pdbx_seq_one_letter_code
;AERTMFYGKGDVYVFRTYANPLKGLKQIPESNFTEKHNTIFGMNAKVALKGEQLLTSFTEGDNSLVVATDSMKNFIQRHA
ASYEGATLEGFLQYVCEAFLAKYSHLDAVRLEAKEYAFDDIQVGTDKGVVTSDLVFRKSRNEYVTATVEVARTASGTEVV
EQASGIADIQLIKVSGSSFYGYIIDEYTTLAEATDRPLYIFLNIGWAYENQDDAKGDNPANYVAAEQVRDIAASVFHTLD
NKSIQHLIYHIGLTILDRFPQLTEVNFGTNNRTWDTVVEGTDGFKGAVFTEPRPPFGFQGFSVHQEDLAREKASANSEYV
ALKLAAALKHHHHHH
;
_entity_poly.pdbx_strand_id   A,B,C,D
#
loop_
_chem_comp.id
_chem_comp.type
_chem_comp.name
_chem_comp.formula
SO4 non-polymer 'SULFATE ION' 'O4 S -2'
#
# COMPACT_ATOMS: atom_id res chain seq x y z
N ALA A 1 -2.09 36.36 -4.39
CA ALA A 1 -1.40 37.45 -5.06
C ALA A 1 0.04 37.08 -5.41
N GLU A 2 0.45 35.87 -5.03
CA GLU A 2 1.81 35.41 -5.24
C GLU A 2 1.76 33.99 -5.80
N ARG A 3 2.56 33.71 -6.82
CA ARG A 3 2.59 32.39 -7.44
C ARG A 3 3.22 31.37 -6.50
N THR A 4 2.81 30.12 -6.65
CA THR A 4 3.42 29.00 -5.93
C THR A 4 4.73 28.66 -6.62
N MET A 5 5.81 28.56 -5.85
CA MET A 5 7.11 28.22 -6.42
C MET A 5 8.09 27.64 -5.42
N PHE A 6 8.38 26.35 -5.59
CA PHE A 6 9.37 25.65 -4.78
C PHE A 6 9.79 24.37 -5.49
N TYR A 7 10.94 23.83 -5.08
CA TYR A 7 11.41 22.54 -5.57
C TYR A 7 12.30 21.90 -4.51
N GLY A 8 12.45 20.58 -4.57
CA GLY A 8 13.24 19.91 -3.56
C GLY A 8 13.35 18.40 -3.74
N LYS A 9 13.64 17.72 -2.64
CA LYS A 9 13.85 16.27 -2.68
C LYS A 9 13.04 15.59 -1.59
N GLY A 10 12.28 14.58 -1.97
CA GLY A 10 11.49 13.82 -1.02
C GLY A 10 12.04 12.43 -0.84
N ASP A 11 11.52 11.71 0.15
CA ASP A 11 12.01 10.39 0.53
C ASP A 11 13.53 10.37 0.77
N VAL A 12 14.01 11.40 1.46
CA VAL A 12 15.40 11.46 1.86
C VAL A 12 15.58 10.68 3.16
N TYR A 13 15.81 9.38 3.05
CA TYR A 13 16.03 8.55 4.23
C TYR A 13 17.39 8.83 4.84
N VAL A 14 17.37 9.19 6.12
CA VAL A 14 18.59 9.51 6.85
C VAL A 14 18.63 8.77 8.17
N PHE A 15 19.61 7.88 8.31
CA PHE A 15 19.73 7.06 9.51
C PHE A 15 21.06 7.31 10.21
N ARG A 16 21.02 8.19 11.20
CA ARG A 16 22.20 8.47 12.01
C ARG A 16 22.26 7.51 13.18
N THR A 17 23.41 6.90 13.41
CA THR A 17 23.57 6.01 14.57
C THR A 17 24.30 6.68 15.72
N TYR A 18 23.90 6.32 16.93
CA TYR A 18 24.49 6.86 18.17
C TYR A 18 24.52 8.39 18.15
N ALA A 19 23.38 8.99 17.88
CA ALA A 19 23.23 10.43 18.03
C ALA A 19 23.19 10.72 19.52
N ASN A 20 23.44 11.98 19.89
CA ASN A 20 23.38 12.34 21.29
C ASN A 20 21.99 12.08 21.86
N PRO A 21 21.93 11.42 23.03
CA PRO A 21 20.67 11.00 23.64
C PRO A 21 19.85 12.17 24.18
N LEU A 22 18.53 12.01 24.13
CA LEU A 22 17.63 12.98 24.73
C LEU A 22 17.37 12.57 26.16
N LYS A 23 17.78 13.42 27.10
CA LYS A 23 17.62 13.09 28.51
C LYS A 23 17.25 14.29 29.36
N GLY A 24 16.54 14.04 30.46
CA GLY A 24 16.12 15.09 31.36
C GLY A 24 14.75 15.66 31.07
N LEU A 25 13.86 14.85 30.53
CA LEU A 25 12.50 15.29 30.22
C LEU A 25 11.68 15.47 31.50
N LYS A 26 10.65 16.31 31.42
CA LYS A 26 9.75 16.54 32.55
C LYS A 26 8.93 15.31 32.88
N GLN A 27 8.94 14.94 34.16
CA GLN A 27 8.20 13.78 34.62
C GLN A 27 6.72 14.13 34.80
N ILE A 28 5.85 13.29 34.23
CA ILE A 28 4.41 13.50 34.30
C ILE A 28 3.70 12.21 34.73
N PRO A 29 2.51 12.33 35.34
CA PRO A 29 1.76 11.17 35.83
C PRO A 29 1.32 10.23 34.71
N GLU A 30 1.13 10.76 33.51
CA GLU A 30 0.59 9.98 32.40
C GLU A 30 1.62 9.09 31.72
N SER A 31 2.89 9.28 32.03
CA SER A 31 3.96 8.61 31.27
C SER A 31 5.17 8.23 32.11
N ASN A 32 5.88 7.18 31.69
CA ASN A 32 7.15 6.80 32.28
C ASN A 32 8.36 7.24 31.44
N PHE A 33 8.09 7.91 30.33
CA PHE A 33 9.14 8.30 29.38
C PHE A 33 9.95 9.48 29.89
N THR A 34 11.24 9.24 30.12
CA THR A 34 12.15 10.29 30.61
C THR A 34 13.34 10.48 29.68
N GLU A 35 13.58 9.48 28.84
CA GLU A 35 14.74 9.52 27.96
C GLU A 35 14.55 8.77 26.64
N LYS A 36 15.26 9.20 25.62
CA LYS A 36 15.27 8.54 24.33
C LYS A 36 16.72 8.38 23.90
N HIS A 37 17.23 7.16 23.92
CA HIS A 37 18.67 6.93 23.79
C HIS A 37 19.28 7.32 22.44
N ASN A 38 18.43 7.39 21.41
CA ASN A 38 18.87 7.83 20.08
C ASN A 38 20.00 6.99 19.47
N THR A 39 20.08 5.71 19.84
CA THR A 39 21.04 4.79 19.23
C THR A 39 20.87 4.78 17.73
N ILE A 40 19.61 4.80 17.29
CA ILE A 40 19.27 5.09 15.91
C ILE A 40 18.45 6.36 15.87
N PHE A 41 18.88 7.31 15.06
CA PHE A 41 18.20 8.60 14.94
C PHE A 41 17.84 8.76 13.47
N GLY A 42 16.72 8.16 13.08
CA GLY A 42 16.38 7.98 11.68
C GLY A 42 15.07 8.64 11.26
N MET A 43 14.99 9.02 9.99
CA MET A 43 13.83 9.72 9.48
C MET A 43 13.68 9.64 7.96
N ASN A 44 12.48 9.93 7.49
CA ASN A 44 12.22 10.18 6.08
C ASN A 44 12.04 11.69 5.95
N ALA A 45 13.03 12.36 5.37
CA ALA A 45 13.02 13.82 5.30
C ALA A 45 12.58 14.30 3.92
N LYS A 46 11.98 15.49 3.89
CA LYS A 46 11.57 16.11 2.65
C LYS A 46 11.94 17.59 2.71
N VAL A 47 12.75 18.04 1.76
CA VAL A 47 13.23 19.42 1.78
C VAL A 47 12.70 20.20 0.57
N ALA A 48 12.29 21.45 0.80
CA ALA A 48 11.86 22.33 -0.29
C ALA A 48 12.60 23.65 -0.21
N LEU A 49 13.11 24.10 -1.36
CA LEU A 49 13.80 25.39 -1.44
C LEU A 49 12.93 26.46 -2.10
N LYS A 50 12.99 27.67 -1.57
CA LYS A 50 12.24 28.78 -2.12
C LYS A 50 13.13 29.97 -2.36
N GLY A 51 12.75 30.80 -3.33
CA GLY A 51 13.45 32.03 -3.60
C GLY A 51 13.06 32.62 -4.93
N GLU A 52 13.07 33.96 -4.99
CA GLU A 52 12.71 34.69 -6.19
C GLU A 52 13.64 34.37 -7.35
N GLN A 53 14.90 34.15 -7.00
CA GLN A 53 15.94 33.90 -7.99
C GLN A 53 15.81 32.53 -8.65
N LEU A 54 14.81 31.76 -8.24
CA LEU A 54 14.53 30.45 -8.83
C LEU A 54 13.61 30.52 -10.06
N LEU A 55 13.03 31.70 -10.29
CA LEU A 55 12.02 31.87 -11.34
C LEU A 55 12.46 31.40 -12.73
N THR A 56 13.64 31.83 -13.16
CA THR A 56 14.11 31.52 -14.51
C THR A 56 14.44 30.04 -14.72
N SER A 57 14.56 29.29 -13.63
CA SER A 57 14.76 27.85 -13.74
C SER A 57 13.51 27.19 -14.31
N PHE A 58 12.37 27.81 -14.02
CA PHE A 58 11.09 27.39 -14.59
C PHE A 58 10.84 28.05 -15.94
N THR A 59 10.95 29.38 -15.97
CA THR A 59 10.54 30.17 -17.13
C THR A 59 11.51 30.15 -18.30
N GLU A 60 12.78 29.88 -18.04
CA GLU A 60 13.80 29.95 -19.09
C GLU A 60 14.63 28.68 -19.22
N GLY A 61 14.36 27.71 -18.36
CA GLY A 61 15.15 26.49 -18.32
C GLY A 61 16.60 26.78 -18.00
N ASP A 62 16.82 27.80 -17.18
CA ASP A 62 18.16 28.22 -16.80
C ASP A 62 18.52 27.59 -15.45
N ASN A 63 19.47 26.66 -15.48
CA ASN A 63 19.84 25.93 -14.27
C ASN A 63 20.97 26.55 -13.43
N SER A 64 21.37 27.77 -13.77
CA SER A 64 22.54 28.40 -13.15
C SER A 64 22.47 28.53 -11.63
N LEU A 65 21.30 28.83 -11.09
CA LEU A 65 21.14 29.01 -9.64
C LEU A 65 20.43 27.84 -9.00
N VAL A 66 20.40 26.72 -9.70
CA VAL A 66 19.69 25.56 -9.22
C VAL A 66 20.61 24.62 -8.48
N VAL A 67 20.35 24.47 -7.19
CA VAL A 67 20.97 23.40 -6.43
C VAL A 67 20.27 22.12 -6.83
N ALA A 68 21.00 21.19 -7.44
CA ALA A 68 20.43 19.92 -7.87
C ALA A 68 19.85 19.19 -6.67
N THR A 69 18.70 18.56 -6.87
CA THR A 69 18.01 17.87 -5.78
C THR A 69 18.85 16.76 -5.19
N ASP A 70 19.65 16.11 -6.03
CA ASP A 70 20.59 15.08 -5.57
C ASP A 70 21.59 15.66 -4.58
N SER A 71 21.99 16.91 -4.83
N SER A 71 22.00 16.91 -4.79
CA SER A 71 22.92 17.63 -3.96
CA SER A 71 22.96 17.55 -3.89
C SER A 71 22.29 17.96 -2.61
C SER A 71 22.30 17.98 -2.57
N MET A 72 20.99 18.23 -2.61
CA MET A 72 20.25 18.53 -1.38
C MET A 72 20.25 17.31 -0.49
N LYS A 73 20.05 16.15 -1.12
CA LYS A 73 20.06 14.88 -0.41
C LYS A 73 21.41 14.68 0.26
N ASN A 74 22.49 14.88 -0.50
CA ASN A 74 23.84 14.78 0.06
C ASN A 74 24.05 15.76 1.21
N PHE A 75 23.57 16.99 1.02
CA PHE A 75 23.71 18.06 2.01
C PHE A 75 23.08 17.64 3.34
N ILE A 76 21.89 17.08 3.28
CA ILE A 76 21.17 16.64 4.47
C ILE A 76 21.87 15.48 5.17
N GLN A 77 22.26 14.47 4.39
CA GLN A 77 22.90 13.27 4.93
C GLN A 77 24.24 13.63 5.59
N ARG A 78 24.93 14.58 5.01
CA ARG A 78 26.21 15.02 5.54
C ARG A 78 26.03 15.81 6.84
N HIS A 79 24.94 16.56 6.93
CA HIS A 79 24.62 17.31 8.13
C HIS A 79 24.09 16.42 9.27
N ALA A 80 23.66 15.22 8.92
CA ALA A 80 23.25 14.23 9.92
C ALA A 80 24.41 13.72 10.76
N ALA A 81 25.60 13.71 10.19
CA ALA A 81 26.78 13.20 10.90
C ALA A 81 27.32 14.20 11.92
N SER A 82 27.15 15.49 11.63
CA SER A 82 27.70 16.56 12.45
C SER A 82 26.69 17.14 13.43
N TYR A 83 25.41 16.87 13.21
CA TYR A 83 24.38 17.36 14.14
C TYR A 83 24.68 16.84 15.53
N GLU A 84 24.68 17.73 16.51
CA GLU A 84 25.08 17.37 17.86
C GLU A 84 23.93 17.40 18.87
N GLY A 85 22.73 17.68 18.38
CA GLY A 85 21.56 17.78 19.24
C GLY A 85 20.85 16.45 19.41
N ALA A 86 19.67 16.48 20.04
CA ALA A 86 18.97 15.25 20.39
C ALA A 86 17.51 15.17 19.92
N THR A 87 17.03 16.20 19.22
CA THR A 87 15.63 16.22 18.80
C THR A 87 15.47 16.35 17.30
N LEU A 88 14.32 15.92 16.80
CA LEU A 88 14.01 16.00 15.38
C LEU A 88 13.85 17.46 14.96
N GLU A 89 13.15 18.25 15.76
CA GLU A 89 12.96 19.66 15.46
C GLU A 89 14.29 20.41 15.36
N GLY A 90 15.21 20.09 16.27
CA GLY A 90 16.51 20.71 16.27
C GLY A 90 17.35 20.38 15.05
N PHE A 91 17.30 19.13 14.60
CA PHE A 91 18.04 18.72 13.41
C PHE A 91 17.52 19.45 12.17
N LEU A 92 16.20 19.51 12.04
CA LEU A 92 15.60 20.16 10.88
C LEU A 92 15.92 21.65 10.79
N GLN A 93 15.88 22.35 11.92
CA GLN A 93 16.21 23.78 11.93
C GLN A 93 17.67 24.00 11.59
N TYR A 94 18.51 23.10 12.10
CA TYR A 94 19.94 23.09 11.84
C TYR A 94 20.26 22.97 10.35
N VAL A 95 19.57 22.05 9.68
CA VAL A 95 19.75 21.86 8.24
C VAL A 95 19.21 23.05 7.46
N CYS A 96 18.03 23.53 7.83
CA CYS A 96 17.43 24.70 7.19
C CYS A 96 18.39 25.88 7.20
N GLU A 97 18.96 26.15 8.37
CA GLU A 97 19.87 27.27 8.54
C GLU A 97 21.18 27.07 7.78
N ALA A 98 21.63 25.83 7.70
CA ALA A 98 22.84 25.50 6.96
C ALA A 98 22.67 25.77 5.47
N PHE A 99 21.54 25.36 4.91
CA PHE A 99 21.21 25.64 3.52
C PHE A 99 21.24 27.14 3.20
N LEU A 100 20.60 27.93 4.06
CA LEU A 100 20.53 29.39 3.86
C LEU A 100 21.90 30.06 3.97
N ALA A 101 22.74 29.54 4.85
CA ALA A 101 24.08 30.08 5.00
C ALA A 101 24.95 29.74 3.78
N LYS A 102 24.70 28.57 3.19
CA LYS A 102 25.49 28.09 2.06
C LYS A 102 25.08 28.78 0.75
N TYR A 103 23.76 28.90 0.54
CA TYR A 103 23.24 29.45 -0.71
C TYR A 103 22.49 30.76 -0.49
N SER A 104 23.18 31.87 -0.73
CA SER A 104 22.65 33.21 -0.46
C SER A 104 21.47 33.60 -1.35
N HIS A 105 21.31 32.91 -2.47
CA HIS A 105 20.22 33.22 -3.40
C HIS A 105 18.89 32.62 -2.96
N LEU A 106 18.91 31.80 -1.92
CA LEU A 106 17.70 31.21 -1.36
C LEU A 106 17.03 32.14 -0.36
N ASP A 107 15.70 32.16 -0.36
CA ASP A 107 14.95 33.00 0.57
C ASP A 107 14.44 32.20 1.77
N ALA A 108 14.14 30.93 1.55
CA ALA A 108 13.60 30.09 2.61
C ALA A 108 13.81 28.61 2.33
N VAL A 109 13.93 27.82 3.39
CA VAL A 109 14.09 26.37 3.30
C VAL A 109 13.08 25.70 4.22
N ARG A 110 12.38 24.71 3.68
CA ARG A 110 11.37 23.98 4.45
C ARG A 110 11.73 22.52 4.54
N LEU A 111 11.75 22.00 5.76
CA LEU A 111 11.98 20.57 5.97
C LEU A 111 10.86 19.91 6.75
N GLU A 112 10.34 18.83 6.19
CA GLU A 112 9.34 18.00 6.83
C GLU A 112 9.95 16.64 7.06
N ALA A 113 9.65 16.04 8.20
CA ALA A 113 10.23 14.73 8.52
C ALA A 113 9.26 13.79 9.23
N LYS A 114 9.33 12.54 8.81
CA LYS A 114 8.59 11.45 9.46
C LYS A 114 9.63 10.54 10.09
N GLU A 115 9.51 10.32 11.40
CA GLU A 115 10.43 9.42 12.09
C GLU A 115 10.45 8.02 11.47
N TYR A 116 11.65 7.45 11.35
CA TYR A 116 11.84 6.06 10.95
C TYR A 116 12.03 5.30 12.25
N ALA A 117 10.94 4.86 12.84
CA ALA A 117 10.93 4.46 14.26
C ALA A 117 11.43 3.05 14.56
N PHE A 118 12.12 2.91 15.69
CA PHE A 118 12.60 1.62 16.18
C PHE A 118 12.21 1.39 17.65
N ASP A 119 11.95 0.13 18.01
CA ASP A 119 11.56 -0.24 19.37
C ASP A 119 12.66 -0.98 20.12
N ASP A 120 12.80 -0.70 21.41
CA ASP A 120 13.64 -1.51 22.27
C ASP A 120 12.96 -2.86 22.45
N ILE A 121 13.75 -3.94 22.54
CA ILE A 121 13.18 -5.26 22.71
C ILE A 121 13.84 -6.03 23.86
N GLN A 122 13.14 -7.07 24.33
CA GLN A 122 13.65 -7.92 25.39
C GLN A 122 14.31 -9.17 24.81
N VAL A 123 15.51 -9.48 25.28
CA VAL A 123 16.22 -10.66 24.84
C VAL A 123 16.69 -11.54 25.99
N GLY A 124 16.74 -12.85 25.75
CA GLY A 124 17.26 -13.78 26.73
C GLY A 124 18.78 -13.75 26.71
N THR A 125 19.38 -13.59 27.88
CA THR A 125 20.83 -13.61 28.01
C THR A 125 21.26 -14.51 29.15
N ASP A 126 22.57 -14.67 29.30
CA ASP A 126 23.10 -15.45 30.40
C ASP A 126 22.79 -14.73 31.72
N LYS A 127 22.44 -13.45 31.62
CA LYS A 127 22.08 -12.65 32.78
C LYS A 127 20.56 -12.47 32.91
N GLY A 128 19.80 -13.26 32.13
CA GLY A 128 18.35 -13.19 32.18
C GLY A 128 17.75 -12.40 31.03
N VAL A 129 16.45 -12.16 31.09
CA VAL A 129 15.75 -11.42 30.05
C VAL A 129 15.90 -9.91 30.26
N VAL A 130 16.60 -9.26 29.33
CA VAL A 130 16.86 -7.81 29.42
C VAL A 130 16.60 -7.07 28.12
N THR A 131 16.65 -5.74 28.20
CA THR A 131 16.54 -4.90 27.01
C THR A 131 17.86 -4.99 26.23
N SER A 132 17.77 -5.30 24.94
CA SER A 132 18.96 -5.38 24.10
C SER A 132 19.53 -4.00 23.77
N ASP A 133 20.86 -3.91 23.73
CA ASP A 133 21.53 -2.67 23.31
C ASP A 133 22.07 -2.77 21.90
N LEU A 134 21.77 -3.89 21.23
CA LEU A 134 22.27 -4.14 19.89
C LEU A 134 21.14 -4.34 18.89
N VAL A 135 20.06 -4.97 19.34
CA VAL A 135 18.98 -5.34 18.42
C VAL A 135 17.69 -4.57 18.68
N PHE A 136 17.14 -4.00 17.62
CA PHE A 136 15.93 -3.20 17.71
C PHE A 136 14.89 -3.63 16.69
N ARG A 137 13.62 -3.45 17.03
CA ARG A 137 12.52 -3.79 16.13
C ARG A 137 12.08 -2.54 15.39
N LYS A 138 11.97 -2.64 14.06
CA LYS A 138 11.42 -1.55 13.27
C LYS A 138 9.93 -1.45 13.55
N SER A 139 9.51 -0.30 14.05
CA SER A 139 8.09 -0.11 14.37
C SER A 139 7.29 0.44 13.19
N ARG A 140 6.18 -0.21 12.89
CA ARG A 140 5.27 0.27 11.87
C ARG A 140 4.05 0.91 12.53
N ASN A 141 4.19 1.23 13.81
CA ASN A 141 3.11 1.89 14.55
C ASN A 141 3.29 3.40 14.51
N GLU A 142 2.87 4.08 15.58
CA GLU A 142 2.93 5.54 15.62
C GLU A 142 4.36 6.04 15.50
N TYR A 143 4.53 7.23 14.92
CA TYR A 143 5.86 7.79 14.71
C TYR A 143 5.85 9.31 14.89
N VAL A 144 7.01 9.86 15.23
CA VAL A 144 7.15 11.30 15.46
C VAL A 144 7.22 12.06 14.13
N THR A 145 6.62 13.25 14.08
CA THR A 145 6.68 14.10 12.90
C THR A 145 7.14 15.49 13.31
N ALA A 146 7.68 16.23 12.35
CA ALA A 146 8.08 17.61 12.59
C ALA A 146 8.26 18.35 11.27
N THR A 147 7.97 19.64 11.28
CA THR A 147 8.19 20.51 10.13
C THR A 147 8.86 21.78 10.61
N VAL A 148 9.93 22.18 9.93
CA VAL A 148 10.57 23.46 10.23
C VAL A 148 10.82 24.21 8.93
N GLU A 149 10.33 25.45 8.87
CA GLU A 149 10.68 26.32 7.75
C GLU A 149 11.39 27.58 8.25
N VAL A 150 12.52 27.88 7.64
CA VAL A 150 13.31 29.03 8.02
C VAL A 150 13.46 30.00 6.85
N ALA A 151 13.16 31.27 7.13
CA ALA A 151 13.25 32.33 6.15
C ALA A 151 14.20 33.42 6.63
N ARG A 152 14.72 34.21 5.68
CA ARG A 152 15.62 35.30 6.00
C ARG A 152 14.97 36.53 6.60
N THR A 153 15.73 37.20 7.46
CA THR A 153 15.36 38.51 7.95
C THR A 153 16.49 39.43 7.51
N ALA A 154 16.32 40.73 7.71
CA ALA A 154 17.35 41.70 7.37
C ALA A 154 18.62 41.48 8.20
N SER A 155 18.46 40.81 9.34
CA SER A 155 19.56 40.63 10.26
C SER A 155 19.99 39.18 10.45
N GLY A 156 19.33 38.26 9.75
CA GLY A 156 19.69 36.86 9.84
C GLY A 156 18.61 35.93 9.31
N THR A 157 18.15 35.01 10.16
CA THR A 157 17.08 34.09 9.80
C THR A 157 16.04 34.01 10.91
N GLU A 158 14.84 33.56 10.56
CA GLU A 158 13.81 33.29 11.57
C GLU A 158 13.00 32.04 11.21
N VAL A 159 12.49 31.36 12.23
CA VAL A 159 11.56 30.25 12.01
C VAL A 159 10.18 30.84 11.68
N VAL A 160 9.66 30.52 10.50
CA VAL A 160 8.37 31.04 10.08
C VAL A 160 7.28 29.99 10.19
N GLU A 161 7.69 28.73 10.30
CA GLU A 161 6.78 27.66 10.62
C GLU A 161 7.49 26.56 11.39
N GLN A 162 6.86 26.09 12.46
CA GLN A 162 7.38 25.00 13.26
C GLN A 162 6.25 24.11 13.73
N ALA A 163 6.33 22.84 13.41
CA ALA A 163 5.32 21.88 13.84
C ALA A 163 5.98 20.66 14.47
N SER A 164 5.33 20.11 15.48
CA SER A 164 5.79 18.90 16.13
C SER A 164 4.58 17.99 16.27
N GLY A 165 4.77 16.69 16.12
CA GLY A 165 3.62 15.81 16.24
C GLY A 165 3.89 14.33 16.39
N ILE A 166 2.80 13.58 16.57
CA ILE A 166 2.84 12.13 16.55
C ILE A 166 1.72 11.64 15.64
N ALA A 167 2.06 10.78 14.69
CA ALA A 167 1.10 10.35 13.68
C ALA A 167 0.73 8.88 13.82
N ASP A 168 -0.52 8.56 13.45
CA ASP A 168 -0.98 7.18 13.31
C ASP A 168 -1.05 6.41 14.64
N ILE A 169 -1.50 7.08 15.69
CA ILE A 169 -1.85 6.40 16.92
C ILE A 169 -3.13 5.63 16.66
N GLN A 170 -3.12 4.32 16.93
CA GLN A 170 -4.33 3.52 16.74
C GLN A 170 -4.70 2.79 18.02
N LEU A 171 -5.80 3.22 18.63
CA LEU A 171 -6.21 2.69 19.92
C LEU A 171 -7.66 2.21 19.91
N ILE A 172 -7.89 1.07 20.57
CA ILE A 172 -9.25 0.57 20.76
C ILE A 172 -9.53 0.52 22.25
N LYS A 173 -10.78 0.82 22.61
CA LYS A 173 -11.16 0.74 24.01
C LYS A 173 -12.29 -0.21 24.26
N VAL A 174 -11.98 -1.23 25.03
CA VAL A 174 -12.94 -2.25 25.32
C VAL A 174 -13.86 -1.92 26.47
N SER A 175 -14.98 -1.32 26.12
CA SER A 175 -16.01 -1.02 27.08
C SER A 175 -17.15 -0.45 26.27
N GLY A 176 -18.32 -0.37 26.89
CA GLY A 176 -19.47 0.13 26.19
C GLY A 176 -19.35 1.58 25.77
N PHE A 179 -22.65 6.63 22.08
CA PHE A 179 -22.86 7.91 21.42
C PHE A 179 -24.33 8.14 21.09
N TYR A 180 -24.94 9.15 21.70
CA TYR A 180 -26.36 9.45 21.50
C TYR A 180 -26.63 10.95 21.46
N GLY A 181 -27.86 11.32 21.11
CA GLY A 181 -28.31 12.70 21.20
C GLY A 181 -28.15 13.56 19.97
N TYR A 182 -27.61 12.99 18.90
CA TYR A 182 -27.43 13.69 17.64
C TYR A 182 -28.77 13.90 16.93
N ILE A 183 -28.76 14.71 15.88
CA ILE A 183 -29.97 15.03 15.11
C ILE A 183 -30.65 13.83 14.47
N ILE A 184 -31.96 13.72 14.68
CA ILE A 184 -32.75 12.63 14.09
C ILE A 184 -33.69 13.22 13.04
N ASP A 185 -33.41 12.95 11.77
CA ASP A 185 -34.32 13.37 10.70
C ASP A 185 -34.42 12.28 9.64
N GLU A 186 -34.80 12.66 8.43
CA GLU A 186 -35.02 11.66 7.38
C GLU A 186 -33.73 11.02 6.86
N TYR A 187 -32.60 11.62 7.19
CA TYR A 187 -31.32 11.08 6.74
C TYR A 187 -30.63 10.23 7.81
N THR A 188 -31.25 10.13 8.99
CA THR A 188 -30.65 9.37 10.07
C THR A 188 -31.08 7.92 10.11
N THR A 189 -30.12 7.01 9.92
CA THR A 189 -30.34 5.58 10.09
C THR A 189 -29.87 5.14 11.47
N LEU A 190 -28.75 5.73 11.91
CA LEU A 190 -28.08 5.35 13.15
C LEU A 190 -28.95 5.59 14.37
N ARG A 196 -20.37 -0.48 21.42
CA ARG A 196 -19.27 -1.02 20.63
C ARG A 196 -17.94 -0.51 21.13
N PRO A 197 -16.88 -1.31 20.93
CA PRO A 197 -15.55 -0.90 21.35
C PRO A 197 -14.97 0.19 20.45
N LEU A 198 -15.06 1.43 20.90
CA LEU A 198 -14.57 2.58 20.15
C LEU A 198 -13.13 2.40 19.69
N TYR A 199 -12.93 2.50 18.38
CA TYR A 199 -11.63 2.28 17.76
C TYR A 199 -11.25 3.55 17.00
N ILE A 200 -10.15 4.17 17.41
CA ILE A 200 -9.75 5.46 16.85
C ILE A 200 -8.34 5.51 16.29
N PHE A 201 -8.16 6.33 15.25
CA PHE A 201 -6.85 6.70 14.75
C PHE A 201 -6.62 8.16 15.11
N LEU A 202 -5.42 8.49 15.59
CA LEU A 202 -5.16 9.85 16.07
C LEU A 202 -3.84 10.39 15.56
N ASN A 203 -3.90 11.59 14.99
CA ASN A 203 -2.72 12.39 14.74
C ASN A 203 -2.79 13.60 15.66
N ILE A 204 -1.72 13.87 16.39
CA ILE A 204 -1.72 14.99 17.33
C ILE A 204 -0.52 15.88 17.05
N GLY A 205 -0.76 17.19 17.01
CA GLY A 205 0.32 18.14 16.82
C GLY A 205 0.26 19.22 17.87
N TRP A 206 1.36 19.96 18.02
CA TRP A 206 1.41 21.02 19.01
C TRP A 206 2.37 22.14 18.61
N ALA A 207 2.21 23.30 19.23
CA ALA A 207 3.03 24.47 18.92
C ALA A 207 3.61 25.06 20.19
N TYR A 208 4.86 25.52 20.10
CA TYR A 208 5.56 26.07 21.26
C TYR A 208 5.36 27.58 21.38
N GLU A 209 5.30 28.07 22.62
CA GLU A 209 5.26 29.50 22.90
C GLU A 209 6.63 30.07 22.52
N ASN A 210 7.67 29.45 23.04
CA ASN A 210 9.04 29.73 22.61
C ASN A 210 9.56 28.59 21.74
N GLN A 211 9.71 28.88 20.46
CA GLN A 211 10.04 27.85 19.48
C GLN A 211 11.39 27.17 19.73
N ASP A 212 12.29 27.85 20.45
CA ASP A 212 13.61 27.29 20.77
C ASP A 212 13.52 26.11 21.73
N ASP A 213 12.41 26.00 22.46
CA ASP A 213 12.19 24.86 23.34
C ASP A 213 12.20 23.55 22.56
N ALA A 214 11.94 23.64 21.26
CA ALA A 214 11.89 22.46 20.41
C ALA A 214 13.28 21.92 20.10
N LYS A 215 14.31 22.72 20.36
CA LYS A 215 15.68 22.30 20.11
C LYS A 215 16.20 21.31 21.14
N GLY A 216 15.60 21.32 22.32
CA GLY A 216 15.97 20.40 23.37
C GLY A 216 17.24 20.76 24.12
N ASP A 217 17.73 21.98 23.90
CA ASP A 217 18.90 22.47 24.63
C ASP A 217 18.60 22.47 26.14
N ASN A 218 17.33 22.74 26.48
CA ASN A 218 16.85 22.53 27.83
C ASN A 218 15.71 21.53 27.79
N PRO A 219 16.04 20.23 27.94
CA PRO A 219 15.13 19.10 27.80
C PRO A 219 13.91 19.18 28.71
N ALA A 220 14.03 19.89 29.82
CA ALA A 220 12.90 20.05 30.73
C ALA A 220 11.78 20.81 30.03
N ASN A 221 12.15 21.59 29.01
CA ASN A 221 11.17 22.33 28.22
C ASN A 221 10.82 21.68 26.88
N TYR A 222 11.45 20.54 26.57
CA TYR A 222 11.13 19.83 25.34
C TYR A 222 9.95 18.90 25.56
N VAL A 223 8.99 18.96 24.65
CA VAL A 223 7.83 18.09 24.73
C VAL A 223 8.02 16.87 23.82
N ALA A 224 8.26 15.71 24.41
CA ALA A 224 8.48 14.49 23.65
C ALA A 224 7.16 13.89 23.18
N ALA A 225 7.12 13.50 21.91
CA ALA A 225 5.95 12.90 21.31
C ALA A 225 5.46 11.68 22.10
N GLU A 226 6.40 10.95 22.69
CA GLU A 226 6.09 9.78 23.48
C GLU A 226 5.25 10.12 24.71
N GLN A 227 5.55 11.24 25.34
CA GLN A 227 4.78 11.71 26.49
C GLN A 227 3.37 12.09 26.08
N VAL A 228 3.25 12.82 24.98
CA VAL A 228 1.95 13.23 24.46
C VAL A 228 1.08 12.01 24.14
N ARG A 229 1.68 11.02 23.50
CA ARG A 229 1.00 9.77 23.16
C ARG A 229 0.48 9.07 24.41
N ASP A 230 1.30 9.02 25.45
CA ASP A 230 0.92 8.39 26.70
C ASP A 230 -0.21 9.14 27.39
N ILE A 231 -0.23 10.45 27.23
CA ILE A 231 -1.33 11.27 27.74
C ILE A 231 -2.63 10.91 27.02
N ALA A 232 -2.57 10.86 25.70
CA ALA A 232 -3.72 10.51 24.88
C ALA A 232 -4.27 9.15 25.29
N ALA A 233 -3.38 8.17 25.42
CA ALA A 233 -3.75 6.83 25.83
C ALA A 233 -4.37 6.81 27.24
N SER A 234 -3.79 7.59 28.14
CA SER A 234 -4.27 7.64 29.52
C SER A 234 -5.65 8.26 29.64
N VAL A 235 -5.87 9.37 28.93
CA VAL A 235 -7.17 10.03 28.92
C VAL A 235 -8.24 9.14 28.29
N PHE A 236 -7.89 8.49 27.18
CA PHE A 236 -8.79 7.55 26.50
C PHE A 236 -9.22 6.44 27.46
N HIS A 237 -8.26 5.94 28.24
CA HIS A 237 -8.50 4.89 29.22
C HIS A 237 -9.46 5.32 30.33
N THR A 238 -9.23 6.48 30.90
CA THR A 238 -9.94 6.91 32.10
C THR A 238 -11.27 7.61 31.81
N LEU A 239 -11.29 8.45 30.78
CA LEU A 239 -12.45 9.27 30.49
C LEU A 239 -13.58 8.46 29.86
N ASP A 240 -14.80 8.68 30.36
CA ASP A 240 -15.98 8.16 29.71
C ASP A 240 -16.49 9.16 28.69
N ASN A 241 -16.11 8.97 27.44
CA ASN A 241 -16.39 9.96 26.41
C ASN A 241 -17.81 9.88 25.84
N LYS A 242 -18.31 11.01 25.34
CA LYS A 242 -19.66 11.10 24.79
C LYS A 242 -19.58 11.16 23.28
N SER A 243 -18.35 11.31 22.78
CA SER A 243 -18.05 11.38 21.36
C SER A 243 -16.54 11.48 21.24
N ILE A 244 -16.03 11.35 20.02
CA ILE A 244 -14.61 11.57 19.77
C ILE A 244 -14.27 13.05 19.91
N GLN A 245 -15.21 13.90 19.50
CA GLN A 245 -15.06 15.35 19.68
C GLN A 245 -14.80 15.70 21.14
N HIS A 246 -15.64 15.16 22.02
CA HIS A 246 -15.53 15.38 23.46
C HIS A 246 -14.21 14.82 24.00
N LEU A 247 -13.84 13.64 23.51
CA LEU A 247 -12.60 12.97 23.92
C LEU A 247 -11.35 13.78 23.59
N ILE A 248 -11.24 14.25 22.34
CA ILE A 248 -10.04 14.97 21.93
C ILE A 248 -9.93 16.33 22.60
N TYR A 249 -11.06 16.88 23.03
CA TYR A 249 -11.04 18.12 23.79
C TYR A 249 -10.30 17.94 25.11
N HIS A 250 -10.58 16.83 25.79
CA HIS A 250 -9.95 16.53 27.07
C HIS A 250 -8.50 16.09 26.96
N ILE A 251 -8.18 15.35 25.89
CA ILE A 251 -6.78 15.03 25.61
C ILE A 251 -5.97 16.32 25.46
N GLY A 252 -6.49 17.25 24.68
CA GLY A 252 -5.84 18.54 24.47
C GLY A 252 -5.63 19.33 25.75
N LEU A 253 -6.67 19.41 26.58
CA LEU A 253 -6.59 20.11 27.85
C LEU A 253 -5.51 19.54 28.75
N THR A 254 -5.43 18.22 28.82
CA THR A 254 -4.46 17.53 29.66
C THR A 254 -3.03 17.80 29.19
N ILE A 255 -2.82 17.76 27.88
CA ILE A 255 -1.52 18.08 27.30
C ILE A 255 -1.09 19.50 27.63
N LEU A 256 -1.99 20.45 27.44
CA LEU A 256 -1.70 21.85 27.78
C LEU A 256 -1.44 22.02 29.28
N ASP A 257 -2.09 21.18 30.07
CA ASP A 257 -1.94 21.19 31.53
C ASP A 257 -0.54 20.74 31.92
N ARG A 258 -0.06 19.70 31.26
CA ARG A 258 1.26 19.16 31.55
C ARG A 258 2.36 20.03 30.96
N PHE A 259 2.04 20.69 29.85
CA PHE A 259 3.05 21.46 29.13
C PHE A 259 2.60 22.89 28.88
N PRO A 260 2.72 23.75 29.89
CA PRO A 260 2.27 25.14 29.78
C PRO A 260 3.06 25.95 28.75
N GLN A 261 4.22 25.43 28.33
CA GLN A 261 5.02 26.12 27.33
C GLN A 261 4.45 25.94 25.92
N LEU A 262 3.39 25.14 25.79
CA LEU A 262 2.69 24.98 24.52
C LEU A 262 1.56 26.00 24.39
N THR A 263 1.41 26.58 23.20
CA THR A 263 0.31 27.50 22.98
C THR A 263 -0.96 26.78 22.56
N GLU A 264 -0.79 25.66 21.85
CA GLU A 264 -1.93 24.96 21.29
C GLU A 264 -1.65 23.51 20.92
N VAL A 265 -2.69 22.67 20.96
CA VAL A 265 -2.62 21.29 20.54
C VAL A 265 -3.71 21.03 19.49
N ASN A 266 -3.34 20.37 18.39
CA ASN A 266 -4.33 20.07 17.35
C ASN A 266 -4.51 18.58 17.09
N PHE A 267 -5.67 18.22 16.56
CA PHE A 267 -6.04 16.82 16.37
C PHE A 267 -6.59 16.54 14.98
N GLY A 268 -6.25 15.36 14.46
CA GLY A 268 -6.90 14.78 13.30
C GLY A 268 -7.24 13.35 13.63
N THR A 269 -8.53 13.02 13.62
CA THR A 269 -8.99 11.73 14.11
C THR A 269 -9.73 10.93 13.05
N ASN A 270 -9.76 9.62 13.23
CA ASN A 270 -10.64 8.75 12.46
C ASN A 270 -11.40 7.82 13.40
N ASN A 271 -12.67 7.59 13.11
CA ASN A 271 -13.44 6.58 13.81
C ASN A 271 -13.43 5.29 13.00
N ARG A 272 -12.86 4.23 13.56
CA ARG A 272 -12.78 2.98 12.84
C ARG A 272 -13.42 1.89 13.68
N THR A 273 -14.57 2.20 14.25
CA THR A 273 -15.29 1.26 15.10
C THR A 273 -15.87 0.08 14.31
N TRP A 274 -15.69 -1.12 14.84
CA TRP A 274 -16.20 -2.35 14.23
C TRP A 274 -17.72 -2.41 14.22
N ASP A 275 -18.25 -3.26 13.34
CA ASP A 275 -19.67 -3.59 13.34
C ASP A 275 -19.87 -4.82 14.20
N THR A 276 -20.95 -4.84 14.98
CA THR A 276 -21.28 -6.02 15.76
C THR A 276 -21.90 -7.12 14.90
N VAL A 277 -21.44 -8.36 15.08
CA VAL A 277 -22.00 -9.50 14.37
C VAL A 277 -22.69 -10.49 15.31
N VAL A 278 -22.05 -10.78 16.43
CA VAL A 278 -22.68 -11.60 17.47
C VAL A 278 -22.64 -10.86 18.78
N GLU A 279 -23.82 -10.56 19.31
CA GLU A 279 -23.96 -9.83 20.57
C GLU A 279 -23.58 -10.72 21.76
N GLY A 280 -22.90 -10.15 22.74
CA GLY A 280 -22.46 -10.91 23.90
C GLY A 280 -23.60 -11.32 24.83
N THR A 281 -23.38 -12.38 25.61
CA THR A 281 -24.39 -12.87 26.57
C THR A 281 -24.11 -12.66 28.08
N ASP A 282 -23.70 -11.47 28.55
CA ASP A 282 -23.64 -10.21 27.82
C ASP A 282 -22.39 -9.45 28.24
N GLY A 283 -22.43 -8.13 28.09
CA GLY A 283 -21.24 -7.33 28.14
C GLY A 283 -20.58 -7.59 26.80
N PHE A 284 -19.27 -7.83 26.81
CA PHE A 284 -18.55 -8.22 25.61
C PHE A 284 -18.15 -9.68 25.70
N LYS A 285 -18.69 -10.38 26.69
CA LYS A 285 -18.36 -11.78 26.85
C LYS A 285 -19.13 -12.61 25.83
N GLY A 286 -18.38 -13.16 24.88
CA GLY A 286 -18.96 -13.97 23.83
C GLY A 286 -19.24 -13.14 22.58
N ALA A 287 -18.82 -11.88 22.61
CA ALA A 287 -19.13 -10.97 21.50
C ALA A 287 -18.22 -11.16 20.30
N VAL A 288 -18.79 -10.94 19.11
CA VAL A 288 -18.04 -10.99 17.87
C VAL A 288 -18.28 -9.74 17.03
N PHE A 289 -17.20 -9.15 16.55
CA PHE A 289 -17.27 -7.98 15.70
C PHE A 289 -16.60 -8.23 14.36
N THR A 290 -16.83 -7.34 13.41
CA THR A 290 -16.17 -7.39 12.11
C THR A 290 -15.88 -5.98 11.63
N GLU A 291 -15.13 -5.87 10.55
CA GLU A 291 -14.83 -4.56 9.97
C GLU A 291 -16.06 -3.99 9.29
N PRO A 292 -16.25 -2.67 9.39
CA PRO A 292 -17.40 -2.00 8.78
C PRO A 292 -17.12 -1.70 7.30
N ARG A 293 -18.10 -1.13 6.62
CA ARG A 293 -17.89 -0.57 5.28
C ARG A 293 -16.87 0.56 5.41
N PRO A 294 -16.21 0.93 4.30
CA PRO A 294 -15.13 1.92 4.37
C PRO A 294 -15.38 3.30 5.01
N PRO A 295 -16.59 3.89 4.88
CA PRO A 295 -16.71 5.25 5.41
C PRO A 295 -16.33 5.40 6.89
N PHE A 296 -15.60 6.48 7.18
CA PHE A 296 -15.11 6.73 8.53
C PHE A 296 -15.40 8.16 8.96
N GLY A 297 -15.81 8.34 10.20
CA GLY A 297 -15.99 9.67 10.74
C GLY A 297 -14.62 10.26 11.00
N PHE A 298 -14.49 11.57 10.82
CA PHE A 298 -13.24 12.24 11.15
C PHE A 298 -13.49 13.57 11.85
N GLN A 299 -12.54 13.99 12.66
CA GLN A 299 -12.64 15.25 13.36
C GLN A 299 -11.32 16.01 13.25
N GLY A 300 -11.42 17.34 13.19
CA GLY A 300 -10.25 18.20 13.24
C GLY A 300 -10.52 19.28 14.27
N PHE A 301 -9.52 19.55 15.12
CA PHE A 301 -9.76 20.43 16.27
C PHE A 301 -8.48 20.95 16.89
N SER A 302 -8.51 22.20 17.36
CA SER A 302 -7.39 22.75 18.09
C SER A 302 -7.83 23.27 19.47
N VAL A 303 -7.02 22.99 20.48
CA VAL A 303 -7.26 23.44 21.85
C VAL A 303 -6.13 24.37 22.25
N HIS A 304 -6.46 25.45 22.96
CA HIS A 304 -5.47 26.48 23.27
C HIS A 304 -5.45 26.73 24.77
N GLN A 305 -4.37 27.33 25.27
CA GLN A 305 -4.25 27.59 26.71
C GLN A 305 -5.43 28.35 27.31
N GLU A 306 -6.02 29.25 26.53
CA GLU A 306 -7.19 30.02 26.98
C GLU A 306 -8.36 29.10 27.33
N ASP A 307 -8.49 28.00 26.59
CA ASP A 307 -9.51 26.99 26.89
C ASP A 307 -9.28 26.34 28.25
N LEU A 308 -8.02 26.00 28.52
CA LEU A 308 -7.67 25.36 29.79
C LEU A 308 -7.90 26.30 30.97
N ALA A 309 -7.49 27.56 30.82
CA ALA A 309 -7.70 28.56 31.86
C ALA A 309 -9.18 28.74 32.14
N ARG A 310 -9.99 28.70 31.09
CA ARG A 310 -11.45 28.81 31.24
C ARG A 310 -12.02 27.62 32.00
N GLU A 311 -11.57 26.42 31.66
CA GLU A 311 -12.04 25.20 32.32
C GLU A 311 -11.63 25.18 33.79
N LYS A 312 -10.40 25.56 34.07
CA LYS A 312 -9.90 25.54 35.44
C LYS A 312 -10.63 26.51 36.38
N ALA A 313 -11.21 27.56 35.81
CA ALA A 313 -11.94 28.56 36.59
C ALA A 313 -13.46 28.37 36.59
N SER A 314 -13.94 27.42 35.80
CA SER A 314 -15.37 27.16 35.64
C SER A 314 -15.97 26.14 36.61
N ALA A 315 -17.11 26.49 37.19
CA ALA A 315 -17.81 25.58 38.11
C ALA A 315 -18.47 24.42 37.38
N ASN A 316 -18.79 24.61 36.10
CA ASN A 316 -19.45 23.55 35.34
C ASN A 316 -18.46 22.72 34.54
N SER A 317 -17.17 23.02 34.73
CA SER A 317 -16.13 22.26 34.06
C SER A 317 -16.16 20.81 34.53
N GLU A 318 -15.88 19.90 33.61
CA GLU A 318 -15.82 18.48 33.95
C GLU A 318 -14.39 18.01 33.87
N TYR A 319 -13.47 18.94 33.60
CA TYR A 319 -12.07 18.60 33.42
C TYR A 319 -11.41 18.12 34.70
N VAL A 320 -10.84 16.92 34.62
CA VAL A 320 -10.08 16.35 35.72
C VAL A 320 -8.78 15.76 35.17
N ALA A 321 -7.69 16.00 35.88
CA ALA A 321 -6.41 15.43 35.52
C ALA A 321 -5.82 14.73 36.73
N LEU A 322 -4.95 13.75 36.48
CA LEU A 322 -4.22 13.07 37.54
C LEU A 322 -3.40 14.07 38.35
N LYS A 323 -3.22 13.77 39.63
CA LYS A 323 -2.48 14.66 40.51
C LYS A 323 -0.99 14.49 40.23
N LEU A 324 -0.22 15.55 40.51
CA LEU A 324 1.22 15.54 40.28
C LEU A 324 1.91 14.60 41.25
N GLU B 2 -7.18 -33.92 -9.95
CA GLU B 2 -6.16 -33.37 -10.84
C GLU B 2 -6.41 -31.90 -11.13
N ARG B 3 -7.66 -31.56 -11.46
CA ARG B 3 -8.00 -30.17 -11.74
C ARG B 3 -7.97 -29.36 -10.45
N THR B 4 -7.65 -28.08 -10.58
CA THR B 4 -7.76 -27.16 -9.47
C THR B 4 -9.23 -26.80 -9.33
N MET B 5 -9.76 -26.93 -8.13
CA MET B 5 -11.17 -26.59 -7.92
C MET B 5 -11.48 -26.28 -6.46
N PHE B 6 -11.78 -25.01 -6.19
CA PHE B 6 -12.19 -24.57 -4.87
C PHE B 6 -12.87 -23.22 -4.96
N TYR B 7 -13.60 -22.85 -3.91
CA TYR B 7 -14.19 -21.53 -3.82
C TYR B 7 -14.40 -21.17 -2.36
N GLY B 8 -14.51 -19.87 -2.05
CA GLY B 8 -14.65 -19.47 -0.67
C GLY B 8 -14.80 -17.98 -0.46
N LYS B 9 -14.45 -17.53 0.74
CA LYS B 9 -14.59 -16.12 1.12
C LYS B 9 -13.28 -15.66 1.76
N GLY B 10 -12.74 -14.54 1.28
CA GLY B 10 -11.51 -13.99 1.82
C GLY B 10 -11.78 -12.71 2.60
N ASP B 11 -10.76 -12.23 3.29
CA ASP B 11 -10.88 -11.04 4.15
C ASP B 11 -12.08 -11.14 5.10
N VAL B 12 -12.24 -12.31 5.71
CA VAL B 12 -13.28 -12.50 6.71
C VAL B 12 -12.77 -12.03 8.07
N TYR B 13 -12.98 -10.75 8.35
CA TYR B 13 -12.57 -10.18 9.62
C TYR B 13 -13.45 -10.67 10.75
N VAL B 14 -12.81 -11.31 11.73
CA VAL B 14 -13.51 -11.88 12.88
C VAL B 14 -12.82 -11.48 14.17
N PHE B 15 -13.52 -10.71 15.00
CA PHE B 15 -12.96 -10.22 16.24
C PHE B 15 -13.75 -10.69 17.45
N ARG B 16 -13.29 -11.76 18.08
CA ARG B 16 -13.90 -12.26 19.30
C ARG B 16 -13.29 -11.59 20.52
N THR B 17 -14.14 -11.09 21.41
CA THR B 17 -13.65 -10.49 22.64
C THR B 17 -13.77 -11.46 23.80
N TYR B 18 -12.82 -11.39 24.72
CA TYR B 18 -12.78 -12.25 25.91
C TYR B 18 -12.89 -13.74 25.61
N ALA B 19 -12.02 -14.21 24.71
CA ALA B 19 -11.86 -15.64 24.49
C ALA B 19 -11.11 -16.18 25.70
N ASN B 20 -11.16 -17.48 25.92
CA ASN B 20 -10.44 -18.09 27.02
C ASN B 20 -8.94 -17.85 26.88
N PRO B 21 -8.30 -17.45 27.98
CA PRO B 21 -6.88 -17.09 27.96
C PRO B 21 -5.97 -18.30 27.73
N LEU B 22 -4.85 -18.06 27.06
CA LEU B 22 -3.82 -19.07 26.89
C LEU B 22 -2.86 -18.93 28.06
N LYS B 23 -2.79 -19.96 28.90
CA LYS B 23 -1.92 -19.91 30.08
C LYS B 23 -1.28 -21.25 30.39
N GLY B 24 -0.13 -21.21 31.06
CA GLY B 24 0.58 -22.43 31.44
C GLY B 24 1.60 -22.87 30.41
N LEU B 25 2.17 -21.91 29.69
CA LEU B 25 3.18 -22.20 28.69
C LEU B 25 4.51 -22.60 29.34
N LYS B 26 5.32 -23.34 28.59
CA LYS B 26 6.65 -23.72 29.07
C LYS B 26 7.53 -22.49 29.16
N GLN B 27 8.16 -22.30 30.32
CA GLN B 27 9.06 -21.18 30.53
C GLN B 27 10.43 -21.49 29.92
N ILE B 28 10.95 -20.54 29.13
CA ILE B 28 12.24 -20.72 28.46
C ILE B 28 13.14 -19.51 28.71
N PRO B 29 14.48 -19.72 28.62
CA PRO B 29 15.43 -18.64 28.92
C PRO B 29 15.32 -17.44 27.98
N GLU B 30 14.88 -17.68 26.75
CA GLU B 30 14.85 -16.63 25.74
C GLU B 30 13.65 -15.68 25.88
N SER B 31 12.68 -16.04 26.72
CA SER B 31 11.42 -15.31 26.76
C SER B 31 10.77 -15.20 28.14
N ASN B 32 10.02 -14.12 28.34
CA ASN B 32 9.19 -13.96 29.54
C ASN B 32 7.72 -14.28 29.26
N PHE B 33 7.42 -14.67 28.03
CA PHE B 33 6.03 -14.91 27.62
C PHE B 33 5.49 -16.21 28.22
N THR B 34 4.47 -16.09 29.06
CA THR B 34 3.89 -17.26 29.69
C THR B 34 2.40 -17.40 29.43
N GLU B 35 1.75 -16.29 29.08
CA GLU B 35 0.30 -16.31 28.85
C GLU B 35 -0.17 -15.23 27.88
N LYS B 36 -1.32 -15.48 27.26
CA LYS B 36 -1.91 -14.53 26.34
C LYS B 36 -3.37 -14.36 26.72
N HIS B 37 -3.70 -13.19 27.28
CA HIS B 37 -4.98 -12.98 27.92
C HIS B 37 -6.20 -13.06 26.99
N ASN B 38 -5.96 -12.88 25.70
CA ASN B 38 -7.02 -13.03 24.70
C ASN B 38 -8.26 -12.13 24.89
N THR B 39 -8.05 -10.95 25.47
CA THR B 39 -9.13 -9.97 25.59
C THR B 39 -9.69 -9.66 24.21
N ILE B 40 -8.79 -9.54 23.24
CA ILE B 40 -9.20 -9.52 21.84
C ILE B 40 -8.57 -10.72 21.14
N PHE B 41 -9.41 -11.51 20.49
CA PHE B 41 -8.96 -12.70 19.79
C PHE B 41 -9.41 -12.51 18.35
N GLY B 42 -8.62 -11.76 17.59
CA GLY B 42 -9.04 -11.28 16.29
C GLY B 42 -8.17 -11.77 15.16
N MET B 43 -8.77 -11.91 13.98
CA MET B 43 -8.06 -12.44 12.83
C MET B 43 -8.71 -12.06 11.51
N ASN B 44 -7.91 -12.18 10.45
CA ASN B 44 -8.41 -12.10 9.09
C ASN B 44 -8.39 -13.51 8.51
N ALA B 45 -9.57 -14.10 8.35
CA ALA B 45 -9.65 -15.48 7.89
C ALA B 45 -10.01 -15.56 6.40
N LYS B 46 -9.57 -16.64 5.78
CA LYS B 46 -9.88 -16.94 4.39
C LYS B 46 -10.24 -18.42 4.34
N VAL B 47 -11.45 -18.72 3.88
CA VAL B 47 -11.90 -20.11 3.86
C VAL B 47 -12.10 -20.63 2.45
N ALA B 48 -11.71 -21.88 2.21
CA ALA B 48 -11.96 -22.51 0.92
C ALA B 48 -12.63 -23.86 1.11
N LEU B 49 -13.67 -24.10 0.32
CA LEU B 49 -14.36 -25.38 0.32
C LEU B 49 -13.96 -26.19 -0.91
N LYS B 50 -13.77 -27.49 -0.73
CA LYS B 50 -13.38 -28.36 -1.83
C LYS B 50 -14.27 -29.58 -1.92
N GLY B 51 -14.39 -30.13 -3.12
CA GLY B 51 -15.13 -31.35 -3.32
C GLY B 51 -15.46 -31.65 -4.77
N GLU B 52 -15.49 -32.93 -5.10
CA GLU B 52 -15.81 -33.37 -6.45
C GLU B 52 -17.22 -32.93 -6.84
N GLN B 53 -18.11 -32.88 -5.87
CA GLN B 53 -19.51 -32.52 -6.12
C GLN B 53 -19.72 -31.03 -6.44
N LEU B 54 -18.65 -30.24 -6.41
CA LEU B 54 -18.72 -28.82 -6.76
C LEU B 54 -18.54 -28.59 -8.27
N LEU B 55 -18.21 -29.65 -9.00
CA LEU B 55 -17.87 -29.53 -10.43
C LEU B 55 -18.91 -28.82 -11.30
N THR B 56 -20.17 -29.25 -11.20
CA THR B 56 -21.23 -28.71 -12.05
C THR B 56 -21.57 -27.26 -11.72
N SER B 57 -21.11 -26.77 -10.58
CA SER B 57 -21.28 -25.37 -10.25
C SER B 57 -20.47 -24.52 -11.22
N PHE B 58 -19.36 -25.11 -11.70
CA PHE B 58 -18.55 -24.47 -12.73
C PHE B 58 -19.04 -24.84 -14.13
N THR B 59 -19.17 -26.14 -14.40
CA THR B 59 -19.43 -26.62 -15.76
C THR B 59 -20.88 -26.46 -16.21
N GLU B 60 -21.80 -26.36 -15.27
CA GLU B 60 -23.23 -26.29 -15.60
C GLU B 60 -23.93 -25.08 -14.99
N GLY B 61 -23.19 -24.31 -14.19
CA GLY B 61 -23.78 -23.18 -13.49
C GLY B 61 -24.86 -23.63 -12.52
N ASP B 62 -24.67 -24.81 -11.93
CA ASP B 62 -25.65 -25.38 -11.03
C ASP B 62 -25.29 -25.00 -9.60
N ASN B 63 -26.08 -24.11 -9.00
CA ASN B 63 -25.80 -23.62 -7.66
C ASN B 63 -26.44 -24.45 -6.54
N SER B 64 -27.01 -25.60 -6.91
CA SER B 64 -27.77 -26.44 -5.97
C SER B 64 -26.98 -26.89 -4.75
N LEU B 65 -25.70 -27.21 -4.95
CA LEU B 65 -24.86 -27.69 -3.85
C LEU B 65 -23.87 -26.63 -3.39
N VAL B 66 -24.16 -25.38 -3.73
CA VAL B 66 -23.25 -24.30 -3.39
C VAL B 66 -23.64 -23.60 -2.09
N VAL B 67 -22.76 -23.69 -1.09
CA VAL B 67 -22.88 -22.88 0.10
C VAL B 67 -22.47 -21.47 -0.26
N ALA B 68 -23.39 -20.52 -0.11
CA ALA B 68 -23.09 -19.13 -0.47
C ALA B 68 -21.90 -18.63 0.34
N THR B 69 -21.02 -17.89 -0.32
CA THR B 69 -19.79 -17.42 0.32
C THR B 69 -20.14 -16.49 1.49
N ASP B 70 -21.22 -15.75 1.33
CA ASP B 70 -21.74 -14.90 2.39
C ASP B 70 -22.14 -15.73 3.61
N SER B 71 -22.67 -16.92 3.36
CA SER B 71 -23.06 -17.85 4.43
C SER B 71 -21.84 -18.42 5.16
N MET B 72 -20.74 -18.61 4.43
CA MET B 72 -19.52 -19.12 5.04
C MET B 72 -19.00 -18.11 6.04
N LYS B 73 -19.10 -16.84 5.68
CA LYS B 73 -18.69 -15.74 6.55
C LYS B 73 -19.50 -15.75 7.85
N ASN B 74 -20.82 -15.86 7.72
CA ASN B 74 -21.69 -15.95 8.89
C ASN B 74 -21.29 -17.15 9.74
N PHE B 75 -21.02 -18.25 9.07
CA PHE B 75 -20.64 -19.50 9.71
C PHE B 75 -19.39 -19.34 10.56
N ILE B 76 -18.37 -18.69 10.01
CA ILE B 76 -17.12 -18.48 10.71
C ILE B 76 -17.33 -17.56 11.92
N GLN B 77 -18.05 -16.47 11.70
CA GLN B 77 -18.31 -15.49 12.74
C GLN B 77 -19.13 -16.07 13.91
N ARG B 78 -20.07 -16.96 13.60
CA ARG B 78 -20.87 -17.56 14.67
C ARG B 78 -20.07 -18.55 15.49
N HIS B 79 -19.15 -19.27 14.84
CA HIS B 79 -18.31 -20.23 15.54
C HIS B 79 -17.21 -19.56 16.37
N ALA B 80 -16.91 -18.31 16.06
CA ALA B 80 -15.97 -17.54 16.87
C ALA B 80 -16.58 -17.23 18.22
N ALA B 81 -17.90 -17.14 18.25
CA ALA B 81 -18.64 -16.85 19.47
C ALA B 81 -18.74 -18.06 20.39
N SER B 82 -18.78 -19.24 19.80
CA SER B 82 -18.99 -20.47 20.56
C SER B 82 -17.69 -21.21 20.91
N TYR B 83 -16.62 -20.88 20.20
CA TYR B 83 -15.31 -21.48 20.44
C TYR B 83 -14.82 -21.22 21.87
N GLU B 84 -14.36 -22.28 22.55
CA GLU B 84 -13.98 -22.16 23.95
C GLU B 84 -12.48 -22.33 24.18
N GLY B 85 -11.71 -22.48 23.11
CA GLY B 85 -10.29 -22.70 23.23
C GLY B 85 -9.53 -21.41 23.30
N ALA B 86 -8.21 -21.50 23.25
CA ALA B 86 -7.36 -20.33 23.45
C ALA B 86 -6.34 -20.12 22.33
N THR B 87 -6.37 -20.96 21.31
CA THR B 87 -5.39 -20.85 20.23
C THR B 87 -6.01 -20.67 18.85
N LEU B 88 -5.23 -20.09 17.95
CA LEU B 88 -5.64 -19.86 16.57
C LEU B 88 -5.80 -21.18 15.80
N GLU B 89 -4.83 -22.07 15.96
CA GLU B 89 -4.87 -23.38 15.31
C GLU B 89 -6.07 -24.20 15.75
N GLY B 90 -6.38 -24.17 17.04
CA GLY B 90 -7.51 -24.88 17.57
C GLY B 90 -8.81 -24.34 17.02
N PHE B 91 -8.91 -23.02 16.89
CA PHE B 91 -10.11 -22.40 16.33
C PHE B 91 -10.32 -22.80 14.88
N LEU B 92 -9.27 -22.75 14.08
CA LEU B 92 -9.39 -23.09 12.67
C LEU B 92 -9.80 -24.53 12.44
N GLN B 93 -9.23 -25.45 13.22
CA GLN B 93 -9.59 -26.86 13.10
C GLN B 93 -11.04 -27.06 13.55
N TYR B 94 -11.43 -26.31 14.58
CA TYR B 94 -12.81 -26.32 15.08
C TYR B 94 -13.81 -25.91 14.00
N VAL B 95 -13.49 -24.83 13.28
CA VAL B 95 -14.37 -24.35 12.21
C VAL B 95 -14.40 -25.31 11.02
N CYS B 96 -13.23 -25.79 10.61
CA CYS B 96 -13.12 -26.75 9.51
C CYS B 96 -14.01 -27.96 9.73
N GLU B 97 -13.94 -28.52 10.94
CA GLU B 97 -14.71 -29.71 11.30
C GLU B 97 -16.21 -29.44 11.33
N ALA B 98 -16.58 -28.24 11.74
CA ALA B 98 -17.99 -27.83 11.78
C ALA B 98 -18.57 -27.76 10.37
N PHE B 99 -17.82 -27.17 9.45
CA PHE B 99 -18.22 -27.10 8.04
C PHE B 99 -18.49 -28.50 7.49
N LEU B 100 -17.55 -29.42 7.72
CA LEU B 100 -17.67 -30.79 7.23
C LEU B 100 -18.83 -31.55 7.84
N ALA B 101 -19.11 -31.28 9.12
CA ALA B 101 -20.24 -31.92 9.80
C ALA B 101 -21.56 -31.39 9.26
N LYS B 102 -21.57 -30.11 8.88
CA LYS B 102 -22.77 -29.46 8.41
C LYS B 102 -23.08 -29.83 6.95
N TYR B 103 -22.06 -29.83 6.11
CA TYR B 103 -22.25 -30.07 4.68
C TYR B 103 -21.57 -31.36 4.22
N SER B 104 -22.36 -32.43 4.14
CA SER B 104 -21.84 -33.76 3.82
C SER B 104 -21.28 -33.90 2.41
N HIS B 105 -21.66 -32.99 1.52
CA HIS B 105 -21.21 -33.07 0.13
C HIS B 105 -19.83 -32.47 -0.09
N LEU B 106 -19.27 -31.84 0.94
CA LEU B 106 -17.92 -31.30 0.87
C LEU B 106 -16.89 -32.37 1.21
N ASP B 107 -15.76 -32.33 0.52
CA ASP B 107 -14.69 -33.30 0.75
C ASP B 107 -13.59 -32.75 1.67
N ALA B 108 -13.37 -31.44 1.61
CA ALA B 108 -12.31 -30.82 2.41
C ALA B 108 -12.54 -29.34 2.62
N VAL B 109 -12.08 -28.83 3.76
CA VAL B 109 -12.18 -27.41 4.09
C VAL B 109 -10.83 -26.87 4.54
N ARG B 110 -10.44 -25.73 3.97
CA ARG B 110 -9.17 -25.11 4.30
C ARG B 110 -9.35 -23.72 4.90
N LEU B 111 -8.72 -23.49 6.04
CA LEU B 111 -8.75 -22.17 6.67
C LEU B 111 -7.36 -21.59 6.85
N GLU B 112 -7.19 -20.37 6.37
CA GLU B 112 -5.96 -19.63 6.59
C GLU B 112 -6.32 -18.39 7.38
N ALA B 113 -5.48 -18.01 8.34
CA ALA B 113 -5.78 -16.86 9.17
C ALA B 113 -4.53 -16.06 9.50
N LYS B 114 -4.67 -14.74 9.45
CA LYS B 114 -3.62 -13.86 9.93
C LYS B 114 -4.14 -13.09 11.13
N GLU B 115 -3.42 -13.16 12.25
CA GLU B 115 -3.81 -12.45 13.46
C GLU B 115 -4.03 -10.97 13.21
N TYR B 116 -5.11 -10.45 13.81
CA TYR B 116 -5.41 -9.02 13.82
C TYR B 116 -4.88 -8.53 15.16
N ALA B 117 -3.62 -8.12 15.17
CA ALA B 117 -2.87 -8.01 16.42
C ALA B 117 -3.08 -6.73 17.21
N PHE B 118 -3.11 -6.88 18.53
CA PHE B 118 -3.22 -5.75 19.45
C PHE B 118 -2.14 -5.80 20.53
N ASP B 119 -1.66 -4.63 20.95
CA ASP B 119 -0.63 -4.53 21.98
C ASP B 119 -1.17 -4.04 23.31
N ASP B 120 -0.66 -4.59 24.39
CA ASP B 120 -0.92 -4.02 25.71
C ASP B 120 -0.16 -2.71 25.80
N ILE B 121 -0.74 -1.73 26.50
CA ILE B 121 -0.11 -0.42 26.63
C ILE B 121 -0.04 0.05 28.07
N GLN B 122 0.85 1.01 28.33
CA GLN B 122 1.00 1.58 29.66
C GLN B 122 0.20 2.87 29.76
N VAL B 123 -0.61 2.97 30.81
CA VAL B 123 -1.39 4.19 31.04
C VAL B 123 -1.19 4.72 32.46
N GLY B 124 -1.26 6.03 32.60
CA GLY B 124 -1.18 6.66 33.90
C GLY B 124 -2.53 6.61 34.60
N THR B 125 -2.53 6.16 35.86
CA THR B 125 -3.73 6.12 36.69
C THR B 125 -3.39 6.69 38.05
N ASP B 126 -4.39 6.78 38.94
CA ASP B 126 -4.16 7.29 40.29
C ASP B 126 -3.24 6.38 41.12
N LYS B 127 -3.05 5.15 40.65
CA LYS B 127 -2.17 4.21 41.32
C LYS B 127 -0.84 4.10 40.58
N GLY B 128 -0.61 5.03 39.67
CA GLY B 128 0.62 5.07 38.90
C GLY B 128 0.45 4.54 37.49
N VAL B 129 1.58 4.39 36.79
CA VAL B 129 1.56 3.89 35.42
C VAL B 129 1.49 2.36 35.37
N VAL B 130 0.38 1.85 34.84
CA VAL B 130 0.14 0.40 34.79
C VAL B 130 -0.32 -0.04 33.41
N THR B 131 -0.42 -1.36 33.21
CA THR B 131 -0.97 -1.91 31.97
C THR B 131 -2.49 -1.75 31.95
N SER B 132 -3.01 -1.18 30.87
CA SER B 132 -4.46 -1.01 30.72
C SER B 132 -5.17 -2.32 30.39
N ASP B 133 -6.36 -2.51 30.98
CA ASP B 133 -7.20 -3.66 30.64
C ASP B 133 -8.38 -3.23 29.77
N LEU B 134 -8.37 -1.97 29.34
CA LEU B 134 -9.47 -1.43 28.56
C LEU B 134 -9.02 -0.96 27.18
N VAL B 135 -7.83 -0.38 27.11
CA VAL B 135 -7.34 0.24 25.88
C VAL B 135 -6.14 -0.49 25.31
N PHE B 136 -6.21 -0.82 24.02
CA PHE B 136 -5.14 -1.55 23.35
C PHE B 136 -4.73 -0.89 22.05
N ARG B 137 -3.45 -1.04 21.69
CA ARG B 137 -2.94 -0.49 20.45
C ARG B 137 -2.97 -1.54 19.35
N LYS B 138 -3.49 -1.16 18.18
CA LYS B 138 -3.43 -2.04 17.02
C LYS B 138 -1.99 -2.11 16.56
N SER B 139 -1.42 -3.30 16.57
CA SER B 139 -0.04 -3.47 16.15
C SER B 139 0.06 -3.73 14.65
N ARG B 140 0.93 -2.98 13.99
CA ARG B 140 1.20 -3.19 12.57
C ARG B 140 2.54 -3.88 12.40
N ASN B 141 3.03 -4.47 13.49
CA ASN B 141 4.29 -5.21 13.46
C ASN B 141 4.07 -6.69 13.17
N GLU B 142 4.90 -7.55 13.75
CA GLU B 142 4.82 -8.99 13.48
C GLU B 142 3.48 -9.57 13.93
N TYR B 143 3.02 -10.60 13.24
CA TYR B 143 1.73 -11.21 13.58
C TYR B 143 1.71 -12.73 13.41
N VAL B 144 0.84 -13.38 14.19
CA VAL B 144 0.71 -14.84 14.19
C VAL B 144 -0.09 -15.31 12.98
N THR B 145 0.32 -16.43 12.41
CA THR B 145 -0.39 -17.03 11.29
C THR B 145 -0.68 -18.50 11.56
N ALA B 146 -1.67 -19.04 10.88
CA ALA B 146 -1.98 -20.47 10.99
C ALA B 146 -2.81 -20.91 9.81
N THR B 147 -2.60 -22.16 9.40
CA THR B 147 -3.39 -22.76 8.34
C THR B 147 -3.79 -24.17 8.75
N VAL B 148 -5.07 -24.48 8.61
CA VAL B 148 -5.55 -25.83 8.85
C VAL B 148 -6.46 -26.28 7.71
N GLU B 149 -6.14 -27.43 7.13
CA GLU B 149 -7.03 -28.06 6.16
C GLU B 149 -7.47 -29.42 6.68
N VAL B 150 -8.77 -29.67 6.63
CA VAL B 150 -9.32 -30.93 7.11
C VAL B 150 -10.06 -31.63 5.98
N ALA B 151 -9.76 -32.90 5.77
CA ALA B 151 -10.45 -33.65 4.71
C ALA B 151 -11.21 -34.83 5.30
N ARG B 152 -12.28 -35.22 4.63
CA ARG B 152 -13.09 -36.36 5.07
C ARG B 152 -12.33 -37.65 4.75
N THR B 153 -12.45 -38.65 5.62
CA THR B 153 -11.89 -39.96 5.34
C THR B 153 -13.01 -40.99 5.35
N ALA B 154 -12.68 -42.21 4.96
CA ALA B 154 -13.66 -43.31 4.97
C ALA B 154 -14.17 -43.59 6.37
N SER B 155 -13.39 -43.20 7.39
CA SER B 155 -13.73 -43.50 8.78
C SER B 155 -13.94 -42.24 9.64
N GLY B 156 -13.80 -41.06 9.04
CA GLY B 156 -14.03 -39.81 9.76
C GLY B 156 -13.44 -38.59 9.06
N THR B 157 -12.60 -37.84 9.77
CA THR B 157 -11.90 -36.69 9.19
C THR B 157 -10.45 -36.76 9.62
N GLU B 158 -9.58 -36.10 8.85
CA GLU B 158 -8.19 -35.97 9.25
C GLU B 158 -7.67 -34.60 8.87
N VAL B 159 -6.71 -34.11 9.64
CA VAL B 159 -6.01 -32.90 9.29
C VAL B 159 -5.01 -33.26 8.20
N VAL B 160 -5.14 -32.62 7.03
CA VAL B 160 -4.26 -32.93 5.93
C VAL B 160 -3.19 -31.86 5.77
N GLU B 161 -3.42 -30.70 6.39
CA GLU B 161 -2.37 -29.69 6.50
C GLU B 161 -2.53 -28.86 7.77
N GLN B 162 -1.42 -28.64 8.46
CA GLN B 162 -1.40 -27.79 9.64
C GLN B 162 -0.13 -26.97 9.65
N ALA B 163 -0.29 -25.65 9.70
CA ALA B 163 0.86 -24.76 9.74
C ALA B 163 0.67 -23.72 10.84
N SER B 164 1.77 -23.36 11.47
CA SER B 164 1.77 -22.33 12.50
C SER B 164 2.93 -21.41 12.21
N GLY B 165 2.77 -20.11 12.45
CA GLY B 165 3.86 -19.21 12.19
C GLY B 165 3.80 -17.81 12.76
N ILE B 166 4.87 -17.07 12.54
CA ILE B 166 4.93 -15.66 12.87
C ILE B 166 5.49 -14.89 11.67
N ALA B 167 4.77 -13.87 11.23
CA ALA B 167 5.13 -13.16 10.01
C ALA B 167 5.58 -11.72 10.31
N ASP B 168 6.48 -11.22 9.47
CA ASP B 168 6.88 -9.82 9.47
C ASP B 168 7.67 -9.38 10.70
N ILE B 169 8.56 -10.23 11.17
CA ILE B 169 9.55 -9.84 12.16
C ILE B 169 10.59 -8.98 11.47
N GLN B 170 10.78 -7.76 11.95
CA GLN B 170 11.77 -6.86 11.36
C GLN B 170 12.76 -6.40 12.41
N LEU B 171 14.00 -6.86 12.28
CA LEU B 171 15.02 -6.58 13.29
C LEU B 171 16.31 -6.03 12.69
N ILE B 172 16.91 -5.06 13.39
CA ILE B 172 18.21 -4.54 13.02
C ILE B 172 19.22 -4.79 14.15
N LYS B 173 20.46 -5.08 13.79
CA LYS B 173 21.52 -5.26 14.78
C LYS B 173 22.60 -4.21 14.53
N VAL B 174 22.82 -3.34 15.49
CA VAL B 174 23.68 -2.21 15.30
C VAL B 174 25.10 -2.51 15.60
N SER B 175 25.57 -3.62 15.08
CA SER B 175 26.93 -4.03 15.28
C SER B 175 27.53 -4.25 13.90
N GLY B 176 28.86 -4.34 13.79
CA GLY B 176 29.51 -4.52 12.49
C GLY B 176 29.20 -5.86 11.85
N SER B 177 28.89 -5.83 10.57
CA SER B 177 28.57 -7.02 9.80
C SER B 177 29.01 -6.79 8.37
N SER B 178 29.80 -7.72 7.82
CA SER B 178 30.38 -7.53 6.50
C SER B 178 29.99 -8.57 5.46
N PHE B 179 30.05 -9.85 5.84
CA PHE B 179 29.74 -10.98 4.94
C PHE B 179 30.44 -11.53 3.69
N TYR B 180 31.64 -12.08 3.88
CA TYR B 180 32.75 -12.25 2.94
C TYR B 180 32.93 -13.70 2.51
N GLY B 181 33.83 -13.91 1.56
CA GLY B 181 34.22 -15.25 1.18
C GLY B 181 33.40 -15.83 0.04
N TYR B 182 32.48 -15.03 -0.46
CA TYR B 182 31.60 -15.44 -1.54
C TYR B 182 32.34 -15.52 -2.88
N ILE B 183 31.70 -16.12 -3.87
CA ILE B 183 32.29 -16.24 -5.20
C ILE B 183 32.52 -14.87 -5.83
N ILE B 184 33.74 -14.64 -6.29
CA ILE B 184 34.09 -13.40 -6.96
C ILE B 184 34.45 -13.67 -8.42
N ASP B 185 33.60 -13.21 -9.33
CA ASP B 185 33.85 -13.34 -10.76
C ASP B 185 33.47 -12.09 -11.53
N GLU B 186 33.16 -12.25 -12.82
CA GLU B 186 32.85 -11.11 -13.69
C GLU B 186 31.51 -10.44 -13.38
N TYR B 187 30.68 -11.10 -12.58
CA TYR B 187 29.36 -10.56 -12.21
C TYR B 187 29.40 -9.85 -10.86
N THR B 188 30.60 -9.75 -10.29
CA THR B 188 30.82 -9.14 -8.98
C THR B 188 30.98 -7.62 -9.05
N THR B 189 30.21 -6.91 -8.23
CA THR B 189 30.32 -5.46 -8.14
C THR B 189 31.43 -5.04 -7.19
N ASP B 195 30.63 -3.44 8.98
CA ASP B 195 30.53 -2.39 7.98
C ASP B 195 29.18 -1.70 8.06
N ARG B 196 28.10 -2.48 8.00
CA ARG B 196 26.74 -1.94 8.11
C ARG B 196 25.88 -2.77 9.06
N PRO B 197 24.85 -2.14 9.65
CA PRO B 197 23.91 -2.77 10.58
C PRO B 197 22.95 -3.73 9.90
N LEU B 198 23.21 -5.04 10.02
CA LEU B 198 22.35 -6.05 9.40
C LEU B 198 20.89 -5.85 9.80
N TYR B 199 20.06 -5.69 8.77
CA TYR B 199 18.63 -5.40 8.96
C TYR B 199 17.85 -6.49 8.22
N ILE B 200 17.09 -7.28 8.96
CA ILE B 200 16.41 -8.44 8.40
C ILE B 200 14.89 -8.47 8.59
N PHE B 201 14.20 -9.07 7.61
CA PHE B 201 12.78 -9.43 7.75
C PHE B 201 12.73 -10.93 7.87
N LEU B 202 11.92 -11.44 8.80
CA LEU B 202 11.89 -12.87 9.06
C LEU B 202 10.45 -13.37 9.14
N ASN B 203 10.15 -14.41 8.37
CA ASN B 203 8.94 -15.19 8.58
C ASN B 203 9.35 -16.56 9.08
N ILE B 204 8.75 -17.00 10.17
CA ILE B 204 9.09 -18.29 10.76
C ILE B 204 7.85 -19.15 10.90
N GLY B 205 7.97 -20.40 10.49
CA GLY B 205 6.88 -21.35 10.64
C GLY B 205 7.38 -22.63 11.26
N TRP B 206 6.46 -23.46 11.76
CA TRP B 206 6.84 -24.72 12.38
C TRP B 206 5.75 -25.77 12.28
N ALA B 207 6.13 -27.02 12.47
CA ALA B 207 5.18 -28.12 12.37
C ALA B 207 5.31 -29.02 13.60
N TYR B 208 4.17 -29.52 14.08
CA TYR B 208 4.13 -30.35 15.27
C TYR B 208 4.27 -31.83 14.94
N GLU B 209 4.90 -32.59 15.83
CA GLU B 209 4.94 -34.04 15.68
C GLU B 209 3.53 -34.58 15.88
N ASN B 210 2.93 -34.20 16.99
CA ASN B 210 1.54 -34.52 17.27
CA ASN B 210 1.53 -34.53 17.28
C ASN B 210 0.67 -33.28 17.09
N GLN B 211 -0.11 -33.28 16.02
CA GLN B 211 -0.87 -32.10 15.62
C GLN B 211 -1.89 -31.61 16.66
N ASP B 212 -2.29 -32.48 17.58
CA ASP B 212 -3.23 -32.09 18.62
C ASP B 212 -2.63 -31.10 19.62
N ASP B 213 -1.31 -31.05 19.70
CA ASP B 213 -0.60 -30.11 20.56
C ASP B 213 -0.90 -28.66 20.20
N ALA B 214 -1.30 -28.44 18.95
CA ALA B 214 -1.57 -27.08 18.47
C ALA B 214 -2.93 -26.55 18.96
N LYS B 215 -3.75 -27.44 19.49
CA LYS B 215 -5.08 -27.07 19.98
C LYS B 215 -4.98 -26.33 21.31
N GLY B 216 -3.87 -26.52 22.00
CA GLY B 216 -3.64 -25.83 23.26
C GLY B 216 -4.36 -26.47 24.44
N ASP B 217 -4.85 -27.69 24.23
CA ASP B 217 -5.50 -28.43 25.31
C ASP B 217 -4.56 -28.69 26.49
N ASN B 218 -3.29 -28.91 26.17
CA ASN B 218 -2.23 -28.94 27.18
C ASN B 218 -1.17 -27.89 26.85
N PRO B 219 -1.30 -26.70 27.43
CA PRO B 219 -0.50 -25.51 27.13
C PRO B 219 1.01 -25.70 27.24
N ALA B 220 1.46 -26.66 28.04
CA ALA B 220 2.89 -26.93 28.16
C ALA B 220 3.43 -27.46 26.84
N ASN B 221 2.53 -28.00 26.03
CA ASN B 221 2.89 -28.51 24.71
C ASN B 221 2.56 -27.56 23.56
N TYR B 222 1.95 -26.42 23.88
CA TYR B 222 1.66 -25.44 22.84
C TYR B 222 2.84 -24.50 22.62
N VAL B 223 3.24 -24.33 21.37
CA VAL B 223 4.33 -23.43 21.04
C VAL B 223 3.78 -22.08 20.59
N ALA B 224 3.92 -21.07 21.44
CA ALA B 224 3.41 -19.74 21.13
C ALA B 224 4.38 -19.01 20.21
N ALA B 225 3.82 -18.38 19.17
CA ALA B 225 4.61 -17.62 18.21
C ALA B 225 5.45 -16.54 18.91
N GLU B 226 4.91 -16.01 20.00
CA GLU B 226 5.61 -14.99 20.77
C GLU B 226 6.93 -15.51 21.35
N GLN B 227 6.95 -16.77 21.78
CA GLN B 227 8.16 -17.40 22.28
C GLN B 227 9.20 -17.57 21.18
N VAL B 228 8.74 -18.03 20.01
CA VAL B 228 9.60 -18.21 18.84
C VAL B 228 10.25 -16.90 18.42
N ARG B 229 9.45 -15.85 18.42
CA ARG B 229 9.92 -14.50 18.10
C ARG B 229 11.03 -14.10 19.08
N ASP B 230 10.80 -14.38 20.36
CA ASP B 230 11.78 -14.05 21.39
C ASP B 230 13.07 -14.87 21.25
N ILE B 231 12.93 -16.11 20.80
CA ILE B 231 14.09 -16.94 20.51
C ILE B 231 14.90 -16.33 19.38
N ALA B 232 14.20 -15.99 18.30
CA ALA B 232 14.83 -15.38 17.14
C ALA B 232 15.58 -14.11 17.52
N ALA B 233 14.92 -13.25 18.28
CA ALA B 233 15.54 -12.01 18.73
C ALA B 233 16.78 -12.27 19.58
N SER B 234 16.69 -13.25 20.47
CA SER B 234 17.79 -13.58 21.37
C SER B 234 19.02 -14.14 20.66
N VAL B 235 18.79 -15.06 19.73
CA VAL B 235 19.88 -15.64 18.94
C VAL B 235 20.53 -14.56 18.06
N PHE B 236 19.71 -13.72 17.45
CA PHE B 236 20.18 -12.59 16.65
C PHE B 236 21.09 -11.69 17.48
N HIS B 237 20.66 -11.43 18.71
CA HIS B 237 21.39 -10.58 19.64
C HIS B 237 22.76 -11.17 20.02
N THR B 238 22.77 -12.46 20.33
CA THR B 238 23.95 -13.11 20.90
C THR B 238 24.97 -13.60 19.86
N LEU B 239 24.48 -14.15 18.76
CA LEU B 239 25.34 -14.79 17.76
C LEU B 239 26.13 -13.82 16.88
N ASP B 240 27.40 -14.14 16.67
CA ASP B 240 28.21 -13.45 15.68
C ASP B 240 27.98 -14.18 14.35
N ASN B 241 27.03 -13.70 13.56
CA ASN B 241 26.62 -14.42 12.36
C ASN B 241 27.53 -14.17 11.16
N LYS B 242 27.58 -15.15 10.26
CA LYS B 242 28.45 -15.08 9.09
C LYS B 242 27.64 -14.82 7.83
N SER B 243 26.32 -14.89 7.98
CA SER B 243 25.36 -14.66 6.90
C SER B 243 23.98 -14.82 7.52
N ILE B 244 22.96 -14.45 6.76
CA ILE B 244 21.58 -14.67 7.19
C ILE B 244 21.28 -16.16 7.17
N GLN B 245 21.85 -16.85 6.19
CA GLN B 245 21.75 -18.31 6.10
C GLN B 245 22.24 -18.96 7.40
N HIS B 246 23.42 -18.53 7.83
CA HIS B 246 24.03 -19.03 9.06
C HIS B 246 23.18 -18.69 10.28
N LEU B 247 22.64 -17.49 10.29
CA LEU B 247 21.81 -17.03 11.41
C LEU B 247 20.54 -17.87 11.59
N ILE B 248 19.80 -18.08 10.50
CA ILE B 248 18.54 -18.80 10.58
C ILE B 248 18.69 -20.29 10.89
N TYR B 249 19.86 -20.84 10.57
CA TYR B 249 20.16 -22.22 10.94
C TYR B 249 20.21 -22.35 12.46
N HIS B 250 20.86 -21.39 13.11
CA HIS B 250 20.99 -21.41 14.57
C HIS B 250 19.70 -21.03 15.31
N ILE B 251 18.93 -20.10 14.74
CA ILE B 251 17.61 -19.80 15.26
C ILE B 251 16.78 -21.08 15.24
N GLY B 252 16.82 -21.77 14.09
CA GLY B 252 16.11 -23.03 13.93
C GLY B 252 16.53 -24.10 14.92
N LEU B 253 17.83 -24.27 15.10
CA LEU B 253 18.37 -25.23 16.06
C LEU B 253 17.85 -24.91 17.47
N THR B 254 17.90 -23.63 17.84
CA THR B 254 17.49 -23.21 19.16
C THR B 254 16.00 -23.47 19.42
N ILE B 255 15.16 -23.14 18.44
CA ILE B 255 13.73 -23.40 18.54
C ILE B 255 13.45 -24.90 18.72
N LEU B 256 14.09 -25.72 17.89
CA LEU B 256 13.96 -27.17 17.99
C LEU B 256 14.46 -27.67 19.34
N ASP B 257 15.46 -27.01 19.89
CA ASP B 257 16.03 -27.39 21.18
C ASP B 257 15.04 -27.13 22.31
N ARG B 258 14.37 -25.98 22.24
CA ARG B 258 13.40 -25.59 23.26
C ARG B 258 12.11 -26.37 23.10
N PHE B 259 11.80 -26.78 21.88
CA PHE B 259 10.53 -27.42 21.61
C PHE B 259 10.73 -28.74 20.88
N PRO B 260 11.05 -29.81 21.63
CA PRO B 260 11.30 -31.12 21.02
C PRO B 260 10.04 -31.71 20.38
N GLN B 261 8.88 -31.16 20.70
CA GLN B 261 7.63 -31.64 20.10
C GLN B 261 7.43 -31.16 18.66
N LEU B 262 8.34 -30.30 18.19
CA LEU B 262 8.32 -29.85 16.80
C LEU B 262 9.19 -30.74 15.92
N THR B 263 8.70 -31.05 14.73
CA THR B 263 9.48 -31.83 13.77
C THR B 263 10.35 -30.95 12.90
N GLU B 264 9.88 -29.73 12.64
CA GLU B 264 10.58 -28.84 11.72
C GLU B 264 10.25 -27.37 11.95
N VAL B 265 11.23 -26.51 11.70
CA VAL B 265 11.04 -25.06 11.70
C VAL B 265 11.57 -24.51 10.38
N ASN B 266 10.79 -23.66 9.71
CA ASN B 266 11.22 -23.09 8.43
C ASN B 266 11.29 -21.57 8.41
N PHE B 267 12.06 -21.05 7.47
CA PHE B 267 12.36 -19.62 7.40
C PHE B 267 12.17 -19.03 6.01
N GLY B 268 11.65 -17.81 5.97
CA GLY B 268 11.65 -16.97 4.78
C GLY B 268 12.15 -15.60 5.20
N THR B 269 13.26 -15.17 4.63
CA THR B 269 13.95 -13.97 5.07
C THR B 269 14.10 -12.92 3.98
N ASN B 270 14.31 -11.68 4.36
CA ASN B 270 14.74 -10.64 3.44
C ASN B 270 15.93 -9.92 4.05
N ASN B 271 16.92 -9.60 3.23
CA ASN B 271 18.00 -8.72 3.67
C ASN B 271 17.66 -7.30 3.25
N ARG B 272 17.49 -6.42 4.23
CA ARG B 272 17.12 -5.04 3.93
C ARG B 272 18.15 -4.11 4.56
N THR B 273 19.42 -4.47 4.45
CA THR B 273 20.50 -3.68 5.04
C THR B 273 20.67 -2.35 4.30
N TRP B 274 20.84 -1.28 5.08
CA TRP B 274 21.04 0.08 4.55
C TRP B 274 22.34 0.24 3.79
N ASP B 275 22.41 1.28 2.97
CA ASP B 275 23.66 1.70 2.35
C ASP B 275 24.36 2.74 3.21
N THR B 276 25.69 2.66 3.31
CA THR B 276 26.46 3.68 4.03
C THR B 276 26.59 4.96 3.20
N VAL B 277 26.35 6.10 3.84
CA VAL B 277 26.53 7.38 3.18
C VAL B 277 27.69 8.16 3.80
N VAL B 278 27.74 8.17 5.12
CA VAL B 278 28.87 8.74 5.84
C VAL B 278 29.36 7.69 6.82
N GLU B 279 30.60 7.26 6.64
CA GLU B 279 31.20 6.22 7.46
C GLU B 279 31.49 6.83 8.84
N GLY B 280 31.33 6.04 9.89
CA GLY B 280 31.55 6.51 11.25
C GLY B 280 33.00 6.82 11.50
N THR B 281 33.29 7.56 12.57
CA THR B 281 34.66 7.95 12.85
C THR B 281 35.29 6.95 13.81
N ASP B 282 34.44 6.30 14.59
CA ASP B 282 34.87 5.16 15.39
C ASP B 282 33.72 4.17 15.49
N GLY B 283 33.72 3.17 14.63
CA GLY B 283 32.60 2.25 14.58
C GLY B 283 31.43 2.91 13.87
N PHE B 284 30.27 2.85 14.51
CA PHE B 284 29.07 3.48 13.96
C PHE B 284 28.78 4.80 14.66
N LYS B 285 29.73 5.29 15.44
CA LYS B 285 29.56 6.57 16.10
C LYS B 285 29.85 7.65 15.06
N GLY B 286 28.80 8.38 14.70
CA GLY B 286 28.91 9.44 13.71
C GLY B 286 28.52 8.95 12.32
N ALA B 287 28.07 7.70 12.22
CA ALA B 287 27.74 7.11 10.93
C ALA B 287 26.35 7.53 10.43
N VAL B 288 26.22 7.61 9.11
CA VAL B 288 24.93 7.93 8.48
C VAL B 288 24.62 6.90 7.40
N PHE B 289 23.40 6.37 7.41
CA PHE B 289 22.95 5.42 6.41
C PHE B 289 21.71 5.90 5.68
N THR B 290 21.36 5.23 4.58
CA THR B 290 20.14 5.52 3.85
C THR B 290 19.58 4.23 3.27
N GLU B 291 18.38 4.30 2.71
CA GLU B 291 17.78 3.13 2.09
C GLU B 291 18.50 2.76 0.80
N PRO B 292 18.65 1.45 0.56
CA PRO B 292 19.35 0.97 -0.65
C PRO B 292 18.43 0.98 -1.86
N ARG B 293 18.95 0.61 -3.02
CA ARG B 293 18.10 0.36 -4.17
C ARG B 293 17.16 -0.80 -3.82
N PRO B 294 16.03 -0.92 -4.52
CA PRO B 294 15.02 -1.93 -4.17
C PRO B 294 15.43 -3.40 -4.04
N PRO B 295 16.39 -3.90 -4.85
CA PRO B 295 16.64 -5.35 -4.75
C PRO B 295 17.00 -5.83 -3.35
N PHE B 296 16.44 -6.97 -2.96
CA PHE B 296 16.67 -7.52 -1.64
C PHE B 296 17.05 -8.99 -1.71
N GLY B 297 18.02 -9.40 -0.91
CA GLY B 297 18.37 -10.79 -0.80
C GLY B 297 17.30 -11.52 0.00
N PHE B 298 17.05 -12.78 -0.36
CA PHE B 298 16.11 -13.58 0.41
C PHE B 298 16.61 -15.01 0.59
N GLN B 299 16.15 -15.65 1.66
CA GLN B 299 16.49 -17.04 1.93
C GLN B 299 15.26 -17.85 2.32
N GLY B 300 15.27 -19.11 1.93
CA GLY B 300 14.25 -20.06 2.35
C GLY B 300 14.98 -21.29 2.85
N PHE B 301 14.55 -21.81 4.00
CA PHE B 301 15.29 -22.88 4.65
C PHE B 301 14.45 -23.59 5.70
N SER B 302 14.65 -24.91 5.83
CA SER B 302 13.99 -25.66 6.89
C SER B 302 15.01 -26.39 7.76
N VAL B 303 14.78 -26.35 9.07
CA VAL B 303 15.65 -27.02 10.02
C VAL B 303 14.84 -28.11 10.71
N HIS B 304 15.46 -29.27 10.93
CA HIS B 304 14.76 -30.43 11.45
C HIS B 304 15.45 -31.00 12.68
N GLN B 305 14.72 -31.76 13.48
CA GLN B 305 15.27 -32.35 14.70
C GLN B 305 16.55 -33.14 14.46
N GLU B 306 16.62 -33.82 13.31
CA GLU B 306 17.82 -34.57 12.94
C GLU B 306 19.05 -33.67 12.82
N ASP B 307 18.84 -32.44 12.38
CA ASP B 307 19.92 -31.45 12.33
C ASP B 307 20.43 -31.11 13.74
N LEU B 308 19.49 -30.95 14.68
CA LEU B 308 19.84 -30.65 16.06
C LEU B 308 20.62 -31.78 16.71
N ALA B 309 20.18 -33.01 16.46
CA ALA B 309 20.87 -34.19 16.97
C ALA B 309 22.29 -34.27 16.44
N ARG B 310 22.46 -33.88 15.17
CA ARG B 310 23.76 -33.86 14.52
C ARG B 310 24.74 -32.88 15.13
N GLU B 311 24.26 -31.67 15.41
CA GLU B 311 25.10 -30.65 15.99
C GLU B 311 25.52 -31.05 17.41
N LYS B 312 24.57 -31.55 18.18
CA LYS B 312 24.83 -31.94 19.56
C LYS B 312 25.85 -33.07 19.67
N ALA B 313 25.96 -33.87 18.62
CA ALA B 313 26.89 -34.98 18.62
C ALA B 313 28.22 -34.65 17.94
N SER B 314 28.30 -33.47 17.31
CA SER B 314 29.52 -33.09 16.60
C SER B 314 30.47 -32.31 17.49
N ALA B 315 31.75 -32.72 17.47
CA ALA B 315 32.78 -32.04 18.23
C ALA B 315 33.10 -30.71 17.57
N ASN B 316 32.78 -30.60 16.28
CA ASN B 316 33.10 -29.39 15.51
C ASN B 316 31.97 -28.37 15.48
N SER B 317 30.87 -28.68 16.14
CA SER B 317 29.71 -27.80 16.22
C SER B 317 29.94 -26.49 16.96
N GLU B 318 29.28 -25.43 16.51
CA GLU B 318 29.38 -24.13 17.15
C GLU B 318 28.07 -23.76 17.85
N TYR B 319 27.09 -24.66 17.80
CA TYR B 319 25.80 -24.39 18.40
C TYR B 319 25.85 -24.31 19.91
N VAL B 320 25.39 -23.17 20.44
CA VAL B 320 25.30 -22.95 21.88
C VAL B 320 23.94 -22.33 22.22
N ALA B 321 23.34 -22.81 23.29
CA ALA B 321 22.07 -22.25 23.77
C ALA B 321 22.21 -21.86 25.24
N LEU B 322 21.37 -20.94 25.69
CA LEU B 322 21.35 -20.54 27.10
C LEU B 322 21.06 -21.73 28.00
N LYS B 323 21.65 -21.74 29.18
CA LYS B 323 21.50 -22.85 30.12
C LYS B 323 20.15 -22.78 30.83
N ALA C 1 -12.00 33.67 15.48
CA ALA C 1 -12.04 32.84 14.28
C ALA C 1 -10.67 32.24 13.98
N GLU C 2 -10.00 31.76 15.03
CA GLU C 2 -8.64 31.27 14.89
C GLU C 2 -8.55 29.76 15.13
N ARG C 3 -9.56 29.20 15.78
CA ARG C 3 -9.56 27.77 16.08
C ARG C 3 -9.82 26.87 14.88
N THR C 4 -9.16 25.72 14.86
CA THR C 4 -9.45 24.68 13.88
C THR C 4 -10.68 23.92 14.41
N MET C 5 -11.71 23.79 13.58
CA MET C 5 -12.90 23.07 14.01
C MET C 5 -13.75 22.57 12.86
N PHE C 6 -13.79 21.26 12.69
CA PHE C 6 -14.63 20.63 11.70
C PHE C 6 -14.78 19.15 12.01
N TYR C 7 -15.80 18.53 11.43
CA TYR C 7 -15.97 17.08 11.54
C TYR C 7 -16.73 16.60 10.32
N GLY C 8 -16.61 15.33 10.00
CA GLY C 8 -17.26 14.82 8.82
C GLY C 8 -17.06 13.34 8.57
N LYS C 9 -17.21 12.95 7.31
CA LYS C 9 -17.11 11.55 6.94
C LYS C 9 -16.17 11.39 5.75
N GLY C 10 -15.21 10.48 5.87
CA GLY C 10 -14.27 10.23 4.79
C GLY C 10 -14.54 8.88 4.16
N ASP C 11 -13.89 8.62 3.03
CA ASP C 11 -14.10 7.39 2.26
C ASP C 11 -15.58 7.11 1.97
N VAL C 12 -16.32 8.17 1.60
CA VAL C 12 -17.71 8.00 1.21
C VAL C 12 -17.78 7.61 -0.26
N TYR C 13 -17.71 6.32 -0.53
CA TYR C 13 -17.79 5.83 -1.90
C TYR C 13 -19.19 5.97 -2.45
N VAL C 14 -19.30 6.69 -3.55
CA VAL C 14 -20.59 6.96 -4.18
C VAL C 14 -20.51 6.64 -5.67
N PHE C 15 -21.26 5.63 -6.09
CA PHE C 15 -21.23 5.19 -7.49
C PHE C 15 -22.60 5.31 -8.16
N ARG C 16 -22.78 6.40 -8.90
CA ARG C 16 -24.00 6.62 -9.67
C ARG C 16 -23.89 6.01 -11.06
N THR C 17 -24.90 5.25 -11.47
CA THR C 17 -24.92 4.70 -12.82
C THR C 17 -25.84 5.51 -13.72
N TYR C 18 -25.46 5.61 -14.99
CA TYR C 18 -26.22 6.36 -16.00
C TYR C 18 -26.55 7.81 -15.61
N ALA C 19 -25.51 8.55 -15.22
CA ALA C 19 -25.62 9.99 -15.03
C ALA C 19 -25.70 10.66 -16.40
N ASN C 20 -26.15 11.90 -16.44
CA ASN C 20 -26.19 12.65 -17.69
C ASN C 20 -24.79 12.79 -18.27
N PRO C 21 -24.66 12.50 -19.58
CA PRO C 21 -23.35 12.51 -20.22
C PRO C 21 -22.78 13.91 -20.38
N LEU C 22 -21.46 14.04 -20.32
CA LEU C 22 -20.78 15.29 -20.61
C LEU C 22 -20.41 15.32 -22.08
N LYS C 23 -21.02 16.23 -22.84
CA LYS C 23 -20.74 16.32 -24.26
C LYS C 23 -20.75 17.76 -24.75
N GLY C 24 -20.02 18.02 -25.83
CA GLY C 24 -19.93 19.35 -26.39
C GLY C 24 -18.75 20.13 -25.83
N LEU C 25 -17.69 19.42 -25.48
CA LEU C 25 -16.46 20.04 -24.98
C LEU C 25 -15.72 20.77 -26.10
N LYS C 26 -14.84 21.71 -25.73
CA LYS C 26 -14.06 22.42 -26.75
C LYS C 26 -13.08 21.48 -27.45
N GLN C 27 -13.08 21.52 -28.79
CA GLN C 27 -12.15 20.72 -29.58
C GLN C 27 -10.78 21.39 -29.64
N ILE C 28 -9.74 20.64 -29.30
CA ILE C 28 -8.37 21.16 -29.28
C ILE C 28 -7.35 20.27 -29.98
N PRO C 29 -6.22 20.86 -30.43
CA PRO C 29 -5.20 20.09 -31.16
C PRO C 29 -4.54 18.96 -30.34
N GLU C 30 -4.43 19.12 -29.03
CA GLU C 30 -3.73 18.14 -28.20
C GLU C 30 -4.58 16.92 -27.83
N SER C 31 -5.88 16.97 -28.09
CA SER C 31 -6.78 15.92 -27.60
C SER C 31 -7.93 15.59 -28.55
N ASN C 32 -8.36 14.33 -28.51
CA ASN C 32 -9.55 13.90 -29.22
C ASN C 32 -10.77 13.77 -28.30
N PHE C 33 -10.58 14.10 -27.03
CA PHE C 33 -11.63 13.95 -26.02
C PHE C 33 -12.70 15.03 -26.20
N THR C 34 -13.92 14.61 -26.53
CA THR C 34 -15.01 15.55 -26.76
C THR C 34 -16.21 15.26 -25.87
N GLU C 35 -16.27 14.05 -25.32
CA GLU C 35 -17.40 13.64 -24.49
C GLU C 35 -17.04 12.58 -23.45
N LYS C 36 -17.80 12.55 -22.36
CA LYS C 36 -17.63 11.55 -21.31
C LYS C 36 -19.01 10.98 -20.97
N HIS C 37 -19.24 9.72 -21.36
CA HIS C 37 -20.60 9.16 -21.32
C HIS C 37 -21.23 9.00 -19.94
N ASN C 38 -20.40 8.94 -18.91
CA ASN C 38 -20.88 8.87 -17.53
C ASN C 38 -21.80 7.68 -17.21
N THR C 39 -21.60 6.57 -17.91
CA THR C 39 -22.33 5.34 -17.61
C THR C 39 -22.10 4.95 -16.17
N ILE C 40 -20.86 5.11 -15.71
CA ILE C 40 -20.56 5.06 -14.29
C ILE C 40 -20.01 6.43 -13.88
N PHE C 41 -20.62 7.00 -12.85
CA PHE C 41 -20.22 8.31 -12.35
C PHE C 41 -19.87 8.11 -10.88
N GLY C 42 -18.63 7.68 -10.63
CA GLY C 42 -18.22 7.22 -9.33
C GLY C 42 -17.09 8.02 -8.70
N MET C 43 -17.07 8.06 -7.37
CA MET C 43 -16.07 8.84 -6.65
C MET C 43 -15.90 8.39 -5.20
N ASN C 44 -14.77 8.77 -4.63
CA ASN C 44 -14.54 8.67 -3.20
C ASN C 44 -14.65 10.08 -2.64
N ALA C 45 -15.73 10.35 -1.93
CA ALA C 45 -16.01 11.70 -1.45
C ALA C 45 -15.63 11.87 0.01
N LYS C 46 -15.30 13.10 0.38
CA LYS C 46 -14.98 13.44 1.76
C LYS C 46 -15.67 14.74 2.11
N VAL C 47 -16.53 14.70 3.13
CA VAL C 47 -17.30 15.86 3.52
C VAL C 47 -16.91 16.36 4.91
N ALA C 48 -16.81 17.68 5.03
CA ALA C 48 -16.53 18.30 6.32
C ALA C 48 -17.53 19.41 6.57
N LEU C 49 -18.10 19.44 7.78
CA LEU C 49 -19.01 20.51 8.17
C LEU C 49 -18.29 21.48 9.09
N LYS C 50 -18.54 22.76 8.92
CA LYS C 50 -17.92 23.80 9.74
C LYS C 50 -18.99 24.72 10.30
N GLY C 51 -18.73 25.30 11.46
CA GLY C 51 -19.63 26.29 12.03
C GLY C 51 -19.37 26.53 13.51
N GLU C 52 -19.60 27.76 13.94
CA GLU C 52 -19.40 28.13 15.33
C GLU C 52 -20.29 27.36 16.30
N GLN C 53 -21.50 27.02 15.87
CA GLN C 53 -22.44 26.31 16.75
C GLN C 53 -22.04 24.85 17.02
N LEU C 54 -20.93 24.40 16.43
CA LEU C 54 -20.43 23.06 16.66
C LEU C 54 -19.51 22.99 17.89
N LEU C 55 -19.16 24.15 18.43
CA LEU C 55 -18.18 24.25 19.52
C LEU C 55 -18.50 23.34 20.72
N THR C 56 -19.73 23.40 21.22
CA THR C 56 -20.09 22.65 22.42
C THR C 56 -20.11 21.13 22.22
N SER C 57 -20.14 20.69 20.97
CA SER C 57 -20.05 19.25 20.69
C SER C 57 -18.67 18.75 21.08
N PHE C 58 -17.68 19.63 21.02
CA PHE C 58 -16.35 19.32 21.48
C PHE C 58 -16.17 19.63 22.97
N THR C 59 -16.53 20.84 23.36
CA THR C 59 -16.24 21.33 24.71
C THR C 59 -17.15 20.80 25.79
N GLU C 60 -18.35 20.36 25.40
CA GLU C 60 -19.34 19.93 26.39
C GLU C 60 -19.89 18.53 26.11
N GLY C 61 -19.45 17.93 25.01
CA GLY C 61 -19.95 16.64 24.60
C GLY C 61 -21.43 16.69 24.32
N ASP C 62 -21.89 17.84 23.82
CA ASP C 62 -23.30 18.06 23.54
C ASP C 62 -23.55 17.78 22.06
N ASN C 63 -24.28 16.70 21.78
CA ASN C 63 -24.51 16.27 20.40
C ASN C 63 -25.78 16.85 19.78
N SER C 64 -26.41 17.80 20.47
CA SER C 64 -27.70 18.34 20.06
C SER C 64 -27.75 18.91 18.64
N LEU C 65 -26.68 19.58 18.24
CA LEU C 65 -26.66 20.20 16.92
C LEU C 65 -25.77 19.43 15.95
N VAL C 66 -25.49 18.18 16.29
CA VAL C 66 -24.61 17.34 15.48
C VAL C 66 -25.35 16.49 14.47
N VAL C 67 -25.10 16.75 13.19
CA VAL C 67 -25.52 15.82 12.15
C VAL C 67 -24.52 14.69 12.27
N ALA C 68 -25.00 13.52 12.68
CA ALA C 68 -24.14 12.36 12.84
C ALA C 68 -23.51 12.02 11.48
N THR C 69 -22.27 11.56 11.48
CA THR C 69 -21.52 11.33 10.23
C THR C 69 -22.13 10.30 9.25
N ASP C 70 -22.77 9.27 9.77
CA ASP C 70 -23.49 8.30 8.94
C ASP C 70 -24.61 9.00 8.17
N SER C 71 -25.22 10.02 8.80
CA SER C 71 -26.28 10.79 8.15
C SER C 71 -25.75 11.62 7.00
N MET C 72 -24.51 12.09 7.11
CA MET C 72 -23.88 12.84 6.04
C MET C 72 -23.67 11.92 4.85
N LYS C 73 -23.26 10.70 5.13
CA LYS C 73 -23.07 9.69 4.10
C LYS C 73 -24.36 9.40 3.35
N ASN C 74 -25.44 9.15 4.09
CA ASN C 74 -26.74 8.93 3.48
C ASN C 74 -27.18 10.13 2.64
N PHE C 75 -26.96 11.31 3.19
CA PHE C 75 -27.32 12.56 2.53
C PHE C 75 -26.64 12.67 1.17
N ILE C 76 -25.34 12.39 1.14
CA ILE C 76 -24.57 12.47 -0.09
C ILE C 76 -25.02 11.41 -1.11
N GLN C 77 -25.20 10.18 -0.64
CA GLN C 77 -25.60 9.07 -1.51
C GLN C 77 -26.97 9.29 -2.14
N ARG C 78 -27.88 9.89 -1.39
CA ARG C 78 -29.22 10.17 -1.89
C ARG C 78 -29.20 11.28 -2.93
N HIS C 79 -28.32 12.25 -2.73
CA HIS C 79 -28.18 13.35 -3.68
C HIS C 79 -27.46 12.94 -4.95
N ALA C 80 -26.72 11.84 -4.90
CA ALA C 80 -26.08 11.29 -6.08
C ALA C 80 -27.13 10.75 -7.03
N ALA C 81 -28.26 10.32 -6.46
CA ALA C 81 -29.35 9.76 -7.23
C ALA C 81 -30.15 10.84 -7.94
N SER C 82 -30.22 12.02 -7.31
CA SER C 82 -31.05 13.11 -7.83
C SER C 82 -30.30 14.13 -8.69
N TYR C 83 -28.97 14.13 -8.58
CA TYR C 83 -28.14 15.05 -9.35
C TYR C 83 -28.36 14.85 -10.86
N GLU C 84 -28.60 15.95 -11.56
CA GLU C 84 -28.97 15.90 -12.97
C GLU C 84 -27.88 16.44 -13.90
N GLY C 85 -26.74 16.80 -13.32
CA GLY C 85 -25.64 17.37 -14.08
C GLY C 85 -24.65 16.35 -14.61
N ALA C 86 -23.53 16.82 -15.16
CA ALA C 86 -22.57 15.93 -15.82
C ALA C 86 -21.12 16.07 -15.33
N THR C 87 -20.87 16.92 -14.33
CA THR C 87 -19.50 17.14 -13.84
C THR C 87 -19.34 16.87 -12.34
N LEU C 88 -18.10 16.60 -11.94
CA LEU C 88 -17.77 16.36 -10.54
C LEU C 88 -17.94 17.63 -9.70
N GLU C 89 -17.46 18.76 -10.24
CA GLU C 89 -17.58 20.04 -9.55
C GLU C 89 -19.04 20.43 -9.32
N GLY C 90 -19.87 20.20 -10.34
CA GLY C 90 -21.28 20.51 -10.23
C GLY C 90 -21.97 19.69 -9.18
N PHE C 91 -21.63 18.41 -9.09
CA PHE C 91 -22.21 17.55 -8.05
C PHE C 91 -21.82 18.00 -6.65
N LEU C 92 -20.54 18.31 -6.45
CA LEU C 92 -20.05 18.72 -5.14
C LEU C 92 -20.67 20.04 -4.67
N GLN C 93 -20.79 21.01 -5.58
CA GLN C 93 -21.40 22.28 -5.23
C GLN C 93 -22.89 22.06 -4.92
N TYR C 94 -23.49 21.15 -5.67
CA TYR C 94 -24.88 20.76 -5.46
C TYR C 94 -25.10 20.18 -4.06
N VAL C 95 -24.20 19.32 -3.62
CA VAL C 95 -24.31 18.72 -2.30
C VAL C 95 -24.04 19.73 -1.20
N CYS C 96 -22.99 20.53 -1.36
CA CYS C 96 -22.65 21.58 -0.40
C CYS C 96 -23.83 22.52 -0.13
N GLU C 97 -24.46 22.98 -1.20
CA GLU C 97 -25.58 23.91 -1.08
C GLU C 97 -26.80 23.25 -0.45
N ALA C 98 -27.00 21.97 -0.74
CA ALA C 98 -28.11 21.23 -0.17
C ALA C 98 -27.97 21.09 1.35
N PHE C 99 -26.76 20.77 1.81
CA PHE C 99 -26.46 20.70 3.23
C PHE C 99 -26.79 22.00 3.95
N LEU C 100 -26.32 23.11 3.40
CA LEU C 100 -26.54 24.44 4.00
C LEU C 100 -28.02 24.80 4.05
N ALA C 101 -28.77 24.37 3.03
CA ALA C 101 -30.21 24.62 3.00
C ALA C 101 -30.94 23.79 4.05
N LYS C 102 -30.43 22.58 4.29
CA LYS C 102 -31.07 21.65 5.23
C LYS C 102 -30.76 22.01 6.70
N TYR C 103 -29.50 22.33 6.98
CA TYR C 103 -29.07 22.58 8.35
C TYR C 103 -28.64 24.04 8.57
N SER C 104 -29.55 24.83 9.11
CA SER C 104 -29.35 26.28 9.28
C SER C 104 -28.24 26.64 10.25
N HIS C 105 -27.88 25.70 11.12
CA HIS C 105 -26.86 25.97 12.12
C HIS C 105 -25.46 25.80 11.53
N LEU C 106 -25.40 25.34 10.28
CA LEU C 106 -24.12 25.21 9.60
C LEU C 106 -23.66 26.52 8.95
N ASP C 107 -22.35 26.78 9.04
CA ASP C 107 -21.78 27.98 8.43
C ASP C 107 -21.12 27.67 7.09
N ALA C 108 -20.56 26.47 6.97
CA ALA C 108 -19.85 26.07 5.75
C ALA C 108 -19.73 24.56 5.61
N VAL C 109 -19.70 24.10 4.36
CA VAL C 109 -19.55 22.68 4.05
C VAL C 109 -18.46 22.50 2.98
N ARG C 110 -17.57 21.55 3.21
CA ARG C 110 -16.47 21.27 2.28
C ARG C 110 -16.57 19.86 1.72
N LEU C 111 -16.52 19.75 0.39
CA LEU C 111 -16.52 18.44 -0.25
C LEU C 111 -15.27 18.23 -1.09
N GLU C 112 -14.57 17.13 -0.83
CA GLU C 112 -13.44 16.72 -1.63
C GLU C 112 -13.76 15.36 -2.23
N ALA C 113 -13.37 15.15 -3.48
CA ALA C 113 -13.66 13.89 -4.14
C ALA C 113 -12.54 13.45 -5.07
N LYS C 114 -12.28 12.15 -5.06
CA LYS C 114 -11.37 11.54 -6.03
C LYS C 114 -12.20 10.60 -6.88
N GLU C 115 -12.14 10.80 -8.19
CA GLU C 115 -12.86 9.94 -9.14
C GLU C 115 -12.54 8.46 -8.94
N TYR C 116 -13.57 7.62 -9.04
CA TYR C 116 -13.45 6.17 -9.04
C TYR C 116 -13.48 5.79 -10.52
N ALA C 117 -12.32 5.76 -11.15
CA ALA C 117 -12.22 5.81 -12.62
C ALA C 117 -12.41 4.46 -13.33
N PHE C 118 -13.06 4.51 -14.49
CA PHE C 118 -13.27 3.33 -15.35
C PHE C 118 -12.85 3.57 -16.79
N ASP C 119 -12.35 2.54 -17.45
CA ASP C 119 -11.94 2.62 -18.85
C ASP C 119 -12.93 1.89 -19.76
N ASP C 120 -13.19 2.48 -20.93
CA ASP C 120 -13.90 1.80 -21.99
C ASP C 120 -12.96 0.74 -22.57
N ILE C 121 -13.50 -0.40 -22.99
CA ILE C 121 -12.67 -1.47 -23.53
C ILE C 121 -13.16 -2.03 -24.86
N GLN C 122 -12.27 -2.75 -25.55
CA GLN C 122 -12.59 -3.39 -26.82
C GLN C 122 -12.98 -4.85 -26.62
N VAL C 123 -14.10 -5.25 -27.19
CA VAL C 123 -14.56 -6.64 -27.09
C VAL C 123 -14.86 -7.20 -28.49
N GLY C 124 -14.63 -8.50 -28.65
CA GLY C 124 -14.96 -9.17 -29.89
C GLY C 124 -16.42 -9.54 -30.01
N THR C 125 -17.02 -9.20 -31.15
CA THR C 125 -18.40 -9.57 -31.45
C THR C 125 -18.50 -10.13 -32.86
N ASP C 126 -19.69 -10.59 -33.24
CA ASP C 126 -19.93 -11.10 -34.58
C ASP C 126 -19.84 -10.01 -35.64
N LYS C 127 -19.90 -8.76 -35.19
CA LYS C 127 -19.77 -7.61 -36.10
C LYS C 127 -18.36 -7.04 -35.98
N GLY C 128 -17.49 -7.80 -35.33
CA GLY C 128 -16.10 -7.39 -35.17
C GLY C 128 -15.79 -6.84 -33.79
N VAL C 129 -14.59 -6.29 -33.65
CA VAL C 129 -14.12 -5.73 -32.39
C VAL C 129 -14.63 -4.31 -32.17
N VAL C 130 -15.44 -4.12 -31.13
CA VAL C 130 -16.03 -2.81 -30.85
C VAL C 130 -15.88 -2.41 -29.39
N THR C 131 -16.21 -1.17 -29.08
CA THR C 131 -16.23 -0.70 -27.69
C THR C 131 -17.44 -1.26 -26.99
N SER C 132 -17.22 -1.90 -25.85
CA SER C 132 -18.33 -2.44 -25.07
C SER C 132 -19.12 -1.33 -24.38
N ASP C 133 -20.43 -1.48 -24.33
CA ASP C 133 -21.29 -0.55 -23.60
C ASP C 133 -21.77 -1.16 -22.28
N LEU C 134 -21.25 -2.34 -21.96
CA LEU C 134 -21.65 -3.07 -20.74
C LEU C 134 -20.48 -3.31 -19.82
N VAL C 135 -19.31 -3.57 -20.40
CA VAL C 135 -18.15 -3.97 -19.59
C VAL C 135 -17.09 -2.88 -19.59
N PHE C 136 -16.66 -2.52 -18.38
CA PHE C 136 -15.70 -1.45 -18.20
C PHE C 136 -14.58 -1.91 -17.29
N ARG C 137 -13.39 -1.38 -17.52
CA ARG C 137 -12.23 -1.70 -16.71
C ARG C 137 -12.00 -0.66 -15.63
N LYS C 138 -11.80 -1.11 -14.39
CA LYS C 138 -11.42 -0.21 -13.33
C LYS C 138 -10.00 0.28 -13.55
N SER C 139 -9.84 1.59 -13.71
CA SER C 139 -8.52 2.17 -13.93
C SER C 139 -7.82 2.53 -12.63
N ARG C 140 -6.57 2.10 -12.49
CA ARG C 140 -5.75 2.48 -11.35
C ARG C 140 -4.72 3.51 -11.77
N ASN C 141 -4.97 4.13 -12.92
CA ASN C 141 -4.09 5.19 -13.42
C ASN C 141 -4.57 6.55 -12.94
N GLU C 142 -4.38 7.58 -13.76
CA GLU C 142 -4.75 8.94 -13.37
C GLU C 142 -6.26 9.07 -13.15
N TYR C 143 -6.64 9.98 -12.27
CA TYR C 143 -8.04 10.18 -11.93
C TYR C 143 -8.37 11.65 -11.70
N VAL C 144 -9.63 12.00 -11.94
CA VAL C 144 -10.09 13.38 -11.79
C VAL C 144 -10.28 13.73 -10.32
N THR C 145 -9.97 14.96 -9.96
CA THR C 145 -10.15 15.44 -8.60
C THR C 145 -10.92 16.76 -8.61
N ALA C 146 -11.57 17.07 -7.50
CA ALA C 146 -12.25 18.35 -7.33
C ALA C 146 -12.51 18.64 -5.86
N THR C 147 -12.51 19.91 -5.50
CA THR C 147 -12.86 20.34 -4.16
C THR C 147 -13.78 21.54 -4.25
N VAL C 148 -14.89 21.50 -3.51
CA VAL C 148 -15.78 22.64 -3.40
C VAL C 148 -16.13 22.93 -1.95
N GLU C 149 -15.88 24.17 -1.52
CA GLU C 149 -16.33 24.62 -0.22
C GLU C 149 -17.29 25.81 -0.36
N VAL C 150 -18.44 25.70 0.29
CA VAL C 150 -19.45 26.74 0.24
C VAL C 150 -19.75 27.26 1.64
N ALA C 151 -19.78 28.57 1.80
CA ALA C 151 -20.06 29.16 3.11
C ALA C 151 -21.32 29.99 3.03
N ARG C 152 -21.99 30.13 4.18
CA ARG C 152 -23.23 30.92 4.23
C ARG C 152 -22.89 32.40 4.14
N THR C 153 -23.72 33.15 3.43
CA THR C 153 -23.58 34.61 3.40
C THR C 153 -24.85 35.30 3.84
N ALA C 154 -24.76 36.62 3.97
CA ALA C 154 -25.91 37.44 4.35
C ALA C 154 -27.02 37.38 3.31
N SER C 155 -26.67 37.03 2.07
CA SER C 155 -27.65 37.04 0.99
C SER C 155 -27.91 35.65 0.41
N GLY C 156 -27.19 34.66 0.93
CA GLY C 156 -27.37 33.29 0.46
C GLY C 156 -26.14 32.47 0.80
N THR C 157 -25.51 31.94 -0.24
CA THR C 157 -24.28 31.19 -0.09
C THR C 157 -23.25 31.67 -1.13
N GLU C 158 -21.98 31.40 -0.85
CA GLU C 158 -20.94 31.68 -1.84
C GLU C 158 -19.90 30.56 -1.84
N VAL C 159 -19.29 30.35 -3.00
CA VAL C 159 -18.17 29.42 -3.11
C VAL C 159 -16.91 30.10 -2.59
N VAL C 160 -16.29 29.51 -1.57
CA VAL C 160 -15.08 30.10 -1.00
C VAL C 160 -13.83 29.36 -1.46
N GLU C 161 -14.02 28.15 -1.98
CA GLU C 161 -12.95 27.43 -2.66
C GLU C 161 -13.49 26.51 -3.73
N GLN C 162 -12.82 26.52 -4.87
CA GLN C 162 -13.16 25.62 -5.95
C GLN C 162 -11.87 25.15 -6.60
N ALA C 163 -11.69 23.85 -6.62
CA ALA C 163 -10.50 23.27 -7.24
C ALA C 163 -10.89 22.16 -8.19
N SER C 164 -10.13 22.05 -9.28
CA SER C 164 -10.32 20.99 -10.27
C SER C 164 -8.94 20.45 -10.59
N GLY C 165 -8.84 19.15 -10.82
CA GLY C 165 -7.54 18.59 -11.14
C GLY C 165 -7.49 17.20 -11.72
N ILE C 166 -6.26 16.79 -12.06
CA ILE C 166 -5.97 15.43 -12.48
C ILE C 166 -4.77 14.93 -11.68
N ALA C 167 -4.93 13.77 -11.06
CA ALA C 167 -3.88 13.26 -10.17
C ALA C 167 -3.27 11.99 -10.72
N ASP C 168 -1.99 11.79 -10.41
CA ASP C 168 -1.28 10.54 -10.66
C ASP C 168 -1.08 10.24 -12.14
N ILE C 169 -0.78 11.27 -12.92
CA ILE C 169 -0.29 11.05 -14.27
C ILE C 169 1.15 10.56 -14.16
N GLN C 170 1.43 9.40 -14.72
CA GLN C 170 2.77 8.85 -14.68
C GLN C 170 3.24 8.58 -16.10
N LEU C 171 4.22 9.36 -16.55
CA LEU C 171 4.68 9.28 -17.93
C LEU C 171 6.19 9.12 -18.02
N ILE C 172 6.64 8.31 -18.97
CA ILE C 172 8.06 8.17 -19.24
C ILE C 172 8.41 8.69 -20.62
N LYS C 173 9.54 9.35 -20.71
CA LYS C 173 10.09 9.79 -21.99
C LYS C 173 11.46 9.13 -22.06
N VAL C 174 11.68 8.30 -23.06
CA VAL C 174 12.89 7.48 -23.10
C VAL C 174 14.13 8.32 -23.36
N SER C 175 14.02 9.27 -24.29
CA SER C 175 15.10 10.22 -24.53
C SER C 175 14.52 11.57 -24.92
N GLY C 176 15.33 12.62 -24.87
CA GLY C 176 14.86 13.95 -25.19
C GLY C 176 14.66 14.81 -23.95
N SER C 177 15.52 14.61 -22.97
CA SER C 177 15.45 15.35 -21.70
C SER C 177 16.86 15.52 -21.15
N SER C 178 17.25 16.75 -20.86
CA SER C 178 18.60 17.04 -20.42
C SER C 178 18.64 17.69 -19.05
N PHE C 179 19.69 17.41 -18.29
CA PHE C 179 19.87 18.11 -17.03
C PHE C 179 21.34 18.50 -16.83
N TYR C 180 21.64 19.76 -17.17
CA TYR C 180 22.99 20.30 -17.01
C TYR C 180 22.92 21.76 -16.61
N GLY C 181 24.06 22.33 -16.22
CA GLY C 181 24.17 23.75 -15.95
C GLY C 181 23.90 24.13 -14.51
N TYR C 182 23.57 23.13 -13.70
CA TYR C 182 23.28 23.36 -12.28
C TYR C 182 24.53 23.66 -11.46
N ILE C 183 24.32 24.10 -10.23
CA ILE C 183 25.42 24.46 -9.33
C ILE C 183 26.33 23.27 -9.04
N ILE C 184 27.63 23.47 -9.25
CA ILE C 184 28.61 22.43 -8.96
C ILE C 184 29.50 22.88 -7.80
N ASP C 185 29.33 22.25 -6.64
CA ASP C 185 30.18 22.53 -5.49
C ASP C 185 30.52 21.25 -4.72
N GLU C 186 30.84 21.40 -3.44
CA GLU C 186 31.27 20.27 -2.62
CA GLU C 186 31.28 20.25 -2.67
C GLU C 186 30.16 19.24 -2.41
N TYR C 187 28.91 19.65 -2.62
CA TYR C 187 27.78 18.74 -2.40
C TYR C 187 27.25 18.10 -3.67
N THR C 188 27.82 18.45 -4.82
CA THR C 188 27.34 17.89 -6.08
C THR C 188 28.11 16.62 -6.45
N THR C 189 27.38 15.52 -6.62
CA THR C 189 27.98 14.27 -7.08
C THR C 189 27.40 13.93 -8.45
N LEU C 190 26.22 14.47 -8.71
CA LEU C 190 25.46 14.17 -9.92
C LEU C 190 26.13 14.59 -11.23
N ALA C 191 26.34 13.63 -12.12
CA ALA C 191 26.93 13.89 -13.42
C ALA C 191 25.97 14.73 -14.25
N GLU C 192 26.48 15.71 -14.98
CA GLU C 192 25.65 16.50 -15.88
C GLU C 192 25.33 15.67 -17.11
N ALA C 193 24.09 15.77 -17.58
CA ALA C 193 23.63 14.94 -18.67
C ALA C 193 22.94 15.74 -19.77
N THR C 194 23.24 15.38 -21.01
CA THR C 194 22.57 15.97 -22.16
C THR C 194 21.36 15.14 -22.54
N ASP C 195 21.25 13.96 -21.93
CA ASP C 195 20.15 13.05 -22.21
C ASP C 195 19.88 12.07 -21.08
N ARG C 196 18.71 12.17 -20.46
CA ARG C 196 18.32 11.21 -19.43
C ARG C 196 16.88 10.74 -19.69
N PRO C 197 16.56 9.47 -19.36
CA PRO C 197 15.19 8.97 -19.57
C PRO C 197 14.25 9.48 -18.46
N LEU C 198 13.73 10.69 -18.66
CA LEU C 198 12.84 11.34 -17.70
C LEU C 198 11.51 10.62 -17.40
N TYR C 199 11.27 10.32 -16.12
CA TYR C 199 10.06 9.63 -15.68
C TYR C 199 9.38 10.50 -14.64
N ILE C 200 8.16 10.96 -14.92
CA ILE C 200 7.48 11.91 -14.06
C ILE C 200 6.12 11.48 -13.54
N PHE C 201 5.81 11.91 -12.32
CA PHE C 201 4.46 11.81 -11.78
C PHE C 201 3.95 13.24 -11.72
N LEU C 202 2.70 13.45 -12.14
CA LEU C 202 2.19 14.81 -12.22
C LEU C 202 0.81 14.90 -11.62
N ASN C 203 0.64 15.88 -10.73
CA ASN C 203 -0.69 16.31 -10.33
C ASN C 203 -0.87 17.70 -10.90
N ILE C 204 -1.97 17.92 -11.62
CA ILE C 204 -2.22 19.21 -12.24
C ILE C 204 -3.59 19.73 -11.81
N GLY C 205 -3.64 21.00 -11.42
CA GLY C 205 -4.88 21.62 -11.03
C GLY C 205 -5.11 22.95 -11.73
N TRP C 206 -6.33 23.45 -11.67
CA TRP C 206 -6.67 24.73 -12.30
C TRP C 206 -7.83 25.43 -11.63
N ALA C 207 -7.94 26.73 -11.89
CA ALA C 207 -8.99 27.57 -11.30
C ALA C 207 -9.69 28.35 -12.38
N TYR C 208 -11.01 28.48 -12.25
CA TYR C 208 -11.82 29.17 -13.24
C TYR C 208 -11.94 30.65 -12.91
N GLU C 209 -11.99 31.48 -13.94
CA GLU C 209 -12.26 32.90 -13.75
C GLU C 209 -13.72 33.06 -13.32
N ASN C 210 -14.63 32.42 -14.06
CA ASN C 210 -16.02 32.35 -13.65
C ASN C 210 -16.29 30.94 -13.12
N GLN C 211 -16.52 30.84 -11.81
CA GLN C 211 -16.65 29.54 -11.15
C GLN C 211 -17.82 28.66 -11.61
N ASP C 212 -18.86 29.25 -12.17
CA ASP C 212 -20.00 28.48 -12.69
C ASP C 212 -19.67 27.68 -13.94
N ASP C 213 -18.58 28.05 -14.63
CA ASP C 213 -18.12 27.29 -15.81
C ASP C 213 -17.83 25.85 -15.42
N ALA C 214 -17.56 25.62 -14.14
CA ALA C 214 -17.23 24.29 -13.65
C ALA C 214 -18.45 23.38 -13.51
N LYS C 215 -19.65 23.96 -13.54
CA LYS C 215 -20.88 23.19 -13.42
C LYS C 215 -21.18 22.42 -14.69
N GLY C 216 -20.62 22.88 -15.81
CA GLY C 216 -20.79 22.21 -17.08
C GLY C 216 -22.10 22.47 -17.80
N ASP C 217 -22.84 23.49 -17.35
CA ASP C 217 -24.07 23.90 -18.02
C ASP C 217 -23.79 24.32 -19.47
N ASN C 218 -22.61 24.90 -19.68
CA ASN C 218 -22.11 25.15 -21.04
C ASN C 218 -20.80 24.40 -21.22
N PRO C 219 -20.88 23.17 -21.73
CA PRO C 219 -19.74 22.25 -21.83
C PRO C 219 -18.57 22.86 -22.60
N ALA C 220 -18.85 23.81 -23.47
CA ALA C 220 -17.79 24.48 -24.22
C ALA C 220 -16.90 25.31 -23.31
N ASN C 221 -17.43 25.69 -22.15
CA ASN C 221 -16.65 26.43 -21.16
C ASN C 221 -16.16 25.53 -20.04
N TYR C 222 -16.49 24.24 -20.13
CA TYR C 222 -16.02 23.30 -19.13
C TYR C 222 -14.66 22.75 -19.52
N VAL C 223 -13.72 22.76 -18.58
CA VAL C 223 -12.40 22.21 -18.82
C VAL C 223 -12.32 20.79 -18.25
N ALA C 224 -12.31 19.80 -19.15
CA ALA C 224 -12.24 18.40 -18.74
C ALA C 224 -10.81 18.00 -18.43
N ALA C 225 -10.63 17.32 -17.31
CA ALA C 225 -9.31 16.86 -16.87
C ALA C 225 -8.63 16.01 -17.94
N GLU C 226 -9.42 15.26 -18.70
CA GLU C 226 -8.89 14.42 -19.77
C GLU C 226 -8.16 15.25 -20.83
N GLN C 227 -8.70 16.43 -21.14
CA GLN C 227 -8.05 17.33 -22.09
C GLN C 227 -6.73 17.86 -21.56
N VAL C 228 -6.73 18.26 -20.29
CA VAL C 228 -5.53 18.76 -19.61
C VAL C 228 -4.43 17.69 -19.62
N ARG C 229 -4.83 16.45 -19.34
CA ARG C 229 -3.91 15.32 -19.36
C ARG C 229 -3.30 15.14 -20.75
N ASP C 230 -4.12 15.24 -21.78
CA ASP C 230 -3.65 15.09 -23.15
C ASP C 230 -2.72 16.23 -23.57
N ILE C 231 -2.97 17.42 -23.05
CA ILE C 231 -2.08 18.55 -23.28
C ILE C 231 -0.70 18.30 -22.66
N ALA C 232 -0.70 17.89 -21.39
CA ALA C 232 0.54 17.59 -20.68
C ALA C 232 1.37 16.54 -21.41
N ALA C 233 0.71 15.45 -21.82
CA ALA C 233 1.38 14.38 -22.54
C ALA C 233 1.97 14.89 -23.87
N SER C 234 1.22 15.73 -24.58
CA SER C 234 1.67 16.26 -25.86
C SER C 234 2.89 17.16 -25.72
N VAL C 235 2.86 18.05 -24.73
CA VAL C 235 3.98 18.94 -24.47
C VAL C 235 5.22 18.16 -24.05
N PHE C 236 5.02 17.15 -23.20
CA PHE C 236 6.09 16.26 -22.78
C PHE C 236 6.72 15.58 -24.00
N HIS C 237 5.86 15.15 -24.93
CA HIS C 237 6.30 14.51 -26.16
C HIS C 237 7.14 15.45 -27.04
N THR C 238 6.66 16.68 -27.22
CA THR C 238 7.23 17.59 -28.19
C THR C 238 8.42 18.41 -27.69
N LEU C 239 8.35 18.88 -26.44
CA LEU C 239 9.38 19.78 -25.90
C LEU C 239 10.68 19.07 -25.56
N ASP C 240 11.80 19.67 -25.94
CA ASP C 240 13.10 19.23 -25.44
C ASP C 240 13.33 19.95 -24.13
N ASN C 241 12.99 19.31 -23.03
CA ASN C 241 13.01 19.98 -21.74
C ASN C 241 14.40 20.07 -21.14
N LYS C 242 14.61 21.08 -20.31
CA LYS C 242 15.91 21.32 -19.71
C LYS C 242 15.90 20.91 -18.25
N SER C 243 14.69 20.63 -17.77
CA SER C 243 14.42 20.23 -16.39
C SER C 243 12.92 20.02 -16.30
N ILE C 244 12.44 19.47 -15.19
CA ILE C 244 11.00 19.36 -14.97
C ILE C 244 10.37 20.73 -14.74
N GLN C 245 11.12 21.61 -14.09
CA GLN C 245 10.71 23.01 -13.89
C GLN C 245 10.35 23.65 -15.22
N HIS C 246 11.26 23.50 -16.18
CA HIS C 246 11.09 24.04 -17.51
C HIS C 246 9.89 23.40 -18.21
N LEU C 247 9.74 22.09 -18.05
CA LEU C 247 8.65 21.35 -18.68
C LEU C 247 7.27 21.80 -18.20
N ILE C 248 7.07 21.86 -16.88
CA ILE C 248 5.74 22.18 -16.33
C ILE C 248 5.35 23.63 -16.58
N TYR C 249 6.33 24.50 -16.75
CA TYR C 249 6.04 25.88 -17.13
C TYR C 249 5.38 25.91 -18.50
N HIS C 250 5.90 25.12 -19.43
CA HIS C 250 5.37 25.07 -20.78
C HIS C 250 4.04 24.31 -20.89
N ILE C 251 3.87 23.28 -20.09
CA ILE C 251 2.59 22.59 -19.97
C ILE C 251 1.52 23.59 -19.51
N GLY C 252 1.84 24.34 -18.46
CA GLY C 252 0.94 25.34 -17.91
C GLY C 252 0.56 26.41 -18.92
N LEU C 253 1.56 26.93 -19.63
CA LEU C 253 1.32 27.92 -20.66
C LEU C 253 0.39 27.39 -21.74
N THR C 254 0.62 26.15 -22.16
CA THR C 254 -0.17 25.55 -23.21
C THR C 254 -1.63 25.36 -22.76
N ILE C 255 -1.82 24.91 -21.53
CA ILE C 255 -3.16 24.75 -20.98
C ILE C 255 -3.92 26.08 -20.92
N LEU C 256 -3.26 27.12 -20.40
CA LEU C 256 -3.86 28.45 -20.34
C LEU C 256 -4.19 29.00 -21.72
N ASP C 257 -3.39 28.60 -22.71
CA ASP C 257 -3.58 29.05 -24.09
C ASP C 257 -4.85 28.45 -24.67
N ARG C 258 -5.08 27.19 -24.38
CA ARG C 258 -6.27 26.52 -24.90
C ARG C 258 -7.51 26.93 -24.15
N PHE C 259 -7.35 27.28 -22.87
CA PHE C 259 -8.49 27.56 -22.01
C PHE C 259 -8.35 28.92 -21.33
N PRO C 260 -8.70 29.99 -22.06
CA PRO C 260 -8.57 31.37 -21.55
C PRO C 260 -9.50 31.66 -20.37
N GLN C 261 -10.50 30.80 -20.13
CA GLN C 261 -11.39 31.00 -18.99
C GLN C 261 -10.76 30.56 -17.67
N LEU C 262 -9.56 30.00 -17.72
CA LEU C 262 -8.80 29.62 -16.53
C LEU C 262 -7.90 30.77 -16.08
N THR C 263 -7.84 31.00 -14.77
CA THR C 263 -6.96 32.03 -14.22
C THR C 263 -5.55 31.50 -13.95
N GLU C 264 -5.45 30.22 -13.61
CA GLU C 264 -4.16 29.62 -13.26
C GLU C 264 -4.16 28.11 -13.40
N VAL C 265 -2.98 27.57 -13.65
CA VAL C 265 -2.77 26.13 -13.63
C VAL C 265 -1.63 25.87 -12.64
N ASN C 266 -1.82 24.91 -11.74
CA ASN C 266 -0.79 24.60 -10.75
C ASN C 266 -0.30 23.18 -10.87
N PHE C 267 0.91 22.94 -10.38
CA PHE C 267 1.56 21.66 -10.55
C PHE C 267 2.14 21.14 -9.24
N GLY C 268 2.03 19.84 -9.05
CA GLY C 268 2.78 19.15 -8.03
C GLY C 268 3.41 17.99 -8.76
N THR C 269 4.73 17.97 -8.82
CA THR C 269 5.41 17.01 -9.66
C THR C 269 6.32 16.16 -8.80
N ASN C 270 6.58 14.95 -9.28
CA ASN C 270 7.60 14.09 -8.73
C ASN C 270 8.42 13.54 -9.90
N ASN C 271 9.73 13.42 -9.74
CA ASN C 271 10.47 12.81 -10.83
CA ASN C 271 10.63 12.95 -10.80
C ASN C 271 11.38 11.66 -10.42
N ARG C 272 11.36 10.65 -11.29
CA ARG C 272 12.11 9.41 -11.08
C ARG C 272 13.00 8.96 -12.20
N THR C 273 14.21 9.51 -12.29
CA THR C 273 15.11 9.05 -13.34
C THR C 273 15.56 7.64 -13.01
N TRP C 274 15.44 6.72 -13.97
CA TRP C 274 15.96 5.38 -13.74
C TRP C 274 17.47 5.50 -13.66
N ASP C 275 18.12 4.53 -13.05
CA ASP C 275 19.57 4.49 -13.10
C ASP C 275 19.97 3.67 -14.30
N THR C 276 21.02 4.11 -14.99
CA THR C 276 21.55 3.35 -16.11
C THR C 276 22.33 2.16 -15.55
N VAL C 277 22.09 0.97 -16.11
CA VAL C 277 22.83 -0.22 -15.69
C VAL C 277 23.76 -0.69 -16.80
N VAL C 278 23.24 -0.75 -18.03
CA VAL C 278 24.05 -1.03 -19.20
C VAL C 278 23.77 0.04 -20.25
N GLU C 279 24.79 0.79 -20.65
CA GLU C 279 24.58 1.82 -21.66
C GLU C 279 24.34 1.15 -23.01
N GLY C 280 23.42 1.72 -23.78
CA GLY C 280 23.04 1.16 -25.06
C GLY C 280 24.13 1.27 -26.10
N ASP C 282 22.97 2.84 -31.90
CA ASP C 282 22.62 3.11 -30.52
C ASP C 282 23.81 2.83 -29.60
N GLY C 283 24.18 3.80 -28.76
CA GLY C 283 23.33 4.92 -28.39
C GLY C 283 22.37 4.63 -27.26
N PHE C 284 21.09 5.00 -27.39
CA PHE C 284 20.17 4.72 -26.29
C PHE C 284 19.18 3.57 -26.50
N LYS C 285 19.27 2.93 -27.66
CA LYS C 285 18.50 1.72 -27.98
C LYS C 285 19.30 0.48 -27.58
N GLY C 286 18.75 -0.36 -26.70
CA GLY C 286 19.48 -1.54 -26.26
C GLY C 286 20.07 -1.39 -24.88
N ALA C 287 19.73 -0.26 -24.25
CA ALA C 287 20.17 0.06 -22.92
C ALA C 287 19.33 -0.67 -21.87
N VAL C 288 19.91 -0.88 -20.70
CA VAL C 288 19.18 -1.49 -19.59
C VAL C 288 19.22 -0.53 -18.40
N PHE C 289 18.07 -0.31 -17.80
CA PHE C 289 17.94 0.56 -16.63
C PHE C 289 17.36 -0.19 -15.44
N THR C 290 17.45 0.40 -14.26
CA THR C 290 16.83 -0.16 -13.07
C THR C 290 16.30 0.96 -12.19
N GLU C 291 15.55 0.61 -11.15
CA GLU C 291 15.04 1.61 -10.24
C GLU C 291 16.15 2.19 -9.38
N PRO C 292 16.09 3.50 -9.13
CA PRO C 292 17.08 4.17 -8.29
C PRO C 292 16.72 4.00 -6.82
N ARG C 293 17.55 4.54 -5.94
CA ARG C 293 17.23 4.67 -4.52
C ARG C 293 15.98 5.54 -4.34
N PRO C 294 15.33 5.44 -3.17
CA PRO C 294 14.06 6.14 -2.93
C PRO C 294 13.96 7.67 -3.15
N PRO C 295 15.03 8.45 -2.91
CA PRO C 295 14.80 9.90 -3.07
C PRO C 295 14.28 10.37 -4.44
N PHE C 296 13.32 11.31 -4.41
CA PHE C 296 12.71 11.84 -5.63
C PHE C 296 12.68 13.36 -5.61
N GLY C 297 12.97 13.97 -6.75
CA GLY C 297 12.84 15.41 -6.89
C GLY C 297 11.36 15.74 -6.97
N PHE C 298 10.97 16.90 -6.42
CA PHE C 298 9.60 17.35 -6.55
C PHE C 298 9.55 18.84 -6.85
N GLN C 299 8.50 19.26 -7.53
CA GLN C 299 8.30 20.66 -7.86
C GLN C 299 6.87 21.09 -7.57
N GLY C 300 6.71 22.34 -7.15
CA GLY C 300 5.41 22.93 -7.01
C GLY C 300 5.46 24.28 -7.70
N PHE C 301 4.46 24.57 -8.51
CA PHE C 301 4.53 25.75 -9.36
C PHE C 301 3.15 26.13 -9.92
N SER C 302 2.92 27.43 -10.04
CA SER C 302 1.69 27.91 -10.67
C SER C 302 1.96 28.87 -11.83
N VAL C 303 1.19 28.70 -12.91
CA VAL C 303 1.30 29.56 -14.08
C VAL C 303 -0.02 30.30 -14.25
N HIS C 304 0.05 31.58 -14.60
CA HIS C 304 -1.13 32.44 -14.67
C HIS C 304 -1.18 33.09 -16.04
N GLN C 305 -2.35 33.58 -16.44
CA GLN C 305 -2.53 34.20 -17.76
C GLN C 305 -1.51 35.30 -18.08
N GLU C 306 -1.13 36.06 -17.06
CA GLU C 306 -0.14 37.11 -17.23
C GLU C 306 1.20 36.57 -17.74
N ASP C 307 1.55 35.36 -17.30
CA ASP C 307 2.75 34.69 -17.79
C ASP C 307 2.65 34.39 -19.29
N LEU C 308 1.50 33.89 -19.71
CA LEU C 308 1.26 33.57 -21.11
C LEU C 308 1.30 34.82 -21.98
N ALA C 309 0.68 35.89 -21.50
CA ALA C 309 0.69 37.16 -22.21
C ALA C 309 2.11 37.68 -22.42
N ARG C 310 2.95 37.53 -21.41
CA ARG C 310 4.34 37.94 -21.48
C ARG C 310 5.11 37.12 -22.50
N GLU C 311 4.89 35.82 -22.48
CA GLU C 311 5.57 34.94 -23.41
C GLU C 311 5.18 35.27 -24.85
N LYS C 312 3.89 35.48 -25.09
CA LYS C 312 3.44 35.78 -26.44
C LYS C 312 3.98 37.10 -27.00
N ALA C 313 4.32 38.04 -26.13
CA ALA C 313 4.80 39.35 -26.57
C ALA C 313 6.33 39.48 -26.58
N SER C 314 7.03 38.48 -26.07
CA SER C 314 8.48 38.55 -25.97
C SER C 314 9.17 38.01 -27.22
N ALA C 315 10.16 38.75 -27.70
CA ALA C 315 10.92 38.35 -28.87
C ALA C 315 11.84 37.18 -28.55
N ASN C 316 12.13 37.03 -27.26
CA ASN C 316 13.02 35.98 -26.80
C ASN C 316 12.27 34.75 -26.31
N SER C 317 10.94 34.75 -26.47
CA SER C 317 10.12 33.63 -26.02
C SER C 317 10.44 32.32 -26.75
N GLU C 318 10.35 31.22 -26.00
CA GLU C 318 10.60 29.90 -26.54
C GLU C 318 9.28 29.11 -26.59
N TYR C 319 8.21 29.73 -26.12
CA TYR C 319 6.89 29.07 -26.08
C TYR C 319 6.30 28.86 -27.47
N VAL C 320 5.95 27.61 -27.77
CA VAL C 320 5.31 27.27 -29.05
C VAL C 320 4.13 26.31 -28.81
N ALA C 321 3.01 26.55 -29.52
CA ALA C 321 1.85 25.66 -29.45
C ALA C 321 1.42 25.20 -30.84
N LEU C 322 0.76 24.05 -30.91
CA LEU C 322 0.20 23.55 -32.16
C LEU C 322 -0.82 24.54 -32.73
N ALA D 1 13.90 -37.40 1.81
CA ALA D 1 15.11 -36.57 1.80
C ALA D 1 14.88 -35.27 1.05
N GLU D 2 14.30 -34.28 1.73
CA GLU D 2 13.94 -33.03 1.05
C GLU D 2 13.73 -31.80 1.94
N ARG D 3 14.81 -31.23 2.47
CA ARG D 3 14.69 -30.00 3.24
C ARG D 3 14.39 -28.85 2.28
N THR D 4 13.70 -27.81 2.76
CA THR D 4 13.52 -26.61 1.96
C THR D 4 14.83 -25.85 1.99
N MET D 5 15.34 -25.49 0.82
CA MET D 5 16.60 -24.77 0.73
C MET D 5 16.78 -23.98 -0.55
N PHE D 6 16.76 -22.65 -0.44
CA PHE D 6 17.02 -21.78 -1.58
C PHE D 6 17.40 -20.38 -1.10
N TYR D 7 18.01 -19.60 -1.98
CA TYR D 7 18.29 -18.20 -1.69
C TYR D 7 18.40 -17.43 -3.00
N GLY D 8 18.23 -16.11 -2.95
CA GLY D 8 18.26 -15.33 -4.16
C GLY D 8 18.08 -13.84 -3.97
N LYS D 9 17.62 -13.17 -5.02
CA LYS D 9 17.43 -11.73 -5.00
C LYS D 9 16.05 -11.37 -5.54
N GLY D 10 15.32 -10.56 -4.79
CA GLY D 10 14.00 -10.11 -5.20
C GLY D 10 13.99 -8.64 -5.57
N ASP D 11 12.87 -8.19 -6.14
CA ASP D 11 12.73 -6.82 -6.63
C ASP D 11 13.87 -6.40 -7.55
N VAL D 12 14.25 -7.30 -8.46
CA VAL D 12 15.25 -6.99 -9.47
C VAL D 12 14.59 -6.32 -10.67
N TYR D 13 14.47 -4.99 -10.59
CA TYR D 13 13.88 -4.22 -11.67
C TYR D 13 14.85 -4.14 -12.85
N VAL D 14 14.42 -4.61 -14.00
CA VAL D 14 15.26 -4.56 -15.20
C VAL D 14 14.42 -3.96 -16.34
N PHE D 15 14.88 -2.82 -16.84
CA PHE D 15 14.16 -2.12 -17.89
C PHE D 15 15.01 -2.06 -19.15
N ARG D 16 14.74 -2.98 -20.07
CA ARG D 16 15.43 -3.03 -21.36
C ARG D 16 14.68 -2.16 -22.37
N THR D 17 15.40 -1.31 -23.08
CA THR D 17 14.78 -0.50 -24.13
C THR D 17 15.04 -1.08 -25.50
N TYR D 18 14.07 -0.91 -26.39
CA TYR D 18 14.15 -1.39 -27.77
C TYR D 18 14.56 -2.86 -27.89
N ALA D 19 13.84 -3.72 -27.19
CA ALA D 19 13.97 -5.16 -27.38
C ALA D 19 13.32 -5.54 -28.70
N ASN D 20 13.64 -6.71 -29.21
CA ASN D 20 13.03 -7.17 -30.47
CA ASN D 20 13.02 -7.16 -30.46
C ASN D 20 11.51 -7.27 -30.32
N PRO D 21 10.78 -6.75 -31.31
CA PRO D 21 9.31 -6.74 -31.24
C PRO D 21 8.70 -8.12 -31.38
N LEU D 22 7.58 -8.34 -30.71
CA LEU D 22 6.81 -9.56 -30.85
C LEU D 22 5.76 -9.31 -31.93
N LYS D 23 5.87 -10.02 -33.05
CA LYS D 23 4.93 -9.83 -34.15
C LYS D 23 4.61 -11.14 -34.84
N GLY D 24 3.44 -11.20 -35.47
CA GLY D 24 3.02 -12.40 -36.17
C GLY D 24 2.21 -13.29 -35.27
N LEU D 25 1.48 -12.68 -34.35
CA LEU D 25 0.62 -13.42 -33.45
C LEU D 25 -0.56 -14.00 -34.21
N LYS D 26 -1.14 -15.07 -33.70
CA LYS D 26 -2.31 -15.65 -34.31
C LYS D 26 -3.46 -14.66 -34.14
N GLN D 27 -4.12 -14.34 -35.24
CA GLN D 27 -5.25 -13.43 -35.21
C GLN D 27 -6.51 -14.16 -34.75
N ILE D 28 -7.19 -13.58 -33.76
CA ILE D 28 -8.39 -14.20 -33.22
C ILE D 28 -9.52 -13.17 -33.22
N PRO D 29 -10.78 -13.64 -33.27
CA PRO D 29 -11.93 -12.73 -33.34
C PRO D 29 -12.09 -11.84 -32.11
N GLU D 30 -11.60 -12.30 -30.96
CA GLU D 30 -11.81 -11.60 -29.70
C GLU D 30 -10.86 -10.41 -29.51
N SER D 31 -9.86 -10.30 -30.38
CA SER D 31 -8.80 -9.32 -30.15
C SER D 31 -8.24 -8.72 -31.44
N ASN D 32 -7.77 -7.49 -31.34
CA ASN D 32 -7.04 -6.85 -32.42
C ASN D 32 -5.53 -6.90 -32.17
N PHE D 33 -5.14 -7.51 -31.05
CA PHE D 33 -3.73 -7.56 -30.67
C PHE D 33 -2.95 -8.56 -31.51
N THR D 34 -2.02 -8.04 -32.31
CA THR D 34 -1.18 -8.88 -33.18
C THR D 34 0.30 -8.63 -32.97
N GLU D 35 0.62 -7.50 -32.35
CA GLU D 35 2.02 -7.14 -32.16
C GLU D 35 2.27 -6.36 -30.88
N LYS D 36 3.48 -6.53 -30.34
CA LYS D 36 3.91 -5.82 -29.15
C LYS D 36 5.31 -5.29 -29.42
N HIS D 37 5.42 -3.98 -29.60
CA HIS D 37 6.66 -3.39 -30.10
C HIS D 37 7.87 -3.49 -29.17
N ASN D 38 7.61 -3.70 -27.88
CA ASN D 38 8.69 -3.87 -26.91
C ASN D 38 9.70 -2.72 -26.85
N THR D 39 9.24 -1.51 -27.14
CA THR D 39 10.07 -0.31 -27.01
C THR D 39 10.62 -0.24 -25.58
N ILE D 40 9.76 -0.57 -24.62
CA ILE D 40 10.21 -0.85 -23.26
C ILE D 40 9.85 -2.28 -22.90
N PHE D 41 10.84 -3.05 -22.47
CA PHE D 41 10.66 -4.44 -22.13
C PHE D 41 11.09 -4.57 -20.67
N GLY D 42 10.17 -4.25 -19.75
CA GLY D 42 10.53 -4.07 -18.36
C GLY D 42 9.80 -5.02 -17.42
N MET D 43 10.45 -5.34 -16.30
CA MET D 43 9.88 -6.30 -15.36
C MET D 43 10.45 -6.18 -13.96
N ASN D 44 9.73 -6.75 -13.00
CA ASN D 44 10.24 -6.95 -11.66
C ASN D 44 10.54 -8.44 -11.53
N ALA D 45 11.82 -8.80 -11.54
CA ALA D 45 12.20 -10.21 -11.53
C ALA D 45 12.62 -10.69 -10.15
N LYS D 46 12.43 -11.97 -9.88
CA LYS D 46 12.88 -12.56 -8.62
C LYS D 46 13.53 -13.90 -8.92
N VAL D 47 14.81 -14.00 -8.52
CA VAL D 47 15.61 -15.18 -8.85
C VAL D 47 15.94 -15.95 -7.59
N ALA D 48 15.87 -17.27 -7.68
CA ALA D 48 16.25 -18.14 -6.57
C ALA D 48 17.23 -19.22 -7.02
N LEU D 49 18.29 -19.42 -6.25
CA LEU D 49 19.24 -20.48 -6.56
C LEU D 49 19.05 -21.70 -5.66
N LYS D 50 19.14 -22.88 -6.26
CA LYS D 50 18.96 -24.13 -5.52
C LYS D 50 20.09 -25.11 -5.82
N GLY D 51 20.39 -25.96 -4.86
CA GLY D 51 21.38 -27.01 -5.05
C GLY D 51 21.82 -27.63 -3.73
N GLU D 52 22.12 -28.92 -3.74
CA GLU D 52 22.57 -29.60 -2.54
C GLU D 52 23.87 -29.02 -1.97
N GLN D 53 24.74 -28.53 -2.85
CA GLN D 53 26.03 -27.99 -2.43
C GLN D 53 25.92 -26.65 -1.69
N LEU D 54 24.69 -26.16 -1.54
CA LEU D 54 24.42 -24.93 -0.80
C LEU D 54 24.25 -25.15 0.70
N LEU D 55 24.19 -26.42 1.11
CA LEU D 55 23.88 -26.78 2.50
C LEU D 55 24.77 -26.10 3.54
N THR D 56 26.08 -26.19 3.36
CA THR D 56 27.04 -25.68 4.35
C THR D 56 27.07 -24.16 4.46
N SER D 57 26.47 -23.46 3.50
CA SER D 57 26.36 -22.01 3.60
C SER D 57 25.44 -21.67 4.76
N PHE D 58 24.51 -22.57 5.05
CA PHE D 58 23.64 -22.44 6.21
C PHE D 58 24.25 -23.04 7.47
N THR D 59 24.68 -24.30 7.36
CA THR D 59 25.11 -25.09 8.53
C THR D 59 26.49 -24.72 9.04
N GLU D 60 27.33 -24.16 8.17
CA GLU D 60 28.71 -23.88 8.55
C GLU D 60 29.11 -22.44 8.29
N GLY D 61 28.20 -21.64 7.74
CA GLY D 61 28.48 -20.26 7.39
C GLY D 61 29.60 -20.15 6.37
N ASP D 62 29.67 -21.13 5.47
CA ASP D 62 30.71 -21.19 4.46
C ASP D 62 30.19 -20.59 3.15
N ASN D 63 30.72 -19.43 2.77
CA ASN D 63 30.26 -18.72 1.58
C ASN D 63 31.02 -19.07 0.30
N SER D 64 31.87 -20.08 0.36
CA SER D 64 32.75 -20.43 -0.76
C SER D 64 31.99 -20.73 -2.06
N LEU D 65 30.84 -21.38 -1.95
CA LEU D 65 30.05 -21.74 -3.12
C LEU D 65 28.83 -20.83 -3.25
N VAL D 66 28.87 -19.69 -2.56
CA VAL D 66 27.74 -18.77 -2.59
C VAL D 66 27.94 -17.68 -3.64
N VAL D 67 27.06 -17.70 -4.64
CA VAL D 67 26.97 -16.60 -5.58
C VAL D 67 26.26 -15.46 -4.85
N ALA D 68 26.95 -14.34 -4.68
CA ALA D 68 26.38 -13.19 -3.98
C ALA D 68 25.12 -12.70 -4.67
N THR D 69 24.12 -12.34 -3.87
CA THR D 69 22.83 -11.94 -4.42
C THR D 69 22.94 -10.69 -5.29
N ASP D 70 23.83 -9.77 -4.91
CA ASP D 70 24.12 -8.59 -5.73
C ASP D 70 24.67 -9.01 -7.09
N SER D 71 25.45 -10.08 -7.10
CA SER D 71 26.03 -10.60 -8.34
C SER D 71 24.93 -11.20 -9.24
N MET D 72 23.91 -11.76 -8.62
CA MET D 72 22.78 -12.31 -9.35
C MET D 72 22.04 -11.20 -10.08
N LYS D 73 21.90 -10.06 -9.38
CA LYS D 73 21.27 -8.87 -9.95
C LYS D 73 22.01 -8.40 -11.19
N ASN D 74 23.33 -8.30 -11.09
CA ASN D 74 24.16 -7.93 -12.22
C ASN D 74 23.99 -8.91 -13.39
N PHE D 75 23.98 -10.19 -13.07
CA PHE D 75 23.86 -11.26 -14.06
C PHE D 75 22.59 -11.09 -14.86
N ILE D 76 21.48 -10.84 -14.17
CA ILE D 76 20.19 -10.67 -14.84
C ILE D 76 20.16 -9.42 -15.72
N GLN D 77 20.65 -8.31 -15.18
CA GLN D 77 20.64 -7.04 -15.90
C GLN D 77 21.50 -7.08 -17.16
N ARG D 78 22.61 -7.80 -17.09
CA ARG D 78 23.50 -7.93 -18.25
C ARG D 78 22.90 -8.82 -19.33
N HIS D 79 22.19 -9.85 -18.91
CA HIS D 79 21.53 -10.74 -19.87
C HIS D 79 20.29 -10.10 -20.50
N ALA D 80 19.77 -9.06 -19.85
CA ALA D 80 18.66 -8.29 -20.40
C ALA D 80 19.15 -7.50 -21.61
N ALA D 81 20.44 -7.16 -21.61
CA ALA D 81 21.05 -6.41 -22.71
C ALA D 81 21.35 -7.29 -23.91
N SER D 82 21.66 -8.56 -23.65
CA SER D 82 22.08 -9.47 -24.72
C SER D 82 20.95 -10.34 -25.28
N TYR D 83 19.85 -10.43 -24.55
CA TYR D 83 18.69 -11.20 -24.99
C TYR D 83 18.16 -10.69 -26.32
N GLU D 84 17.95 -11.59 -27.27
CA GLU D 84 17.57 -11.20 -28.63
C GLU D 84 16.13 -11.60 -28.94
N GLY D 85 15.44 -12.16 -27.95
CA GLY D 85 14.08 -12.62 -28.16
C GLY D 85 13.03 -11.56 -27.87
N ALA D 86 11.77 -11.96 -27.87
CA ALA D 86 10.67 -11.00 -27.75
C ALA D 86 9.65 -11.31 -26.64
N THR D 87 9.88 -12.36 -25.86
CA THR D 87 8.92 -12.75 -24.82
C THR D 87 9.50 -12.79 -23.42
N LEU D 88 8.63 -12.65 -22.42
CA LEU D 88 9.03 -12.72 -21.03
C LEU D 88 9.49 -14.13 -20.65
N GLU D 89 8.74 -15.13 -21.08
CA GLU D 89 9.09 -16.53 -20.81
C GLU D 89 10.42 -16.90 -21.44
N GLY D 90 10.64 -16.42 -22.66
CA GLY D 90 11.87 -16.67 -23.37
C GLY D 90 13.06 -16.05 -22.67
N PHE D 91 12.88 -14.83 -22.16
CA PHE D 91 13.95 -14.16 -21.43
C PHE D 91 14.31 -14.91 -20.15
N LEU D 92 13.29 -15.33 -19.40
CA LEU D 92 13.52 -16.03 -18.15
C LEU D 92 14.25 -17.36 -18.36
N GLN D 93 13.88 -18.10 -19.40
CA GLN D 93 14.52 -19.38 -19.68
C GLN D 93 15.97 -19.17 -20.11
N TYR D 94 16.21 -18.10 -20.87
CA TYR D 94 17.54 -17.70 -21.30
C TYR D 94 18.44 -17.42 -20.10
N VAL D 95 17.90 -16.68 -19.12
CA VAL D 95 18.65 -16.35 -17.92
C VAL D 95 18.90 -17.58 -17.04
N CYS D 96 17.85 -18.37 -16.83
CA CYS D 96 17.96 -19.61 -16.06
C CYS D 96 19.06 -20.52 -16.62
N GLU D 97 19.05 -20.73 -17.93
CA GLU D 97 20.03 -21.60 -18.57
C GLU D 97 21.43 -21.01 -18.49
N ALA D 98 21.52 -19.69 -18.55
CA ALA D 98 22.80 -18.99 -18.43
C ALA D 98 23.41 -19.17 -17.03
N PHE D 99 22.60 -19.03 -15.99
CA PHE D 99 23.03 -19.27 -14.62
C PHE D 99 23.61 -20.67 -14.46
N LEU D 100 22.87 -21.67 -14.96
CA LEU D 100 23.30 -23.06 -14.85
C LEU D 100 24.59 -23.36 -15.60
N ALA D 101 24.78 -22.69 -16.74
CA ALA D 101 26.00 -22.85 -17.52
C ALA D 101 27.22 -22.24 -16.83
N LYS D 102 26.99 -21.15 -16.10
CA LYS D 102 28.06 -20.43 -15.41
C LYS D 102 28.47 -21.12 -14.11
N TYR D 103 27.49 -21.57 -13.34
CA TYR D 103 27.76 -22.15 -12.04
C TYR D 103 27.39 -23.63 -11.97
N SER D 104 28.41 -24.48 -12.15
CA SER D 104 28.21 -25.93 -12.25
C SER D 104 27.72 -26.56 -10.95
N HIS D 105 27.92 -25.88 -9.83
CA HIS D 105 27.53 -26.42 -8.53
C HIS D 105 26.05 -26.20 -8.22
N LEU D 106 25.38 -25.42 -9.06
CA LEU D 106 23.95 -25.19 -8.92
C LEU D 106 23.15 -26.30 -9.60
N ASP D 107 22.03 -26.68 -9.00
CA ASP D 107 21.19 -27.74 -9.55
C ASP D 107 19.95 -27.24 -10.31
N ALA D 108 19.40 -26.10 -9.90
CA ALA D 108 18.19 -25.56 -10.51
C ALA D 108 18.10 -24.07 -10.28
N VAL D 109 17.49 -23.36 -11.23
CA VAL D 109 17.32 -21.92 -11.12
C VAL D 109 15.87 -21.55 -11.38
N ARG D 110 15.33 -20.71 -10.51
CA ARG D 110 13.94 -20.30 -10.62
C ARG D 110 13.83 -18.79 -10.83
N LEU D 111 13.12 -18.40 -11.88
CA LEU D 111 12.86 -17.00 -12.19
C LEU D 111 11.37 -16.70 -12.17
N GLU D 112 10.97 -15.72 -11.38
CA GLU D 112 9.59 -15.24 -11.41
C GLU D 112 9.64 -13.79 -11.80
N ALA D 113 8.68 -13.37 -12.63
CA ALA D 113 8.67 -11.99 -13.10
C ALA D 113 7.28 -11.40 -13.22
N LYS D 114 7.16 -10.14 -12.82
CA LYS D 114 5.94 -9.36 -13.04
C LYS D 114 6.27 -8.24 -14.00
N GLU D 115 5.52 -8.17 -15.09
CA GLU D 115 5.71 -7.11 -16.07
C GLU D 115 5.62 -5.73 -15.41
N TYR D 116 6.52 -4.84 -15.79
CA TYR D 116 6.49 -3.45 -15.39
C TYR D 116 5.83 -2.76 -16.59
N ALA D 117 4.50 -2.66 -16.54
CA ALA D 117 3.71 -2.42 -17.74
C ALA D 117 3.63 -0.95 -18.20
N PHE D 118 3.64 -0.77 -19.51
CA PHE D 118 3.49 0.56 -20.10
C PHE D 118 2.44 0.62 -21.21
N ASP D 119 1.76 1.76 -21.31
CA ASP D 119 0.72 1.97 -22.32
C ASP D 119 1.18 2.95 -23.39
N ASP D 120 0.82 2.68 -24.65
CA ASP D 120 0.99 3.65 -25.71
C ASP D 120 -0.02 4.77 -25.48
N ILE D 121 0.35 6.00 -25.83
CA ILE D 121 -0.57 7.12 -25.62
C ILE D 121 -0.76 7.95 -26.88
N GLN D 122 -1.85 8.71 -26.92
CA GLN D 122 -2.14 9.58 -28.04
C GLN D 122 -1.70 11.00 -27.71
N VAL D 123 -0.94 11.60 -28.63
CA VAL D 123 -0.46 12.96 -28.46
C VAL D 123 -0.77 13.81 -29.67
N GLY D 124 -0.96 15.11 -29.43
CA GLY D 124 -1.17 16.04 -30.52
C GLY D 124 0.13 16.41 -31.20
N THR D 125 0.13 16.31 -32.53
CA THR D 125 1.29 16.72 -33.33
C THR D 125 0.76 17.61 -34.46
N ASP D 126 1.67 18.20 -35.24
CA ASP D 126 1.26 19.01 -36.38
C ASP D 126 0.59 18.14 -37.43
N LYS D 127 0.77 16.84 -37.30
CA LYS D 127 0.16 15.88 -38.20
C LYS D 127 -1.10 15.25 -37.58
N GLY D 128 -1.57 15.84 -36.48
CA GLY D 128 -2.78 15.35 -35.83
C GLY D 128 -2.52 14.52 -34.59
N VAL D 129 -3.60 13.92 -34.07
CA VAL D 129 -3.49 13.08 -32.88
C VAL D 129 -3.00 11.70 -33.29
N VAL D 130 -1.80 11.34 -32.84
CA VAL D 130 -1.18 10.07 -33.19
C VAL D 130 -0.60 9.39 -31.95
N THR D 131 -0.19 8.14 -32.10
CA THR D 131 0.50 7.41 -31.04
C THR D 131 1.95 7.88 -30.89
N SER D 132 2.33 8.20 -29.66
CA SER D 132 3.70 8.63 -29.38
C SER D 132 4.67 7.45 -29.43
N ASP D 133 5.85 7.68 -29.99
CA ASP D 133 6.91 6.66 -29.97
C ASP D 133 8.00 7.03 -28.96
N LEU D 134 7.76 8.08 -28.19
CA LEU D 134 8.73 8.57 -27.21
C LEU D 134 8.19 8.52 -25.79
N VAL D 135 6.90 8.81 -25.65
CA VAL D 135 6.29 8.92 -24.32
C VAL D 135 5.23 7.85 -24.08
N PHE D 136 5.35 7.17 -22.95
CA PHE D 136 4.46 6.08 -22.59
C PHE D 136 3.94 6.26 -21.17
N ARG D 137 2.75 5.76 -20.91
CA ARG D 137 2.17 5.84 -19.58
C ARG D 137 2.45 4.56 -18.79
N LYS D 138 2.92 4.74 -17.56
CA LYS D 138 3.09 3.59 -16.67
C LYS D 138 1.71 3.07 -16.30
N SER D 139 1.44 1.83 -16.66
CA SER D 139 0.13 1.25 -16.36
C SER D 139 0.14 0.58 -15.00
N ARG D 140 -0.84 0.92 -14.17
CA ARG D 140 -1.00 0.26 -12.87
C ARG D 140 -2.18 -0.69 -12.93
N ASN D 141 -2.59 -1.03 -14.15
CA ASN D 141 -3.68 -1.99 -14.35
C ASN D 141 -3.12 -3.40 -14.51
N GLU D 142 -3.77 -4.23 -15.31
CA GLU D 142 -3.35 -5.61 -15.45
C GLU D 142 -1.93 -5.72 -16.03
N TYR D 143 -1.21 -6.76 -15.65
CA TYR D 143 0.15 -6.95 -16.10
C TYR D 143 0.47 -8.42 -16.35
N VAL D 144 1.44 -8.67 -17.24
CA VAL D 144 1.86 -10.02 -17.62
C VAL D 144 2.76 -10.62 -16.55
N THR D 145 2.61 -11.92 -16.30
CA THR D 145 3.47 -12.62 -15.35
C THR D 145 4.06 -13.87 -15.99
N ALA D 146 5.16 -14.34 -15.43
CA ALA D 146 5.76 -15.60 -15.87
C ALA D 146 6.70 -16.16 -14.82
N THR D 147 6.77 -17.48 -14.77
CA THR D 147 7.70 -18.18 -13.89
C THR D 147 8.33 -19.30 -14.69
N VAL D 148 9.65 -19.39 -14.64
CA VAL D 148 10.36 -20.48 -15.28
C VAL D 148 11.36 -21.05 -14.30
N GLU D 149 11.31 -22.36 -14.09
CA GLU D 149 12.35 -23.02 -13.31
C GLU D 149 13.04 -24.07 -14.15
N VAL D 150 14.37 -24.01 -14.19
CA VAL D 150 15.16 -24.94 -14.98
C VAL D 150 16.09 -25.73 -14.06
N ALA D 151 16.05 -27.05 -14.19
CA ALA D 151 16.87 -27.94 -13.39
C ALA D 151 17.76 -28.80 -14.28
N ARG D 152 18.83 -29.33 -13.71
CA ARG D 152 19.74 -30.20 -14.47
C ARG D 152 19.11 -31.56 -14.74
N THR D 153 19.44 -32.11 -15.90
CA THR D 153 19.05 -33.45 -16.30
C THR D 153 20.30 -34.28 -16.55
N ALA D 154 20.10 -35.56 -16.83
CA ALA D 154 21.22 -36.45 -17.10
C ALA D 154 22.08 -36.03 -18.31
N SER D 155 21.48 -35.28 -19.24
CA SER D 155 22.19 -34.86 -20.45
C SER D 155 22.31 -33.35 -20.59
N GLY D 156 21.77 -32.60 -19.63
CA GLY D 156 21.81 -31.15 -19.70
C GLY D 156 20.87 -30.45 -18.74
N THR D 157 19.95 -29.65 -19.27
CA THR D 157 18.96 -28.96 -18.45
C THR D 157 17.56 -29.11 -19.02
N GLU D 158 16.54 -28.93 -18.18
CA GLU D 158 15.17 -28.89 -18.66
C GLU D 158 14.32 -27.91 -17.86
N VAL D 159 13.26 -27.39 -18.50
CA VAL D 159 12.27 -26.62 -17.77
C VAL D 159 11.40 -27.59 -16.98
N VAL D 160 11.39 -27.43 -15.66
CA VAL D 160 10.61 -28.31 -14.78
C VAL D 160 9.34 -27.62 -14.29
N GLU D 161 9.30 -26.30 -14.44
CA GLU D 161 8.08 -25.53 -14.20
C GLU D 161 8.04 -24.32 -15.12
N GLN D 162 6.89 -24.11 -15.75
CA GLN D 162 6.70 -22.96 -16.60
C GLN D 162 5.28 -22.44 -16.45
N ALA D 163 5.14 -21.17 -16.10
CA ALA D 163 3.83 -20.56 -15.98
C ALA D 163 3.78 -19.23 -16.72
N SER D 164 2.62 -18.95 -17.31
CA SER D 164 2.40 -17.69 -18.01
C SER D 164 1.06 -17.16 -17.55
N GLY D 165 0.93 -15.84 -17.42
CA GLY D 165 -0.33 -15.30 -17.00
C GLY D 165 -0.55 -13.81 -17.17
N ILE D 166 -1.78 -13.40 -16.84
CA ILE D 166 -2.14 -11.99 -16.78
C ILE D 166 -2.80 -11.78 -15.42
N ALA D 167 -2.31 -10.80 -14.68
CA ALA D 167 -2.76 -10.57 -13.31
C ALA D 167 -3.52 -9.26 -13.18
N ASP D 168 -4.46 -9.23 -12.24
CA ASP D 168 -5.15 -8.01 -11.85
C ASP D 168 -6.06 -7.44 -12.94
N ILE D 169 -6.76 -8.32 -13.63
CA ILE D 169 -7.85 -7.89 -14.49
C ILE D 169 -9.02 -7.51 -13.59
N GLN D 170 -9.48 -6.27 -13.72
CA GLN D 170 -10.61 -5.81 -12.92
C GLN D 170 -11.70 -5.28 -13.84
N LEU D 171 -12.81 -6.02 -13.92
CA LEU D 171 -13.88 -5.69 -14.85
C LEU D 171 -15.24 -5.62 -14.18
N ILE D 172 -16.05 -4.65 -14.60
CA ILE D 172 -17.43 -4.54 -14.16
C ILE D 172 -18.38 -4.66 -15.34
N LYS D 173 -19.53 -5.30 -15.13
CA LYS D 173 -20.54 -5.37 -16.18
C LYS D 173 -21.83 -4.73 -15.71
N VAL D 174 -22.19 -3.61 -16.33
CA VAL D 174 -23.36 -2.85 -15.93
C VAL D 174 -24.62 -3.44 -16.56
N SER D 175 -24.99 -4.62 -16.10
CA SER D 175 -26.23 -5.25 -16.50
C SER D 175 -26.68 -5.97 -15.26
N GLY D 176 -27.95 -6.35 -15.22
CA GLY D 176 -28.48 -6.98 -14.04
C GLY D 176 -28.00 -8.39 -13.81
N SER D 177 -27.39 -8.62 -12.66
CA SER D 177 -26.94 -9.95 -12.30
CA SER D 177 -26.88 -9.94 -12.28
C SER D 177 -27.43 -10.34 -10.91
N SER D 178 -27.82 -11.61 -10.77
CA SER D 178 -28.47 -12.04 -9.54
C SER D 178 -27.81 -13.20 -8.78
N PHE D 179 -27.65 -14.35 -9.44
CA PHE D 179 -27.07 -15.56 -8.84
C PHE D 179 -28.10 -16.19 -7.90
N TYR D 180 -28.69 -17.31 -8.31
CA TYR D 180 -29.73 -17.94 -7.50
C TYR D 180 -29.52 -19.44 -7.39
N GLY D 181 -30.29 -20.07 -6.51
CA GLY D 181 -30.28 -21.52 -6.41
C GLY D 181 -29.33 -22.08 -5.36
N TYR D 182 -28.63 -21.21 -4.63
CA TYR D 182 -27.66 -21.67 -3.65
C TYR D 182 -28.34 -22.30 -2.44
N ILE D 183 -27.56 -22.99 -1.61
CA ILE D 183 -28.08 -23.61 -0.39
C ILE D 183 -28.59 -22.55 0.60
N ILE D 184 -29.82 -22.73 1.08
CA ILE D 184 -30.40 -21.82 2.07
C ILE D 184 -30.66 -22.53 3.39
N ASP D 185 -29.92 -22.14 4.43
CA ASP D 185 -30.11 -22.70 5.77
C ASP D 185 -30.00 -21.65 6.87
N GLU D 186 -29.65 -22.09 8.08
CA GLU D 186 -29.58 -21.19 9.23
C GLU D 186 -28.41 -20.21 9.16
N TYR D 187 -27.49 -20.46 8.24
CA TYR D 187 -26.32 -19.60 8.07
C TYR D 187 -26.51 -18.57 6.95
N THR D 188 -27.71 -18.54 6.38
CA THR D 188 -28.01 -17.62 5.28
C THR D 188 -28.42 -16.27 5.84
N THR D 189 -27.72 -15.22 5.43
CA THR D 189 -28.05 -13.84 5.79
C THR D 189 -29.53 -13.57 5.52
N LEU D 190 -30.17 -12.82 6.43
CA LEU D 190 -31.61 -12.62 6.39
C LEU D 190 -32.11 -11.92 5.13
N ALA D 191 -31.48 -10.82 4.76
CA ALA D 191 -31.91 -10.03 3.60
C ALA D 191 -31.77 -10.71 2.24
N GLU D 192 -32.80 -10.55 1.41
CA GLU D 192 -32.78 -11.01 0.03
C GLU D 192 -31.99 -10.04 -0.85
N ASP D 195 -30.22 -6.70 -7.18
CA ASP D 195 -29.65 -6.74 -8.51
C ASP D 195 -28.52 -5.72 -8.58
N ARG D 196 -27.31 -6.22 -8.76
CA ARG D 196 -26.12 -5.39 -8.76
C ARG D 196 -25.18 -5.69 -9.92
N PRO D 197 -24.37 -4.69 -10.31
CA PRO D 197 -23.40 -4.81 -11.39
C PRO D 197 -22.20 -5.68 -11.02
N LEU D 198 -22.17 -6.91 -11.51
CA LEU D 198 -21.08 -7.85 -11.22
C LEU D 198 -19.71 -7.23 -11.49
N TYR D 199 -18.89 -7.21 -10.45
CA TYR D 199 -17.57 -6.60 -10.48
C TYR D 199 -16.56 -7.65 -10.06
N ILE D 200 -15.66 -8.03 -10.96
CA ILE D 200 -14.74 -9.14 -10.70
C ILE D 200 -13.26 -8.77 -10.86
N PHE D 201 -12.41 -9.40 -10.07
CA PHE D 201 -10.97 -9.37 -10.27
C PHE D 201 -10.56 -10.73 -10.82
N LEU D 202 -9.71 -10.73 -11.83
CA LEU D 202 -9.30 -11.97 -12.47
C LEU D 202 -7.79 -12.09 -12.64
N ASN D 203 -7.26 -13.22 -12.18
CA ASN D 203 -5.93 -13.67 -12.54
C ASN D 203 -6.07 -14.91 -13.40
N ILE D 204 -5.42 -14.91 -14.56
CA ILE D 204 -5.52 -16.03 -15.47
C ILE D 204 -4.14 -16.54 -15.82
N GLY D 205 -3.97 -17.87 -15.79
CA GLY D 205 -2.71 -18.47 -16.16
C GLY D 205 -2.94 -19.59 -17.15
N TRP D 206 -1.88 -20.01 -17.82
CA TRP D 206 -1.98 -21.09 -18.80
C TRP D 206 -0.67 -21.86 -18.92
N ALA D 207 -0.75 -23.07 -19.45
CA ALA D 207 0.41 -23.94 -19.59
C ALA D 207 0.49 -24.46 -21.01
N TYR D 208 1.71 -24.58 -21.52
CA TYR D 208 1.93 -25.02 -22.89
C TYR D 208 2.09 -26.53 -22.98
N GLU D 209 1.63 -27.10 -24.08
CA GLU D 209 1.84 -28.52 -24.36
C GLU D 209 3.33 -28.73 -24.62
N ASN D 210 3.87 -27.93 -25.52
CA ASN D 210 5.31 -27.86 -25.73
C ASN D 210 5.84 -26.54 -25.19
N GLN D 211 6.61 -26.62 -24.12
CA GLN D 211 7.08 -25.44 -23.40
C GLN D 211 7.93 -24.48 -24.23
N ASP D 212 8.51 -24.99 -25.32
CA ASP D 212 9.33 -24.15 -26.20
C ASP D 212 8.49 -23.11 -26.95
N ASP D 213 7.17 -23.34 -27.04
CA ASP D 213 6.26 -22.40 -27.67
C ASP D 213 6.24 -21.04 -26.96
N ALA D 214 6.63 -21.04 -25.70
CA ALA D 214 6.63 -19.81 -24.90
C ALA D 214 7.80 -18.90 -25.24
N LYS D 215 8.78 -19.43 -25.97
CA LYS D 215 9.97 -18.65 -26.33
C LYS D 215 9.71 -17.62 -27.42
N GLY D 216 8.69 -17.87 -28.23
CA GLY D 216 8.32 -16.94 -29.28
C GLY D 216 9.19 -16.99 -30.52
N ASP D 217 10.02 -18.02 -30.63
CA ASP D 217 10.85 -18.21 -31.82
C ASP D 217 9.94 -18.37 -33.04
N ASN D 218 8.79 -18.98 -32.81
CA ASN D 218 7.70 -19.01 -33.78
C ASN D 218 6.48 -18.35 -33.16
N PRO D 219 6.31 -17.04 -33.39
CA PRO D 219 5.27 -16.22 -32.77
C PRO D 219 3.86 -16.76 -32.97
N ALA D 220 3.66 -17.55 -34.02
CA ALA D 220 2.34 -18.12 -34.30
C ALA D 220 1.91 -19.11 -33.22
N ASN D 221 2.87 -19.64 -32.48
CA ASN D 221 2.58 -20.54 -31.37
C ASN D 221 2.65 -19.85 -30.03
N TYR D 222 2.96 -18.56 -30.03
CA TYR D 222 3.03 -17.83 -28.77
C TYR D 222 1.65 -17.28 -28.38
N VAL D 223 1.27 -17.52 -27.13
CA VAL D 223 0.02 -17.03 -26.60
C VAL D 223 0.25 -15.73 -25.84
N ALA D 224 -0.17 -14.61 -26.42
CA ALA D 224 0.03 -13.31 -25.78
C ALA D 224 -1.02 -13.10 -24.71
N ALA D 225 -0.56 -12.65 -23.53
CA ALA D 225 -1.44 -12.37 -22.42
C ALA D 225 -2.53 -11.37 -22.80
N GLU D 226 -2.15 -10.43 -23.68
CA GLU D 226 -3.08 -9.41 -24.15
C GLU D 226 -4.27 -10.03 -24.90
N GLN D 227 -4.00 -11.06 -25.68
CA GLN D 227 -5.05 -11.78 -26.41
C GLN D 227 -5.97 -12.49 -25.42
N VAL D 228 -5.36 -13.15 -24.43
CA VAL D 228 -6.09 -13.85 -23.40
C VAL D 228 -7.02 -12.91 -22.63
N ARG D 229 -6.50 -11.73 -22.30
CA ARG D 229 -7.28 -10.70 -21.62
C ARG D 229 -8.49 -10.29 -22.45
N ASP D 230 -8.27 -10.13 -23.75
CA ASP D 230 -9.35 -9.74 -24.66
C ASP D 230 -10.42 -10.82 -24.79
N ILE D 231 -10.00 -12.08 -24.70
CA ILE D 231 -10.95 -13.20 -24.70
C ILE D 231 -11.83 -13.14 -23.46
N ALA D 232 -11.22 -12.98 -22.30
CA ALA D 232 -11.93 -12.88 -21.04
C ALA D 232 -12.95 -11.75 -21.08
N ALA D 233 -12.51 -10.58 -21.54
CA ALA D 233 -13.36 -9.41 -21.65
C ALA D 233 -14.53 -9.65 -22.60
N SER D 234 -14.27 -10.30 -23.73
CA SER D 234 -15.31 -10.57 -24.72
C SER D 234 -16.36 -11.56 -24.22
N VAL D 235 -15.89 -12.64 -23.59
CA VAL D 235 -16.79 -13.64 -23.02
C VAL D 235 -17.64 -13.06 -21.90
N PHE D 236 -17.02 -12.26 -21.03
CA PHE D 236 -17.72 -11.58 -19.96
C PHE D 236 -18.84 -10.70 -20.53
N HIS D 237 -18.51 -10.00 -21.61
CA HIS D 237 -19.44 -9.12 -22.30
C HIS D 237 -20.64 -9.85 -22.89
N THR D 238 -20.38 -10.94 -23.59
CA THR D 238 -21.41 -11.63 -24.38
C THR D 238 -22.24 -12.61 -23.56
N LEU D 239 -21.58 -13.34 -22.66
CA LEU D 239 -22.26 -14.39 -21.91
C LEU D 239 -23.17 -13.86 -20.80
N ASP D 240 -24.38 -14.41 -20.72
CA ASP D 240 -25.25 -14.19 -19.58
C ASP D 240 -24.93 -15.27 -18.53
N ASN D 241 -24.06 -14.93 -17.58
CA ASN D 241 -23.53 -15.89 -16.63
C ASN D 241 -24.43 -16.19 -15.44
N LYS D 242 -24.26 -17.37 -14.85
CA LYS D 242 -25.08 -17.78 -13.71
C LYS D 242 -24.29 -17.69 -12.41
N SER D 243 -22.99 -17.45 -12.54
CA SER D 243 -22.09 -17.33 -11.40
C SER D 243 -20.71 -17.01 -11.96
N ILE D 244 -19.78 -16.65 -11.08
CA ILE D 244 -18.40 -16.45 -11.50
C ILE D 244 -17.79 -17.80 -11.87
N GLN D 245 -18.19 -18.84 -11.14
CA GLN D 245 -17.78 -20.20 -11.44
C GLN D 245 -18.13 -20.57 -12.89
N HIS D 246 -19.38 -20.30 -13.26
CA HIS D 246 -19.88 -20.59 -14.60
C HIS D 246 -19.15 -19.77 -15.67
N LEU D 247 -18.90 -18.50 -15.35
CA LEU D 247 -18.22 -17.57 -16.25
C LEU D 247 -16.81 -18.01 -16.64
N ILE D 248 -16.00 -18.31 -15.64
CA ILE D 248 -14.60 -18.66 -15.88
C ILE D 248 -14.45 -20.01 -16.59
N TYR D 249 -15.45 -20.87 -16.47
CA TYR D 249 -15.46 -22.11 -17.23
C TYR D 249 -15.52 -21.81 -18.72
N HIS D 250 -16.40 -20.88 -19.09
CA HIS D 250 -16.57 -20.50 -20.49
C HIS D 250 -15.42 -19.66 -21.02
N ILE D 251 -14.87 -18.79 -20.19
CA ILE D 251 -13.63 -18.07 -20.53
C ILE D 251 -12.54 -19.09 -20.83
N GLY D 252 -12.40 -20.07 -19.94
CA GLY D 252 -11.41 -21.12 -20.10
C GLY D 252 -11.55 -21.94 -21.37
N LEU D 253 -12.78 -22.35 -21.67
CA LEU D 253 -13.05 -23.10 -22.90
C LEU D 253 -12.67 -22.29 -24.14
N THR D 254 -13.03 -21.01 -24.14
CA THR D 254 -12.77 -20.15 -25.29
C THR D 254 -11.27 -19.99 -25.53
N ILE D 255 -10.51 -19.78 -24.45
CA ILE D 255 -9.06 -19.69 -24.55
C ILE D 255 -8.44 -20.96 -25.11
N LEU D 256 -8.84 -22.11 -24.58
CA LEU D 256 -8.35 -23.40 -25.06
C LEU D 256 -8.74 -23.65 -26.51
N ASP D 257 -9.89 -23.11 -26.91
CA ASP D 257 -10.39 -23.27 -28.28
C ASP D 257 -9.53 -22.47 -29.25
N ARG D 258 -9.13 -21.27 -28.86
CA ARG D 258 -8.31 -20.42 -29.72
C ARG D 258 -6.86 -20.90 -29.75
N PHE D 259 -6.42 -21.52 -28.66
CA PHE D 259 -5.02 -21.93 -28.52
C PHE D 259 -4.87 -23.40 -28.13
N PRO D 260 -4.97 -24.30 -29.11
CA PRO D 260 -4.89 -25.76 -28.87
C PRO D 260 -3.54 -26.23 -28.34
N GLN D 261 -2.52 -25.38 -28.46
CA GLN D 261 -1.20 -25.73 -27.95
C GLN D 261 -1.13 -25.59 -26.42
N LEU D 262 -2.21 -25.09 -25.83
CA LEU D 262 -2.32 -25.01 -24.38
C LEU D 262 -2.94 -26.28 -23.83
N THR D 263 -2.39 -26.80 -22.74
CA THR D 263 -2.95 -27.96 -22.06
C THR D 263 -3.97 -27.55 -21.01
N GLU D 264 -3.78 -26.35 -20.45
CA GLU D 264 -4.59 -25.91 -19.32
C GLU D 264 -4.67 -24.39 -19.20
N VAL D 265 -5.81 -23.91 -18.73
CA VAL D 265 -5.98 -22.51 -18.37
C VAL D 265 -6.51 -22.49 -16.95
N ASN D 266 -5.89 -21.70 -16.08
CA ASN D 266 -6.33 -21.64 -14.69
C ASN D 266 -6.76 -20.24 -14.26
N PHE D 267 -7.59 -20.19 -13.23
CA PHE D 267 -8.20 -18.94 -12.79
C PHE D 267 -8.10 -18.72 -11.29
N GLY D 268 -7.89 -17.47 -10.90
CA GLY D 268 -8.08 -17.02 -9.53
C GLY D 268 -8.89 -15.75 -9.59
N THR D 269 -10.08 -15.75 -8.99
CA THR D 269 -11.02 -14.65 -9.13
C THR D 269 -11.40 -14.05 -7.77
N ASN D 270 -11.87 -12.81 -7.79
CA ASN D 270 -12.49 -12.19 -6.63
C ASN D 270 -13.83 -11.59 -7.05
N ASN D 271 -14.83 -11.71 -6.18
CA ASN D 271 -16.08 -10.99 -6.38
C ASN D 271 -16.00 -9.71 -5.56
N ARG D 272 -16.05 -8.57 -6.22
CA ARG D 272 -15.97 -7.29 -5.53
C ARG D 272 -17.18 -6.44 -5.89
N THR D 273 -18.34 -7.07 -5.97
CA THR D 273 -19.58 -6.39 -6.34
C THR D 273 -20.02 -5.41 -5.25
N TRP D 274 -20.43 -4.22 -5.68
CA TRP D 274 -20.90 -3.15 -4.80
C TRP D 274 -22.19 -3.52 -4.06
N ASP D 275 -22.46 -2.79 -2.98
CA ASP D 275 -23.75 -2.85 -2.29
C ASP D 275 -24.67 -1.76 -2.82
N THR D 276 -25.95 -2.09 -2.97
CA THR D 276 -26.95 -1.10 -3.37
C THR D 276 -27.30 -0.17 -2.22
N VAL D 277 -27.34 1.12 -2.50
CA VAL D 277 -27.77 2.11 -1.51
C VAL D 277 -29.08 2.77 -1.93
N VAL D 278 -29.16 3.13 -3.21
CA VAL D 278 -30.39 3.64 -3.78
C VAL D 278 -30.71 2.83 -5.03
N GLU D 279 -31.87 2.15 -5.02
CA GLU D 279 -32.27 1.31 -6.14
C GLU D 279 -32.67 2.18 -7.32
N GLY D 280 -32.35 1.73 -8.53
CA GLY D 280 -32.61 2.51 -9.72
C GLY D 280 -34.11 2.63 -9.98
N THR D 281 -34.52 3.65 -10.73
CA THR D 281 -35.94 3.82 -10.99
C THR D 281 -36.34 3.28 -12.34
N ASP D 282 -35.35 2.88 -13.14
CA ASP D 282 -35.59 2.15 -14.38
C ASP D 282 -34.41 1.25 -14.65
N GLY D 283 -34.32 0.09 -14.00
CA GLY D 283 -33.11 -0.69 -14.12
C GLY D 283 -32.04 -0.06 -13.25
N PHE D 284 -30.90 0.26 -13.86
CA PHE D 284 -29.80 0.90 -13.15
C PHE D 284 -29.80 2.41 -13.38
N LYS D 285 -30.89 2.92 -13.94
CA LYS D 285 -31.02 4.36 -14.13
C LYS D 285 -31.47 5.01 -12.84
N GLY D 286 -30.56 5.81 -12.26
CA GLY D 286 -30.84 6.49 -11.01
C GLY D 286 -30.32 5.73 -9.82
N ALA D 287 -29.65 4.62 -10.08
CA ALA D 287 -29.14 3.78 -8.99
C ALA D 287 -27.85 4.32 -8.40
N VAL D 288 -27.66 4.08 -7.11
CA VAL D 288 -26.44 4.45 -6.41
C VAL D 288 -25.93 3.23 -5.66
N PHE D 289 -24.64 2.97 -5.81
CA PHE D 289 -24.00 1.86 -5.12
C PHE D 289 -22.86 2.38 -4.27
N THR D 290 -22.33 1.54 -3.39
CA THR D 290 -21.17 1.88 -2.58
C THR D 290 -20.33 0.64 -2.37
N GLU D 291 -19.15 0.81 -1.78
CA GLU D 291 -18.27 -0.31 -1.51
C GLU D 291 -18.84 -1.19 -0.40
N PRO D 292 -18.68 -2.51 -0.52
CA PRO D 292 -19.21 -3.42 0.48
C PRO D 292 -18.27 -3.54 1.66
N ARG D 293 -18.67 -4.31 2.67
CA ARG D 293 -17.75 -4.69 3.73
C ARG D 293 -16.61 -5.48 3.09
N PRO D 294 -15.45 -5.56 3.76
CA PRO D 294 -14.27 -6.19 3.15
C PRO D 294 -14.37 -7.63 2.60
N PRO D 295 -15.15 -8.53 3.23
CA PRO D 295 -15.11 -9.92 2.73
C PRO D 295 -15.45 -10.06 1.25
N PHE D 296 -14.68 -10.91 0.56
CA PHE D 296 -14.85 -11.11 -0.87
C PHE D 296 -14.91 -12.59 -1.21
N GLY D 297 -15.82 -12.95 -2.12
CA GLY D 297 -15.89 -14.32 -2.60
C GLY D 297 -14.73 -14.56 -3.54
N PHE D 298 -14.18 -15.77 -3.54
CA PHE D 298 -13.13 -16.09 -4.49
C PHE D 298 -13.28 -17.50 -5.07
N GLN D 299 -12.74 -17.68 -6.27
CA GLN D 299 -12.78 -18.98 -6.93
C GLN D 299 -11.41 -19.32 -7.50
N GLY D 300 -11.08 -20.60 -7.50
CA GLY D 300 -9.88 -21.08 -8.17
C GLY D 300 -10.29 -22.27 -9.00
N PHE D 301 -9.82 -22.33 -10.25
CA PHE D 301 -10.29 -23.35 -11.17
C PHE D 301 -9.40 -23.54 -12.38
N SER D 302 -9.30 -24.77 -12.85
CA SER D 302 -8.55 -25.06 -14.08
C SER D 302 -9.41 -25.75 -15.11
N VAL D 303 -9.26 -25.32 -16.36
CA VAL D 303 -9.97 -25.93 -17.47
C VAL D 303 -8.94 -26.57 -18.39
N HIS D 304 -9.25 -27.75 -18.90
CA HIS D 304 -8.28 -28.51 -19.67
C HIS D 304 -8.86 -28.87 -21.03
N GLN D 305 -8.00 -29.21 -21.97
CA GLN D 305 -8.42 -29.56 -23.34
C GLN D 305 -9.48 -30.67 -23.37
N GLU D 306 -9.35 -31.62 -22.45
CA GLU D 306 -10.32 -32.71 -22.34
C GLU D 306 -11.72 -32.18 -22.06
N ASP D 307 -11.80 -31.09 -21.30
CA ASP D 307 -13.07 -30.42 -21.07
C ASP D 307 -13.66 -29.86 -22.36
N LEU D 308 -12.82 -29.23 -23.17
CA LEU D 308 -13.26 -28.67 -24.45
C LEU D 308 -13.71 -29.73 -25.45
N ALA D 309 -12.94 -30.82 -25.56
CA ALA D 309 -13.29 -31.91 -26.46
C ALA D 309 -14.63 -32.52 -26.06
N ARG D 310 -14.85 -32.62 -24.75
CA ARG D 310 -16.11 -33.15 -24.23
C ARG D 310 -17.28 -32.25 -24.57
N GLU D 311 -17.08 -30.93 -24.44
CA GLU D 311 -18.13 -29.98 -24.76
C GLU D 311 -18.48 -30.01 -26.25
N LYS D 312 -17.45 -30.05 -27.09
CA LYS D 312 -17.67 -30.08 -28.54
C LYS D 312 -18.36 -31.37 -28.99
N ALA D 313 -18.20 -32.44 -28.20
CA ALA D 313 -18.79 -33.73 -28.54
C ALA D 313 -20.15 -33.93 -27.87
N SER D 314 -20.53 -32.97 -27.03
CA SER D 314 -21.79 -33.06 -26.29
C SER D 314 -22.95 -32.44 -27.05
N ALA D 315 -24.09 -33.12 -27.10
CA ALA D 315 -25.24 -32.58 -27.78
C ALA D 315 -25.93 -31.45 -26.99
N ASN D 316 -25.76 -31.45 -25.68
CA ASN D 316 -26.38 -30.44 -24.82
C ASN D 316 -25.49 -29.26 -24.40
N SER D 317 -24.29 -29.17 -24.96
CA SER D 317 -23.37 -28.10 -24.58
C SER D 317 -23.94 -26.72 -24.89
N GLU D 318 -23.62 -25.77 -24.03
CA GLU D 318 -24.05 -24.39 -24.19
C GLU D 318 -22.85 -23.56 -24.61
N TYR D 319 -21.72 -24.22 -24.79
CA TYR D 319 -20.51 -23.53 -25.19
C TYR D 319 -20.63 -23.00 -26.61
N VAL D 320 -20.45 -21.69 -26.75
CA VAL D 320 -20.49 -21.04 -28.05
C VAL D 320 -19.30 -20.09 -28.18
N ALA D 321 -18.63 -20.11 -29.32
CA ALA D 321 -17.56 -19.16 -29.58
C ALA D 321 -17.83 -18.44 -30.89
N LEU D 322 -17.35 -17.21 -31.01
CA LEU D 322 -17.43 -16.48 -32.27
C LEU D 322 -16.65 -17.26 -33.32
N LYS D 323 -17.11 -17.22 -34.56
CA LYS D 323 -16.44 -17.94 -35.64
C LYS D 323 -15.25 -17.18 -36.20
N LEU D 324 -14.29 -17.93 -36.75
CA LEU D 324 -13.13 -17.34 -37.38
C LEU D 324 -13.52 -16.66 -38.70
S SO4 E . -18.33 9.66 14.49
O1 SO4 E . -19.27 8.88 15.26
O2 SO4 E . -16.96 9.41 14.97
O3 SO4 E . -18.42 9.29 13.07
O4 SO4 E . -18.63 11.09 14.64
S SO4 F . 22.44 -11.21 1.12
O1 SO4 F . 23.29 -12.11 0.35
O2 SO4 F . 21.68 -10.35 0.21
O3 SO4 F . 21.51 -12.00 1.93
O4 SO4 F . 23.27 -10.39 1.99
S SO4 G . 26.14 3.52 -6.32
O1 SO4 G . 27.17 3.61 -7.36
O2 SO4 G . 25.60 4.85 -6.07
O3 SO4 G . 25.08 2.63 -6.77
O4 SO4 G . 26.73 2.99 -5.10
S SO4 H . 16.39 16.51 -10.71
O1 SO4 H . 16.50 16.88 -12.11
O2 SO4 H . 17.23 17.39 -9.90
O3 SO4 H . 14.99 16.65 -10.28
O4 SO4 H . 16.81 15.12 -10.54
S SO4 I . -19.72 -15.19 -5.23
O1 SO4 I . -19.98 -16.63 -5.19
O2 SO4 I . -19.05 -14.85 -6.48
O3 SO4 I . -21.00 -14.47 -5.16
O4 SO4 I . -18.88 -14.82 -4.10
S SO4 J . -26.40 -3.95 6.50
O1 SO4 J . -26.00 -4.53 5.23
O2 SO4 J . -26.27 -2.48 6.43
O3 SO4 J . -27.78 -4.30 6.79
O4 SO4 J . -25.53 -4.46 7.56
#